data_4JYA
#
_entry.id   4JYA
#
_cell.length_a   402.320
_cell.length_b   402.320
_cell.length_c   174.930
_cell.angle_alpha   90.000
_cell.angle_beta   90.000
_cell.angle_gamma   90.000
#
_symmetry.space_group_name_H-M   'P 41 21 2'
#
loop_
_entity.id
_entity.type
_entity.pdbx_description
1 polymer '16S ribosomal RNA'
2 polymer '30S ribosomal protein S2'
3 polymer '30S ribosomal protein S3'
4 polymer '30S ribosomal protein S4'
5 polymer '30S ribosomal protein S5'
6 polymer '30S ribosomal protein S6'
7 polymer '30S ribosomal protein S7'
8 polymer '30S ribosomal protein S8'
9 polymer '30S ribosomal protein S9'
10 polymer '30S ribosomal protein S10'
11 polymer '30S ribosomal protein S11'
12 polymer '30S ribosomal protein S12'
13 polymer '30S ribosomal protein S13'
14 polymer '30S ribosomal protein S14'
15 polymer '30S ribosomal protein S15'
16 polymer '30S ribosomal protein S16'
17 polymer '30S ribosomal protein S17'
18 polymer '30S ribosomal protein S18'
19 polymer '30S ribosomal protein S19'
20 polymer '30S ribosomal protein S20'
21 polymer '30S ribosomal protein THX'
22 polymer mRNA
23 polymer ASL-tRNA
24 non-polymer 'MAGNESIUM ION'
25 non-polymer PAROMOMYCIN
#
loop_
_entity_poly.entity_id
_entity_poly.type
_entity_poly.pdbx_seq_one_letter_code
_entity_poly.pdbx_strand_id
1 'polyribonucleotide'
;UGGAGAGUUUGAUCCUGGCUCAGGGUGAACGCUGGCGGCGUGCCUAAGACAUGCAAGUCGUGCGGGCCGCGGGAUUUUAC
UCCGUGGUCAGCGGCGGACGGGUGAGUAACGCGUGGGUGACCUACCCGGAAGAGGGGGACAACCCGGGGAAACUCGGGCU
AAUCCCCCAUGUGGACCCGCCCCUUGGGGUGUGUCCAAAGGGCUUUGCCCGCUUCCGGAUGGGCCCGCGUCCCAUCAGCU
AGUUGGUGGGGUAAUGGCCCACCAAGGCGACGACGGGUAGCCGGUCUGAGAGGAUGGCCGGCCACAGGGGCACUGAGACA
CGGGCCCCACUCCUACGGGAGGCAGCAGUUAGGAAUCUUCCGCAAUGGGCGCAAGCCUGACGGAGCGACGCCGCUUGGAG
GAAGAAGCCCUUCGGGGUGUAAACUCCUGAACCCGGGACGAAACCCCCGACGAGGGGACUGACGGUACCGGGGUAAUAGC
GCCGGCCAACUCCGUGCCAGCAGCCGCGGUAAUACGGAGGGCGCGAGCGUUACCCGGAUUCACUGGGCGUAAAGGGCGUG
UAGGCGGCCUGGGGCGUCCCAUGUGAAAGACCACGGCUCAACCGUGGGGGAGCGUGGGAUACGCUCAGGCUAGACGGUGG
GAGAGGGUGGUGGAAUUCCCGGAGUAGCGGUGAAAUGCGCAGAUACCGGGAGGAACGCCGAUGGCGAAGGCAGCCACCUG
GUCCACCCGUGACGCUGAGGCGCGAAAGCGUGGGGAGCAAACCGGAUUAGAUACCCGGGUAGUCCACGCCCUAAACGAUG
CGCGCUAGGUCUCUGGGUCUCCUGGGGGCCGAAGCUAACGCGUUAAGCGCGCCGCCUGGGGAGUACGGCCGCAAGGCUGA
AACUCAAAGGAAUUGACGGGGGCCCGCACAAGCGGUGGAGCAUGUGGUUUAAUUCGAAGCAACGCGAAGAACCUUACCAG
GCCUUGACAUGCUAGGGAACCCGGGUGAAAGCCUGGGGUGCCCCGCGAGGGGAGCCCUAGCACAGGUGCUGCAUGGCCGU
CGUCAGCUCGUGCCGUGAGGUGUUGGGUUAAGUCCCGCAACGAGCGCAACCCCCGCCGUUAGUUGCCAGCGGUUCGGCCG
GGCACUCUAACGGGACUGCCCGCGAAAGCGGGAGGAAGGAGGGGACGACGUCUGGUCAGCAUGGCCCUUACGGCCUGGGC
GACACACGUGCUACAAUGCCCACUACAAAGCGAUGCCACCCGGCAACGGGGAGCUAAUCGCAAAAAGGUGGGCCCAGUUC
GGAUUGGGGUCUGCAACCCGACCCCAUGAAGCCGGAAUCGCUAGUAAUCGCGGAUCAGCCAUGCCGCGGUGAAUACGUUC
CCGGGCCUUGUACACACCGCCCGUCACGCCAUGGGAGCGGGCUCUACCCGAAGUCGCCGGGAGCCUACGGGCAGGCGCCG
AGGGUAGGGCCCGUGACUGGGGCGAAGUCGUAACAAGGUAGCUGUACCGGAAGGUGCGGCUGGAUCACCUCCUUUC
;
A
2 'polypeptide(L)'
;VKELLEAGVHFGHERKRWNPKFARYIYAERNGIHIIDLQKTMEELERTFRFIEDLAMRGGTILFVGTKKQAQDIVRMEAE
RAGMPYVNQRWLGGMLTNFKTISQRVHRLEELEALFASPEIEERPKKEQVRLKHELERLQKYLSGFRLLKRLPDAIFVVD
PTKEAIAVREARKLFIPVIALADTDSDPDLVDYIIPGNDDAIRSIQLILSRAVDLIIQARGGVVEPSPSYALVQ
;
B
3 'polypeptide(L)'
;GNKIHPIGFRLGITRDWESRWYAGKKQYRHLLLEDQRIRGLLEKELYSAGLARVDIERAADNVAVTVHVAKPGVVIGRGG
ERIRVLREELAKLTGKNVALNVQEVQNPNLSAPLVAQRVAEQIERRFAVRRAIKQAVQRVMESGAKGAKVIVSGRIGGAE
QARTEWAAQGRVPLHTLRANIDYGFALARTTYGVLGVKAYIFLGEV
;
C
4 'polypeptide(L)'
;GRYIGPVCRLCRREGVKLYLKGERCYSPKCAMERRPYPPGQHGQKRARRPSDYAVRLREKQKLRRIYGISERQFRNLFEE
ASKKKGVTGSVFLGLLESRLDNVVYRLGFAVSRRQARQLVRHGHITVNGRRVDLPSYRVRPGDEIAVAEKSRNLELIRQN
LEAMKGRKVGPWLSLDVEGMKGKFLRLPDREDLALPVNEQLVIEFYSR
;
D
5 'polypeptide(L)'
;DFEEKMILIRRTARMQAGGRRFRFGALVVVGDRQGRVGLGFGKAPEVPLAVQKAGYYARRNMVEVPLQNGTIPHEIEVEF
GASKIVLKPAAPGTGVIAGAVPRAILELAGVTDILTKELGSRNPINIAYATMEALRQLRTKADVERLRKG
;
E
6 'polypeptide(L)'
;MRRYEVNIVLNPNLDQSQLALEKEIIQRALENYGARVEKVEELGLRRLAYPIAKDPQGYFLWYQVEMPEDRVNDLARELR
IRDNVRRVMVVKSQEPFLANA
;
F
7 'polypeptide(L)'
;ARRRRAEVRQLQPDLVYGDVLVTAFINKIMRDGKKNLAARIFYDACKIIQEKTGQEPLKVFKQAVENVKPRMEVRSRRVG
GANYQVPMEVSPRRQQSLALRWLVQAANQRPERRAAVRIAHELMDAAEGKGGAVKKKEDVERMAEANRAYAHYRW
;
G
8 'polypeptide(L)'
;MLTDPIADMLTRIRNATRVYKESTDVPASRFKEEILRILAREGFIKGYERVDVDGKPYLRVYLKYGPRRQGPDPRPEQVI
HHIRRISKPGRRVYVGVKEIPRVRRGLGIAILSTSKGVLTDREARKLGVGGELICEVW
;
H
9 'polypeptide(L)'
;EQYYGTGRRKEAVARVFLRPGNGKVTVNGQDFNEYFQGLVRAVAALEPLRAVDALGRFDAYITVRGGGKSGQIDAIKLGI
ARALVQYNPDYRAKLKPLGFLTRDARVVERKKYGKHKARRAPQYSKR
;
I
10 'polypeptide(L)'
;KIRIKLRGFDHKTLDASAQKIVEAARRSGAQVSGPIPLPTRVRRFTVIRGPFKHKDSREHFELRTHNRLVDIINPNRKTI
EQLMTLDLPTGVEIEIKT
;
J
11 'polypeptide(L)'
;KRQVASGRAYIHASYNNTIVTITDPDGNPITWSSGGVIGYKGSRKGTPYAAQLAALDAAKKAMAYGMQSVDVIVRGTGAG
REQAIRALQASGLQVKSIVDDTPVPHNGCRPKKKFRKAS
;
K
12 'polypeptide(L)'
;PTINQLVRKGREKVRKKSKVPALKGAPFRRGVCTVVRTVTPKKPNSALRKVAKVRLTSGYEVTAYIPGEGHNLQEHSVVL
IRGGRVKDLPGVRYHIVRGVYDAAGVKDRKKSRSKYGTKKPKEAA
;
L
13 'polypeptide(L)'
;ARIAGVEIPRNKRVDVALTYIYGIGKARAKEALEKTGINPATRVKDLTEAEVVRLREYVENTWKLEGELRAEVAANIKRL
MDIGCYRGLRHRRGLPVRGQRTRTNARTRKGPRKTVAGKK
;
M
14 'polypeptide(L)' ARKALIEKAKRTPKFKVRAYTRCVRCGRARSVYRFFGLCRICLRELAHKGQLPGVRKASW N
15 'polypeptide(L)'
;PITKEEKQKVIQEFARFPGDTGSTEVQVALLTLRINRLSEHLKVHKKDHHSHRGLLMMVGQRRRLLRYLQREDPERYRAL
IEKLGIRG
;
O
16 'polypeptide(L)'
;MVKIRLARFGSKHNPHYRIVVTDARRKRDGKYIEKIGYYDPRKTTPDWLKVDVERARYWLSVGAQPTDTARRLLRQAGVF
RQE
;
P
17 'polypeptide(L)'
;PKKVLTGVVVSDKMQKTVTVLVERQFPHPLYGKVIKRSKKYLAHDPEEKYKLGDVVEIIESRPISKRKRFRVLRLVESGR
MDLVEKYLIRRQNYESLSK
;
Q
18 'polypeptide(L)' KAKVKATLGEFDLRDYRNVEVLKRFLSETGKILPRRRTGLSAKEQRILAKTIKRARILGLLPFTEKLVRK R
19 'polypeptide(L)' SLKKGVFVDDHLLEKVLELNAKGEKRLIKTWSRRSTIVPEMVGHTIAVYNGKQHVPVYITENMVGHKLGEFAPTRTYR S
20 'polypeptide(L)'
;RNLSALKRHRQSLKRRLRNKAKKSAIKTLSKKAIQLAQEGKAEEALKIMRKAESLIDKAAKGSTLHKNAAARRKSRLMRK
VRQLLEAAGAPLIGGGLSA
;
T
21 'polypeptide(L)' GKGDRRTRRGKIWRGTYGKYRPRK U
22 'polyribonucleotide' (PSU)GA(PSU)GA X
23 'polyribonucleotide' AUUGAAGAUU Y
#
loop_
_chem_comp.id
_chem_comp.type
_chem_comp.name
_chem_comp.formula
A RNA linking ADENOSINE-5'-MONOPHOSPHATE 'C10 H14 N5 O7 P'
C RNA linking CYTIDINE-5'-MONOPHOSPHATE 'C9 H14 N3 O8 P'
G RNA linking GUANOSINE-5'-MONOPHOSPHATE 'C10 H14 N5 O8 P'
MG non-polymer 'MAGNESIUM ION' 'Mg 2'
PAR non-polymer PAROMOMYCIN 'C23 H45 N5 O14'
PSU RNA linking PSEUDOURIDINE-5'-MONOPHOSPHATE 'C9 H13 N2 O9 P'
U RNA linking URIDINE-5'-MONOPHOSPHATE 'C9 H13 N2 O9 P'
#
# COMPACT_ATOMS: atom_id res chain seq x y z
N VAL B 1 -0.47 -34.68 52.98
CA VAL B 1 -0.01 -35.92 52.28
C VAL B 1 0.55 -35.54 50.89
N LYS B 2 1.87 -35.63 50.74
CA LYS B 2 2.54 -35.43 49.45
C LYS B 2 3.53 -36.58 49.18
N GLU B 3 4.74 -36.25 48.72
CA GLU B 3 5.79 -37.22 48.36
C GLU B 3 5.46 -38.36 47.33
N LEU B 4 5.26 -39.59 47.82
CA LEU B 4 5.08 -40.77 46.97
C LEU B 4 3.66 -40.75 46.44
N LEU B 5 2.87 -39.81 46.97
CA LEU B 5 1.54 -39.54 46.44
C LEU B 5 1.65 -39.02 45.01
N GLU B 6 2.72 -38.26 44.76
CA GLU B 6 3.03 -37.73 43.45
C GLU B 6 3.39 -38.87 42.49
N ALA B 7 4.42 -39.67 42.83
CA ALA B 7 4.73 -40.88 42.05
C ALA B 7 3.50 -41.79 41.89
N GLY B 8 2.47 -41.52 42.70
CA GLY B 8 1.17 -42.20 42.69
C GLY B 8 0.74 -42.61 41.30
N VAL B 9 0.60 -41.62 40.42
CA VAL B 9 0.39 -41.80 38.97
C VAL B 9 0.47 -40.44 38.22
N HIS B 10 1.60 -39.72 38.36
CA HIS B 10 1.65 -38.27 38.05
C HIS B 10 3.05 -37.63 37.76
N PHE B 11 4.09 -38.45 37.69
CA PHE B 11 5.46 -37.95 37.49
C PHE B 11 5.67 -37.36 36.10
N GLY B 12 6.57 -37.98 35.34
CA GLY B 12 6.85 -37.61 33.96
C GLY B 12 5.74 -37.76 32.93
N HIS B 13 5.77 -36.87 31.93
CA HIS B 13 4.90 -36.94 30.72
C HIS B 13 5.67 -36.91 29.37
N GLU B 14 5.32 -36.00 28.46
CA GLU B 14 5.62 -36.10 26.98
C GLU B 14 7.04 -36.53 26.59
N ARG B 15 7.25 -36.88 25.32
CA ARG B 15 8.60 -37.26 24.86
C ARG B 15 8.94 -36.81 23.43
N LYS B 16 10.05 -36.08 23.29
CA LYS B 16 10.62 -35.63 21.99
C LYS B 16 9.77 -34.55 21.27
N ARG B 17 9.05 -33.80 22.09
CA ARG B 17 8.29 -32.60 21.73
C ARG B 17 8.63 -31.57 22.82
N TRP B 18 9.82 -31.76 23.41
CA TRP B 18 10.27 -30.99 24.57
C TRP B 18 10.72 -29.57 24.26
N ASN B 19 11.06 -28.85 25.31
CA ASN B 19 11.76 -27.57 25.27
C ASN B 19 13.05 -27.79 26.06
N PRO B 20 14.19 -27.53 25.44
CA PRO B 20 15.37 -27.99 26.14
C PRO B 20 15.70 -27.11 27.34
N LYS B 21 14.98 -25.99 27.49
CA LYS B 21 15.07 -25.13 28.67
C LYS B 21 14.56 -25.89 29.90
N PHE B 22 13.72 -26.89 29.65
CA PHE B 22 13.16 -27.71 30.69
C PHE B 22 14.12 -28.85 31.08
N ALA B 23 15.27 -28.92 30.43
CA ALA B 23 16.23 -30.01 30.68
C ALA B 23 16.70 -30.09 32.14
N ARG B 24 16.67 -28.95 32.84
CA ARG B 24 17.07 -28.95 34.24
C ARG B 24 16.15 -29.83 35.09
N TYR B 25 14.84 -29.71 34.87
CA TYR B 25 13.85 -30.49 35.61
C TYR B 25 13.58 -31.91 35.08
N ILE B 26 14.57 -32.59 34.49
CA ILE B 26 14.30 -33.95 33.96
C ILE B 26 15.19 -35.04 34.55
N TYR B 27 14.59 -36.22 34.76
CA TYR B 27 15.34 -37.33 35.30
C TYR B 27 15.94 -38.25 34.23
N ALA B 28 15.14 -38.65 33.22
CA ALA B 28 15.64 -39.51 32.13
C ALA B 28 14.72 -39.76 30.91
N GLU B 29 15.32 -40.35 29.89
CA GLU B 29 14.65 -40.81 28.67
C GLU B 29 14.37 -42.32 28.79
N ARG B 30 13.98 -42.77 29.99
CA ARG B 30 13.66 -44.18 30.25
C ARG B 30 12.48 -44.59 29.39
N ASN B 31 12.69 -45.67 28.63
CA ASN B 31 11.70 -46.25 27.68
C ASN B 31 11.01 -45.23 26.74
N GLY B 32 11.86 -44.43 26.10
CA GLY B 32 11.45 -43.44 25.10
C GLY B 32 10.89 -42.13 25.63
N ILE B 33 10.48 -42.11 26.90
CA ILE B 33 9.77 -40.95 27.50
C ILE B 33 10.69 -40.07 28.34
N HIS B 34 10.31 -38.82 28.53
CA HIS B 34 10.93 -37.98 29.55
C HIS B 34 10.23 -38.18 30.89
N ILE B 35 10.93 -38.76 31.86
CA ILE B 35 10.36 -38.90 33.22
C ILE B 35 10.99 -37.87 34.14
N ILE B 36 10.14 -37.12 34.83
CA ILE B 36 10.58 -35.84 35.37
C ILE B 36 11.04 -35.83 36.85
N ASP B 37 12.34 -35.66 37.07
CA ASP B 37 12.94 -35.62 38.44
C ASP B 37 12.01 -35.02 39.49
N LEU B 38 11.56 -35.86 40.41
CA LEU B 38 10.50 -35.49 41.35
C LEU B 38 11.01 -34.74 42.58
N GLN B 39 12.18 -35.15 43.09
CA GLN B 39 12.87 -34.40 44.15
C GLN B 39 12.80 -32.88 43.88
N LYS B 40 13.09 -32.49 42.63
CA LYS B 40 12.97 -31.10 42.20
C LYS B 40 11.53 -30.64 41.98
N THR B 41 10.64 -31.56 41.66
CA THR B 41 9.22 -31.24 41.69
C THR B 41 8.89 -30.75 43.10
N MET B 42 9.09 -31.63 44.08
CA MET B 42 8.81 -31.30 45.47
C MET B 42 9.47 -29.98 45.84
N GLU B 43 10.75 -29.87 45.47
CA GLU B 43 11.52 -28.65 45.69
C GLU B 43 10.74 -27.42 45.27
N GLU B 44 10.24 -27.45 44.03
CA GLU B 44 9.57 -26.28 43.48
C GLU B 44 8.20 -26.04 44.12
N LEU B 45 7.57 -27.13 44.58
CA LEU B 45 6.29 -27.07 45.28
C LEU B 45 6.33 -26.17 46.52
N GLU B 46 7.31 -26.42 47.39
CA GLU B 46 7.45 -25.63 48.63
C GLU B 46 7.50 -24.14 48.34
N ARG B 47 8.39 -23.74 47.42
CA ARG B 47 8.56 -22.33 47.06
C ARG B 47 7.27 -21.79 46.48
N THR B 48 6.54 -22.66 45.79
CA THR B 48 5.39 -22.22 45.01
C THR B 48 4.18 -22.07 45.91
N PHE B 49 3.93 -23.10 46.73
CA PHE B 49 2.88 -23.06 47.73
C PHE B 49 3.18 -21.95 48.72
N ARG B 50 4.44 -21.87 49.16
CA ARG B 50 4.83 -20.75 50.00
C ARG B 50 4.30 -19.45 49.39
N PHE B 51 4.49 -19.25 48.10
CA PHE B 51 3.95 -18.05 47.49
C PHE B 51 2.43 -17.99 47.55
N ILE B 52 1.78 -19.13 47.31
CA ILE B 52 0.31 -19.17 47.29
C ILE B 52 -0.19 -18.71 48.64
N GLU B 53 0.32 -19.39 49.68
CA GLU B 53 0.00 -19.13 51.07
C GLU B 53 0.00 -17.64 51.31
N ASP B 54 1.21 -17.08 51.38
CA ASP B 54 1.42 -15.64 51.59
C ASP B 54 0.45 -14.78 50.78
N LEU B 55 0.37 -15.04 49.47
CA LEU B 55 -0.58 -14.36 48.61
C LEU B 55 -2.03 -14.51 49.14
N ALA B 56 -2.41 -15.76 49.44
CA ALA B 56 -3.78 -16.09 49.86
C ALA B 56 -4.18 -15.45 51.19
N MET B 57 -3.35 -15.64 52.22
CA MET B 57 -3.65 -15.12 53.56
C MET B 57 -3.48 -13.61 53.65
N ARG B 58 -2.71 -13.05 52.74
CA ARG B 58 -2.72 -11.61 52.53
C ARG B 58 -4.02 -11.20 51.82
N GLY B 59 -4.91 -12.18 51.63
CA GLY B 59 -6.24 -11.97 51.01
C GLY B 59 -6.29 -11.73 49.51
N GLY B 60 -5.40 -12.39 48.76
CA GLY B 60 -5.29 -12.18 47.31
C GLY B 60 -6.22 -13.03 46.47
N THR B 61 -6.50 -12.59 45.24
CA THR B 61 -7.24 -13.40 44.25
C THR B 61 -6.28 -14.01 43.21
N ILE B 62 -6.25 -15.33 43.15
CA ILE B 62 -5.60 -16.02 42.06
C ILE B 62 -6.63 -16.24 40.93
N LEU B 63 -6.16 -16.20 39.69
CA LEU B 63 -7.01 -16.50 38.54
C LEU B 63 -6.56 -17.81 37.95
N PHE B 64 -7.50 -18.74 37.87
CA PHE B 64 -7.24 -20.11 37.43
C PHE B 64 -7.57 -20.26 35.95
N VAL B 65 -6.63 -20.77 35.17
CA VAL B 65 -6.91 -21.06 33.78
C VAL B 65 -6.50 -22.47 33.43
N GLY B 66 -7.44 -23.10 32.76
CA GLY B 66 -7.33 -24.43 32.19
C GLY B 66 -8.46 -24.56 31.19
N THR B 67 -8.18 -24.24 29.94
CA THR B 67 -9.18 -24.40 28.89
C THR B 67 -8.98 -25.79 28.31
N LYS B 68 -7.90 -26.45 28.73
CA LYS B 68 -7.52 -27.76 28.20
C LYS B 68 -8.66 -28.78 28.26
N LYS B 69 -8.59 -29.77 27.38
CA LYS B 69 -9.61 -30.81 27.22
C LYS B 69 -10.00 -31.44 28.56
N GLN B 70 -9.09 -32.24 29.11
CA GLN B 70 -9.35 -32.96 30.35
C GLN B 70 -8.70 -32.29 31.57
N ALA B 71 -8.93 -30.98 31.67
CA ALA B 71 -8.65 -30.21 32.87
C ALA B 71 -9.85 -29.28 33.13
N GLN B 72 -10.40 -28.74 32.03
CA GLN B 72 -11.77 -28.21 31.90
C GLN B 72 -12.67 -28.14 33.15
N ASP B 73 -12.92 -29.30 33.75
CA ASP B 73 -13.88 -29.44 34.85
C ASP B 73 -13.23 -29.37 36.21
N ILE B 74 -12.14 -30.13 36.37
CA ILE B 74 -11.40 -30.13 37.64
C ILE B 74 -10.83 -28.75 37.95
N VAL B 75 -10.94 -27.82 37.01
CA VAL B 75 -10.70 -26.41 37.31
C VAL B 75 -11.89 -25.83 38.03
N ARG B 76 -13.00 -25.61 37.32
CA ARG B 76 -14.19 -24.93 37.90
C ARG B 76 -14.75 -25.57 39.18
N MET B 77 -14.22 -26.75 39.52
CA MET B 77 -14.36 -27.32 40.86
C MET B 77 -13.53 -26.49 41.83
N GLU B 78 -12.25 -26.81 41.92
CA GLU B 78 -11.30 -26.21 42.85
C GLU B 78 -11.27 -24.70 42.82
N ALA B 79 -11.66 -24.13 41.69
CA ALA B 79 -11.73 -22.70 41.55
C ALA B 79 -12.91 -22.16 42.36
N GLU B 80 -14.06 -22.80 42.21
CA GLU B 80 -15.25 -22.37 42.93
C GLU B 80 -15.17 -22.87 44.38
N ARG B 81 -14.66 -24.09 44.56
CA ARG B 81 -14.31 -24.68 45.85
C ARG B 81 -13.30 -23.80 46.65
N ALA B 82 -13.12 -22.55 46.21
CA ALA B 82 -12.25 -21.57 46.87
C ALA B 82 -12.63 -20.14 46.49
N GLY B 83 -13.81 -20.00 45.88
CA GLY B 83 -14.37 -18.70 45.49
C GLY B 83 -13.49 -17.84 44.60
N MET B 84 -12.44 -18.46 44.04
CA MET B 84 -11.51 -17.80 43.10
C MET B 84 -12.07 -17.82 41.68
N PRO B 85 -11.70 -16.83 40.85
CA PRO B 85 -12.14 -16.85 39.46
C PRO B 85 -11.44 -17.92 38.62
N TYR B 86 -12.09 -18.31 37.53
CA TYR B 86 -11.55 -19.30 36.58
C TYR B 86 -11.90 -18.97 35.10
N VAL B 87 -11.01 -19.38 34.19
CA VAL B 87 -11.30 -19.36 32.75
C VAL B 87 -11.24 -20.80 32.21
N ASN B 88 -12.36 -21.22 31.64
CA ASN B 88 -12.71 -22.62 31.44
C ASN B 88 -12.84 -23.13 30.00
N GLN B 89 -13.61 -22.41 29.20
CA GLN B 89 -13.88 -22.79 27.82
C GLN B 89 -12.81 -22.29 26.83
N ARG B 90 -12.58 -20.97 26.82
CA ARG B 90 -11.56 -20.38 25.95
C ARG B 90 -11.00 -19.04 26.50
N TRP B 91 -9.67 -18.90 26.54
CA TRP B 91 -9.07 -17.60 26.88
C TRP B 91 -9.42 -16.53 25.82
N LEU B 92 -9.71 -15.31 26.21
CA LEU B 92 -10.08 -14.34 25.19
C LEU B 92 -9.04 -13.27 24.99
N GLY B 93 -8.93 -12.83 23.75
CA GLY B 93 -7.90 -11.87 23.41
C GLY B 93 -8.00 -10.66 24.30
N GLY B 94 -7.25 -10.72 25.40
CA GLY B 94 -7.07 -9.56 26.26
C GLY B 94 -8.03 -9.46 27.43
N MET B 95 -8.40 -10.61 28.01
CA MET B 95 -9.09 -10.61 29.30
C MET B 95 -8.33 -9.65 30.24
N LEU B 96 -7.07 -9.96 30.55
CA LEU B 96 -6.21 -9.09 31.36
C LEU B 96 -5.85 -7.75 30.69
N THR B 97 -5.21 -7.84 29.55
CA THR B 97 -4.70 -6.68 28.84
C THR B 97 -5.76 -5.73 28.29
N ASN B 98 -6.89 -6.28 27.86
CA ASN B 98 -8.00 -5.46 27.43
C ASN B 98 -9.10 -5.54 28.47
N PHE B 99 -8.67 -5.67 29.73
CA PHE B 99 -9.57 -5.90 30.85
C PHE B 99 -10.76 -4.97 30.93
N LYS B 100 -10.56 -3.67 30.83
CA LYS B 100 -11.69 -2.79 30.93
C LYS B 100 -12.82 -3.21 29.99
N THR B 101 -12.51 -3.33 28.70
CA THR B 101 -13.53 -3.63 27.68
C THR B 101 -14.12 -5.01 27.88
N ILE B 102 -13.28 -6.03 28.00
CA ILE B 102 -13.81 -7.38 28.19
C ILE B 102 -14.71 -7.46 29.40
N SER B 103 -14.62 -6.48 30.28
CA SER B 103 -15.47 -6.45 31.45
C SER B 103 -16.88 -6.05 31.11
N GLN B 104 -17.04 -5.08 30.21
CA GLN B 104 -18.38 -4.62 29.85
C GLN B 104 -19.25 -5.76 29.30
N ARG B 105 -18.64 -6.89 28.98
CA ARG B 105 -19.41 -8.10 28.72
C ARG B 105 -20.03 -8.67 30.02
N VAL B 106 -19.24 -8.76 31.10
CA VAL B 106 -19.80 -9.15 32.41
C VAL B 106 -20.74 -8.06 32.91
N HIS B 107 -20.34 -6.80 32.81
CA HIS B 107 -21.20 -5.65 33.18
C HIS B 107 -22.59 -5.84 32.56
N ARG B 108 -22.60 -6.40 31.35
CA ARG B 108 -23.80 -6.52 30.54
C ARG B 108 -24.37 -7.97 30.54
N LEU B 109 -23.65 -8.92 31.13
CA LEU B 109 -24.17 -10.28 31.34
C LEU B 109 -25.26 -10.23 32.38
N GLU B 110 -24.97 -9.57 33.49
CA GLU B 110 -25.87 -9.55 34.64
C GLU B 110 -26.97 -8.49 34.46
N GLU B 111 -26.93 -7.79 33.34
CA GLU B 111 -28.11 -7.04 32.90
C GLU B 111 -29.20 -8.00 32.54
N LEU B 112 -28.78 -9.18 32.13
CA LEU B 112 -29.69 -10.21 31.66
C LEU B 112 -30.02 -11.24 32.77
N GLU B 113 -29.13 -11.43 33.74
CA GLU B 113 -29.55 -11.91 35.06
C GLU B 113 -30.86 -11.20 35.41
N ALA B 114 -30.77 -9.86 35.49
CA ALA B 114 -31.89 -8.97 35.83
C ALA B 114 -32.69 -8.60 34.58
N LEU B 115 -33.16 -9.64 33.90
CA LEU B 115 -34.21 -9.58 32.88
C LEU B 115 -34.85 -10.95 32.77
N PHE B 116 -34.27 -11.90 33.50
CA PHE B 116 -34.84 -13.22 33.73
C PHE B 116 -35.88 -13.05 34.83
N ALA B 117 -35.42 -12.97 36.07
CA ALA B 117 -36.21 -12.37 37.13
C ALA B 117 -36.43 -10.89 36.77
N SER B 118 -37.58 -10.58 36.16
CA SER B 118 -37.82 -9.22 35.62
C SER B 118 -39.31 -8.84 35.51
N PRO B 119 -39.61 -7.52 35.37
CA PRO B 119 -40.96 -7.10 34.91
C PRO B 119 -41.27 -7.64 33.51
N GLU B 120 -40.24 -7.73 32.68
CA GLU B 120 -40.30 -8.51 31.44
C GLU B 120 -40.05 -9.96 31.82
N ILE B 121 -40.90 -10.48 32.71
CA ILE B 121 -40.81 -11.86 33.21
C ILE B 121 -41.17 -12.87 32.11
N GLU B 122 -42.01 -12.44 31.16
CA GLU B 122 -42.36 -13.23 29.97
C GLU B 122 -42.64 -12.32 28.76
N GLU B 123 -42.13 -11.10 28.75
CA GLU B 123 -42.44 -10.15 27.67
C GLU B 123 -41.23 -9.45 26.97
N ARG B 124 -41.49 -9.04 25.72
CA ARG B 124 -40.60 -8.33 24.76
C ARG B 124 -40.63 -9.01 23.38
N PRO B 125 -40.95 -8.25 22.30
CA PRO B 125 -41.20 -8.69 20.90
C PRO B 125 -40.82 -10.15 20.51
N LYS B 126 -41.64 -11.10 20.97
CA LYS B 126 -41.35 -12.56 21.11
C LYS B 126 -40.17 -13.28 20.39
N LYS B 127 -39.73 -12.80 19.22
CA LYS B 127 -38.52 -13.35 18.59
C LYS B 127 -37.23 -12.80 19.22
N GLU B 128 -37.37 -11.87 20.17
CA GLU B 128 -36.27 -11.38 20.99
C GLU B 128 -36.05 -12.25 22.25
N GLN B 129 -36.77 -13.38 22.34
CA GLN B 129 -36.55 -14.36 23.40
C GLN B 129 -35.54 -15.46 23.03
N VAL B 130 -35.01 -15.39 21.79
CA VAL B 130 -33.77 -16.07 21.38
C VAL B 130 -32.70 -15.01 21.11
N ARG B 131 -33.08 -13.94 20.42
CA ARG B 131 -32.14 -12.86 20.12
C ARG B 131 -31.41 -12.36 21.36
N LEU B 132 -32.08 -12.33 22.51
CA LEU B 132 -31.44 -11.87 23.75
C LEU B 132 -31.16 -13.00 24.73
N LYS B 133 -32.05 -13.98 24.81
CA LYS B 133 -31.79 -15.15 25.65
C LYS B 133 -30.85 -16.18 24.98
N HIS B 134 -30.32 -15.83 23.80
CA HIS B 134 -29.16 -16.52 23.21
C HIS B 134 -27.93 -15.62 23.21
N GLU B 135 -28.09 -14.35 23.59
CA GLU B 135 -26.92 -13.51 23.90
C GLU B 135 -26.40 -13.93 25.27
N LEU B 136 -27.31 -14.01 26.23
CA LEU B 136 -26.99 -14.50 27.58
C LEU B 136 -26.48 -15.94 27.54
N GLU B 137 -26.85 -16.69 26.50
CA GLU B 137 -26.34 -18.04 26.30
C GLU B 137 -24.81 -18.06 26.24
N ARG B 138 -24.25 -17.31 25.29
CA ARG B 138 -22.80 -17.28 25.08
C ARG B 138 -22.12 -16.59 26.28
N LEU B 139 -22.69 -15.45 26.70
CA LEU B 139 -22.18 -14.68 27.86
C LEU B 139 -22.00 -15.59 29.04
N GLN B 140 -23.04 -16.36 29.33
CA GLN B 140 -22.98 -17.44 30.31
C GLN B 140 -21.79 -18.39 30.11
N LYS B 141 -21.62 -18.87 28.88
CA LYS B 141 -20.74 -20.01 28.68
C LYS B 141 -19.31 -19.70 29.04
N TYR B 142 -18.93 -18.43 28.81
CA TYR B 142 -17.52 -18.00 28.87
C TYR B 142 -17.16 -17.26 30.16
N LEU B 143 -17.91 -16.21 30.45
CA LEU B 143 -17.67 -15.38 31.61
C LEU B 143 -18.31 -15.94 32.89
N SER B 144 -18.37 -17.25 33.07
CA SER B 144 -18.97 -17.80 34.29
C SER B 144 -18.01 -17.68 35.47
N GLY B 145 -16.74 -18.00 35.25
CA GLY B 145 -15.70 -17.88 36.27
C GLY B 145 -15.02 -16.51 36.23
N PHE B 146 -15.06 -15.90 35.06
CA PHE B 146 -14.45 -14.61 34.91
C PHE B 146 -15.27 -13.50 35.59
N ARG B 147 -16.54 -13.75 35.87
CA ARG B 147 -17.48 -12.69 36.31
C ARG B 147 -17.21 -12.12 37.71
N LEU B 148 -16.56 -12.94 38.54
CA LEU B 148 -16.22 -12.57 39.92
C LEU B 148 -15.17 -11.44 39.92
N LEU B 149 -13.93 -11.82 39.61
CA LEU B 149 -12.84 -10.93 39.17
C LEU B 149 -13.21 -9.50 38.73
N LYS B 150 -13.20 -8.51 39.63
CA LYS B 150 -13.45 -7.11 39.21
C LYS B 150 -12.24 -6.13 39.31
N ARG B 151 -11.04 -6.66 39.58
CA ARG B 151 -9.76 -5.99 39.25
C ARG B 151 -8.76 -7.09 38.87
N LEU B 152 -7.65 -6.74 38.21
CA LEU B 152 -6.74 -7.81 37.77
C LEU B 152 -6.29 -8.64 38.95
N PRO B 153 -6.10 -9.94 38.75
CA PRO B 153 -5.69 -10.79 39.88
C PRO B 153 -4.29 -10.44 40.35
N ASP B 154 -3.89 -11.03 41.46
CA ASP B 154 -2.58 -10.74 42.00
C ASP B 154 -1.76 -11.90 41.55
N ALA B 155 -2.43 -12.86 40.91
CA ALA B 155 -1.72 -13.99 40.30
C ALA B 155 -2.59 -14.67 39.27
N ILE B 156 -1.97 -15.59 38.53
CA ILE B 156 -2.70 -16.54 37.68
C ILE B 156 -2.07 -17.94 37.84
N PHE B 157 -2.95 -18.94 37.82
CA PHE B 157 -2.59 -20.34 37.92
C PHE B 157 -3.00 -21.04 36.63
N VAL B 158 -2.05 -21.73 36.03
CA VAL B 158 -2.20 -22.22 34.69
C VAL B 158 -1.82 -23.68 34.69
N VAL B 159 -2.60 -24.47 33.96
CA VAL B 159 -2.34 -25.90 33.82
C VAL B 159 -1.35 -26.29 32.72
N ASP B 160 -1.53 -25.77 31.51
CA ASP B 160 -0.53 -25.95 30.45
C ASP B 160 -0.22 -24.60 29.84
N PRO B 161 1.00 -24.07 30.14
CA PRO B 161 1.33 -22.73 29.73
C PRO B 161 1.63 -22.65 28.25
N THR B 162 2.22 -23.71 27.67
CA THR B 162 2.38 -23.77 26.21
C THR B 162 1.02 -23.88 25.54
N LYS B 163 0.06 -24.55 26.19
CA LYS B 163 -1.31 -24.48 25.70
C LYS B 163 -1.87 -23.07 25.97
N GLU B 164 -1.62 -22.56 27.17
CA GLU B 164 -2.28 -21.35 27.61
C GLU B 164 -1.49 -20.05 27.40
N ALA B 165 -0.59 -20.08 26.44
CA ALA B 165 0.41 -19.03 26.26
C ALA B 165 -0.17 -17.62 26.11
N ILE B 166 -1.28 -17.50 25.41
CA ILE B 166 -1.93 -16.21 25.14
C ILE B 166 -2.27 -15.51 26.46
N ALA B 167 -2.47 -16.31 27.51
CA ALA B 167 -2.71 -15.79 28.87
C ALA B 167 -1.40 -15.33 29.46
N VAL B 168 -0.56 -16.30 29.83
CA VAL B 168 0.78 -16.06 30.36
C VAL B 168 1.48 -14.82 29.77
N ARG B 169 1.40 -14.65 28.45
CA ARG B 169 1.91 -13.45 27.81
C ARG B 169 1.32 -12.20 28.45
N GLU B 170 0.00 -12.19 28.61
CA GLU B 170 -0.73 -11.01 29.11
C GLU B 170 -0.34 -10.75 30.56
N ALA B 171 -0.20 -11.85 31.28
CA ALA B 171 0.22 -11.82 32.65
C ALA B 171 1.54 -11.04 32.72
N ARG B 172 2.58 -11.61 32.13
CA ARG B 172 3.92 -11.06 32.20
C ARG B 172 3.99 -9.61 31.72
N LYS B 173 3.25 -9.30 30.64
CA LYS B 173 3.10 -7.91 30.19
C LYS B 173 2.62 -7.06 31.34
N LEU B 174 1.66 -7.60 32.10
CA LEU B 174 1.03 -6.88 33.21
C LEU B 174 1.68 -7.07 34.61
N PHE B 175 2.87 -7.68 34.64
CA PHE B 175 3.68 -7.95 35.85
C PHE B 175 3.01 -8.86 36.87
N ILE B 176 1.87 -9.41 36.47
CA ILE B 176 1.12 -10.40 37.23
C ILE B 176 1.89 -11.73 37.32
N PRO B 177 2.21 -12.15 38.55
CA PRO B 177 2.92 -13.40 38.77
C PRO B 177 2.26 -14.61 38.11
N VAL B 178 3.06 -15.40 37.40
CA VAL B 178 2.54 -16.58 36.73
C VAL B 178 2.82 -17.82 37.55
N ILE B 179 1.76 -18.47 38.02
CA ILE B 179 1.90 -19.75 38.71
C ILE B 179 1.45 -20.80 37.73
N ALA B 180 2.24 -21.85 37.50
CA ALA B 180 1.69 -22.90 36.67
C ALA B 180 2.24 -24.30 36.88
N LEU B 181 1.41 -25.25 36.55
CA LEU B 181 1.82 -26.63 36.44
C LEU B 181 2.32 -26.69 35.02
N ALA B 182 3.56 -27.15 34.82
CA ALA B 182 4.10 -27.25 33.45
C ALA B 182 4.90 -28.52 33.25
N ASP B 183 4.76 -29.15 32.08
CA ASP B 183 5.67 -30.28 31.74
C ASP B 183 6.72 -29.97 30.65
N THR B 184 7.28 -31.02 30.05
CA THR B 184 8.41 -30.89 29.11
C THR B 184 8.04 -30.14 27.84
N ASP B 185 6.74 -30.03 27.56
CA ASP B 185 6.14 -29.04 26.65
C ASP B 185 6.78 -27.65 26.70
N SER B 186 7.09 -27.19 27.91
CA SER B 186 7.01 -25.75 28.20
C SER B 186 8.32 -25.08 28.41
N ASP B 187 8.24 -23.74 28.46
CA ASP B 187 9.40 -22.88 28.64
C ASP B 187 9.44 -22.32 30.05
N PRO B 188 10.19 -22.99 30.94
CA PRO B 188 10.23 -22.57 32.34
C PRO B 188 10.39 -21.04 32.49
N ASP B 189 11.47 -20.52 31.90
CA ASP B 189 11.87 -19.12 31.95
C ASP B 189 10.76 -18.11 32.20
N LEU B 190 9.55 -18.35 31.70
CA LEU B 190 8.51 -17.32 31.90
C LEU B 190 7.37 -17.71 32.84
N VAL B 191 7.61 -18.80 33.58
CA VAL B 191 6.75 -19.20 34.67
C VAL B 191 7.48 -18.84 35.97
N ASP B 192 6.89 -17.90 36.69
CA ASP B 192 7.47 -17.28 37.89
C ASP B 192 7.58 -18.23 39.07
N TYR B 193 6.57 -19.06 39.29
CA TYR B 193 6.59 -20.18 40.26
C TYR B 193 6.07 -21.43 39.59
N ILE B 194 6.98 -22.35 39.32
CA ILE B 194 6.70 -23.48 38.45
C ILE B 194 6.31 -24.68 39.28
N ILE B 195 5.28 -25.41 38.86
CA ILE B 195 5.04 -26.74 39.37
C ILE B 195 5.41 -27.73 38.29
N PRO B 196 6.69 -28.13 38.27
CA PRO B 196 7.22 -29.02 37.26
C PRO B 196 6.47 -30.30 37.42
N GLY B 197 5.47 -30.49 36.56
CA GLY B 197 4.61 -31.65 36.68
C GLY B 197 4.26 -32.43 35.44
N ASN B 198 2.98 -32.41 35.12
CA ASN B 198 2.37 -33.18 34.05
C ASN B 198 1.09 -32.47 33.66
N ASP B 199 1.14 -31.72 32.57
CA ASP B 199 0.03 -30.90 32.12
C ASP B 199 -1.26 -31.70 31.86
N ASP B 200 -1.14 -33.04 31.82
CA ASP B 200 -2.10 -33.90 31.09
C ASP B 200 -2.99 -34.92 31.86
N ALA B 201 -2.36 -35.92 32.49
CA ALA B 201 -3.11 -36.91 33.29
C ALA B 201 -4.03 -36.22 34.30
N ILE B 202 -5.32 -36.57 34.26
CA ILE B 202 -6.38 -35.91 35.06
C ILE B 202 -6.16 -36.06 36.56
N ARG B 203 -5.59 -37.19 36.96
CA ARG B 203 -5.17 -37.42 38.34
C ARG B 203 -4.12 -36.41 38.80
N SER B 204 -3.13 -36.20 37.93
CA SER B 204 -2.02 -35.28 38.16
C SER B 204 -2.52 -33.85 38.33
N ILE B 205 -3.33 -33.38 37.38
CA ILE B 205 -4.00 -32.11 37.56
C ILE B 205 -4.78 -32.08 38.88
N GLN B 206 -5.46 -33.17 39.22
CA GLN B 206 -6.29 -33.22 40.43
C GLN B 206 -5.46 -33.13 41.70
N LEU B 207 -4.62 -34.14 41.93
CA LEU B 207 -3.75 -34.14 43.10
C LEU B 207 -3.32 -32.70 43.37
N ILE B 208 -2.59 -32.14 42.40
CA ILE B 208 -1.94 -30.84 42.49
C ILE B 208 -2.92 -29.71 42.73
N LEU B 209 -3.77 -29.46 41.74
CA LEU B 209 -4.65 -28.29 41.72
C LEU B 209 -5.61 -28.20 42.94
N SER B 210 -5.95 -29.35 43.53
CA SER B 210 -6.80 -29.38 44.74
C SER B 210 -6.02 -28.92 45.97
N ARG B 211 -4.92 -29.62 46.27
CA ARG B 211 -4.02 -29.26 47.38
C ARG B 211 -3.77 -27.76 47.45
N ALA B 212 -3.51 -27.17 46.28
CA ALA B 212 -3.29 -25.75 46.17
C ALA B 212 -4.51 -24.97 46.67
N VAL B 213 -5.69 -25.53 46.44
CA VAL B 213 -6.93 -24.90 46.92
C VAL B 213 -7.15 -25.20 48.42
N ASP B 214 -6.62 -26.33 48.90
CA ASP B 214 -6.60 -26.61 50.34
C ASP B 214 -5.88 -25.45 50.99
N LEU B 215 -4.57 -25.37 50.75
CA LEU B 215 -3.73 -24.23 51.13
C LEU B 215 -4.40 -22.85 51.06
N ILE B 216 -5.29 -22.65 50.10
CA ILE B 216 -5.95 -21.36 49.94
C ILE B 216 -7.04 -21.09 50.98
N ILE B 217 -8.02 -22.00 51.07
CA ILE B 217 -9.06 -21.92 52.10
C ILE B 217 -8.41 -22.08 53.46
N GLN B 218 -7.55 -23.09 53.57
CA GLN B 218 -6.74 -23.35 54.76
C GLN B 218 -5.87 -22.16 55.17
N ALA B 219 -5.67 -21.16 54.31
CA ALA B 219 -5.01 -19.94 54.80
C ALA B 219 -6.04 -18.83 54.98
N ARG B 220 -7.21 -19.27 55.43
CA ARG B 220 -8.25 -18.43 55.98
C ARG B 220 -9.12 -19.28 56.94
N GLY B 221 -8.61 -20.48 57.30
CA GLY B 221 -9.25 -21.43 58.23
C GLY B 221 -10.54 -22.08 57.76
N GLY B 222 -10.66 -23.40 57.93
CA GLY B 222 -11.91 -24.10 57.68
C GLY B 222 -11.81 -25.18 56.63
N VAL B 223 -10.73 -25.95 56.69
CA VAL B 223 -10.43 -27.03 55.71
C VAL B 223 -11.63 -27.95 55.55
N VAL B 224 -11.86 -28.43 54.32
CA VAL B 224 -12.91 -29.43 54.10
C VAL B 224 -12.37 -30.80 53.61
N GLU B 225 -13.23 -31.54 52.94
CA GLU B 225 -13.10 -32.95 52.58
C GLU B 225 -12.00 -33.28 51.55
N PRO B 226 -11.97 -34.55 51.07
CA PRO B 226 -11.24 -34.95 49.85
C PRO B 226 -11.73 -34.36 48.50
N SER B 227 -12.36 -33.18 48.54
CA SER B 227 -12.74 -32.39 47.33
C SER B 227 -13.91 -32.93 46.46
N PRO B 228 -14.90 -32.05 46.13
CA PRO B 228 -16.03 -32.50 45.28
C PRO B 228 -15.56 -32.78 43.85
N SER B 229 -14.44 -33.48 43.72
CA SER B 229 -13.86 -33.76 42.42
C SER B 229 -13.18 -35.13 42.35
N TYR B 230 -13.79 -35.93 41.50
CA TYR B 230 -13.28 -37.19 41.02
C TYR B 230 -14.04 -37.45 39.73
N ALA B 231 -14.32 -36.34 39.03
CA ALA B 231 -15.17 -36.24 37.82
C ALA B 231 -16.01 -37.50 37.47
N LEU B 232 -15.81 -38.05 36.28
CA LEU B 232 -16.07 -39.46 36.04
C LEU B 232 -14.72 -40.19 36.22
N VAL B 233 -13.76 -39.48 36.84
CA VAL B 233 -12.31 -39.81 36.89
C VAL B 233 -12.03 -41.27 36.47
N GLN B 234 -11.92 -41.42 35.13
CA GLN B 234 -11.88 -42.69 34.35
C GLN B 234 -12.46 -42.41 32.95
N GLY C 1 -25.41 11.76 -4.81
CA GLY C 1 -26.69 12.38 -4.30
C GLY C 1 -27.92 11.48 -4.14
N ASN C 2 -27.94 10.74 -3.05
CA ASN C 2 -28.95 9.75 -2.73
C ASN C 2 -29.71 10.34 -1.53
N LYS C 3 -30.21 9.53 -0.58
CA LYS C 3 -30.69 10.03 0.79
C LYS C 3 -31.91 10.99 0.93
N ILE C 4 -33.04 10.48 1.48
CA ILE C 4 -34.29 11.30 1.70
C ILE C 4 -34.16 12.32 2.81
N HIS C 5 -34.89 13.43 2.65
CA HIS C 5 -35.10 14.36 3.76
C HIS C 5 -35.74 13.58 4.94
N PRO C 6 -35.05 13.54 6.10
CA PRO C 6 -35.43 12.52 7.10
C PRO C 6 -36.58 12.98 7.97
N ILE C 7 -37.14 14.15 7.62
CA ILE C 7 -38.39 14.62 8.19
C ILE C 7 -39.53 14.14 7.31
N GLY C 8 -39.59 14.66 6.06
CA GLY C 8 -40.39 14.03 5.01
C GLY C 8 -40.56 12.51 5.26
N PHE C 9 -39.45 11.83 5.56
CA PHE C 9 -39.51 10.38 5.72
C PHE C 9 -40.29 9.97 6.97
N ARG C 10 -40.45 10.91 7.90
CA ARG C 10 -40.98 10.60 9.22
C ARG C 10 -42.39 11.19 9.49
N LEU C 11 -42.85 12.13 8.65
CA LEU C 11 -44.19 12.75 8.80
C LEU C 11 -45.32 11.85 9.30
N GLY C 12 -45.36 10.61 8.83
CA GLY C 12 -46.29 9.66 9.40
C GLY C 12 -46.10 9.47 10.89
N ILE C 13 -44.93 8.98 11.27
CA ILE C 13 -44.66 8.77 12.67
C ILE C 13 -43.78 9.93 13.11
N THR C 14 -43.25 9.88 14.33
CA THR C 14 -41.99 10.57 14.68
C THR C 14 -41.80 12.05 14.27
N ARG C 15 -42.85 12.72 13.82
CA ARG C 15 -42.71 14.09 13.36
C ARG C 15 -44.04 14.57 12.77
N ASP C 16 -44.54 15.71 13.26
CA ASP C 16 -45.79 16.30 12.77
C ASP C 16 -45.50 17.48 11.85
N TRP C 17 -46.56 18.07 11.30
CA TRP C 17 -46.40 19.10 10.30
C TRP C 17 -46.21 20.44 10.99
N GLU C 18 -45.78 21.44 10.24
CA GLU C 18 -45.59 22.79 10.79
C GLU C 18 -46.69 23.76 10.29
N SER C 19 -47.86 23.17 10.05
CA SER C 19 -49.08 23.83 9.58
C SER C 19 -50.06 22.67 9.74
N ARG C 20 -51.01 22.79 10.67
CA ARG C 20 -51.92 21.66 10.97
C ARG C 20 -53.38 21.95 10.55
N TRP C 21 -53.56 23.00 9.76
CA TRP C 21 -54.87 23.43 9.34
C TRP C 21 -55.43 22.75 8.10
N TYR C 22 -56.70 22.35 8.19
CA TYR C 22 -57.49 21.83 7.06
C TYR C 22 -58.01 22.90 6.04
N ALA C 23 -58.59 22.46 4.93
CA ALA C 23 -59.02 23.34 3.81
C ALA C 23 -59.56 22.51 2.64
N GLY C 24 -59.46 23.03 1.42
CA GLY C 24 -60.09 22.44 0.24
C GLY C 24 -59.73 23.26 -0.97
N LYS C 25 -59.75 22.62 -2.14
CA LYS C 25 -59.13 23.13 -3.40
C LYS C 25 -59.25 24.63 -3.63
N LYS C 26 -60.28 25.20 -3.04
CA LYS C 26 -60.70 26.56 -3.29
C LYS C 26 -59.73 27.59 -2.67
N GLN C 27 -59.34 27.40 -1.40
CA GLN C 27 -58.43 28.35 -0.74
C GLN C 27 -57.16 27.80 -0.05
N TYR C 28 -56.99 26.47 0.00
CA TYR C 28 -55.69 25.81 0.37
C TYR C 28 -54.47 26.56 -0.19
N ARG C 29 -54.44 26.75 -1.50
CA ARG C 29 -53.48 27.61 -2.19
C ARG C 29 -53.02 28.88 -1.45
N HIS C 30 -53.97 29.72 -0.98
CA HIS C 30 -53.62 31.02 -0.31
C HIS C 30 -53.43 30.90 1.21
N LEU C 31 -54.28 30.11 1.84
CA LEU C 31 -53.99 29.58 3.18
C LEU C 31 -52.57 28.98 3.29
N LEU C 32 -51.88 28.95 2.15
CA LEU C 32 -50.48 28.59 2.09
C LEU C 32 -49.64 29.81 1.84
N LEU C 33 -49.82 30.50 0.71
CA LEU C 33 -48.98 31.66 0.39
C LEU C 33 -48.82 32.67 1.56
N GLU C 34 -49.95 33.09 2.13
CA GLU C 34 -49.98 33.86 3.38
C GLU C 34 -49.25 33.04 4.47
N ASP C 35 -49.85 31.92 4.90
CA ASP C 35 -49.21 30.98 5.85
C ASP C 35 -47.65 31.01 5.81
N GLN C 36 -47.08 31.07 4.61
CA GLN C 36 -45.62 31.07 4.45
C GLN C 36 -45.00 32.45 4.71
N ARG C 37 -45.45 33.49 4.00
CA ARG C 37 -44.87 34.86 4.13
C ARG C 37 -44.82 35.35 5.59
N ILE C 38 -45.71 34.74 6.38
CA ILE C 38 -45.70 34.77 7.85
C ILE C 38 -44.37 34.28 8.47
N ARG C 39 -44.18 32.95 8.47
CA ARG C 39 -42.88 32.32 8.82
C ARG C 39 -41.73 32.91 7.98
N GLY C 40 -42.10 33.61 6.90
CA GLY C 40 -41.19 34.41 6.11
C GLY C 40 -40.63 35.54 6.92
N LEU C 41 -41.49 36.53 7.21
CA LEU C 41 -41.07 37.70 8.00
C LEU C 41 -40.60 37.30 9.40
N LEU C 42 -41.32 36.37 10.02
CA LEU C 42 -40.95 35.81 11.31
C LEU C 42 -39.50 35.35 11.40
N GLU C 43 -39.08 34.49 10.47
CA GLU C 43 -37.72 33.95 10.45
C GLU C 43 -36.68 35.04 10.37
N LYS C 44 -36.95 36.08 9.57
CA LYS C 44 -36.00 37.19 9.38
C LYS C 44 -35.88 38.09 10.61
N GLU C 45 -37.00 38.66 11.05
CA GLU C 45 -36.99 39.59 12.17
C GLU C 45 -37.37 38.83 13.44
N LEU C 46 -36.58 37.81 13.75
CA LEU C 46 -36.76 37.00 14.95
C LEU C 46 -35.53 36.10 15.12
N TYR C 47 -34.56 36.31 14.23
CA TYR C 47 -33.39 35.45 14.12
C TYR C 47 -32.75 35.31 15.50
N SER C 48 -32.52 36.48 16.13
CA SER C 48 -31.80 36.67 17.41
C SER C 48 -32.38 35.89 18.56
N ALA C 49 -33.71 35.80 18.58
CA ALA C 49 -34.40 34.83 19.41
C ALA C 49 -33.78 33.43 19.23
N GLY C 50 -33.67 33.01 17.97
CA GLY C 50 -33.18 31.69 17.56
C GLY C 50 -34.29 30.66 17.54
N LEU C 51 -35.05 30.63 16.44
CA LEU C 51 -36.32 29.87 16.37
C LEU C 51 -36.28 28.43 15.78
N ALA C 52 -36.48 27.43 16.63
CA ALA C 52 -36.52 26.00 16.23
C ALA C 52 -37.61 25.66 15.20
N ARG C 53 -38.81 25.32 15.69
CA ARG C 53 -40.03 25.19 14.88
C ARG C 53 -40.80 26.54 14.79
N VAL C 54 -41.92 26.53 14.05
CA VAL C 54 -42.86 27.66 13.96
C VAL C 54 -44.21 27.09 13.51
N ASP C 55 -44.82 26.25 14.34
CA ASP C 55 -46.15 25.68 14.03
C ASP C 55 -47.21 26.74 13.68
N ILE C 56 -48.31 26.28 13.06
CA ILE C 56 -49.45 27.14 12.72
C ILE C 56 -50.72 26.28 12.69
N GLU C 57 -51.75 26.70 13.44
CA GLU C 57 -53.08 26.06 13.40
C GLU C 57 -54.09 27.07 12.88
N ARG C 58 -55.18 26.60 12.26
CA ARG C 58 -56.19 27.55 11.73
C ARG C 58 -57.62 27.10 11.97
N ALA C 59 -58.55 28.06 11.86
CA ALA C 59 -60.02 27.84 11.86
C ALA C 59 -60.82 29.11 11.48
N ALA C 60 -60.44 29.74 10.36
CA ALA C 60 -61.17 30.90 9.79
C ALA C 60 -61.11 32.17 10.62
N ASP C 61 -60.24 33.09 10.18
CA ASP C 61 -59.90 34.37 10.86
C ASP C 61 -59.18 34.30 12.22
N ASN C 62 -58.87 33.07 12.64
CA ASN C 62 -57.89 32.83 13.70
C ASN C 62 -56.75 31.87 13.27
N VAL C 63 -55.56 32.12 13.82
CA VAL C 63 -54.30 31.56 13.35
C VAL C 63 -53.29 31.43 14.50
N ALA C 64 -53.24 30.25 15.13
CA ALA C 64 -52.43 30.02 16.33
C ALA C 64 -50.92 29.79 16.09
N VAL C 65 -50.27 30.77 15.46
CA VAL C 65 -48.80 30.88 15.42
C VAL C 65 -48.14 30.54 16.77
N THR C 66 -47.17 29.62 16.77
CA THR C 66 -46.53 29.17 18.02
C THR C 66 -44.98 29.11 17.91
N VAL C 67 -44.38 30.25 17.53
CA VAL C 67 -42.91 30.46 17.53
C VAL C 67 -42.13 29.80 18.69
N HIS C 68 -41.43 28.69 18.41
CA HIS C 68 -40.53 28.10 19.42
C HIS C 68 -39.18 28.79 19.37
N VAL C 69 -38.60 29.07 20.55
CA VAL C 69 -37.26 29.68 20.66
C VAL C 69 -36.50 29.11 21.85
N ALA C 70 -35.27 29.60 22.06
CA ALA C 70 -34.59 29.44 23.34
C ALA C 70 -34.27 30.80 24.00
N LYS C 71 -34.50 31.91 23.28
CA LYS C 71 -34.38 33.28 23.82
C LYS C 71 -35.73 34.04 23.93
N PRO C 72 -36.70 33.50 24.73
CA PRO C 72 -38.09 34.00 24.65
C PRO C 72 -38.11 35.51 24.85
N GLY C 73 -37.37 35.96 25.85
CA GLY C 73 -37.23 37.38 26.15
C GLY C 73 -36.75 38.27 25.01
N VAL C 74 -36.67 37.76 23.78
CA VAL C 74 -36.27 38.64 22.66
C VAL C 74 -37.46 38.88 21.72
N VAL C 75 -38.43 37.99 21.82
CA VAL C 75 -39.67 38.14 21.07
C VAL C 75 -40.56 39.13 21.83
N ILE C 76 -40.27 39.29 23.12
CA ILE C 76 -41.17 39.94 24.06
C ILE C 76 -40.98 41.47 24.16
N GLY C 77 -39.78 41.93 24.52
CA GLY C 77 -39.50 43.38 24.63
C GLY C 77 -38.97 43.80 26.00
N ARG C 78 -39.80 44.47 26.79
CA ARG C 78 -39.50 44.75 28.21
C ARG C 78 -40.57 44.10 29.11
N GLY C 79 -41.81 44.58 28.97
CA GLY C 79 -42.98 43.92 29.54
C GLY C 79 -43.74 43.21 28.43
N GLY C 80 -43.70 43.80 27.24
CA GLY C 80 -44.26 43.20 26.03
C GLY C 80 -44.46 44.16 24.86
N GLU C 81 -43.46 44.97 24.55
CA GLU C 81 -43.55 45.97 23.45
C GLU C 81 -42.89 45.51 22.13
N ARG C 82 -42.36 44.29 22.10
CA ARG C 82 -41.96 43.66 20.83
C ARG C 82 -43.14 42.81 20.37
N ILE C 83 -43.46 41.80 21.18
CA ILE C 83 -44.62 40.93 20.98
C ILE C 83 -45.92 41.71 20.69
N ARG C 84 -45.98 42.96 21.12
CA ARG C 84 -47.06 43.85 20.76
C ARG C 84 -46.96 44.24 19.27
N VAL C 85 -45.81 44.81 18.85
CA VAL C 85 -45.62 45.26 17.46
C VAL C 85 -45.82 44.12 16.47
N LEU C 86 -45.41 42.92 16.87
CA LEU C 86 -45.42 41.75 15.98
C LEU C 86 -46.82 41.22 15.69
N ARG C 87 -47.62 40.91 16.72
CA ARG C 87 -49.04 40.57 16.54
C ARG C 87 -49.77 41.62 15.71
N GLU C 88 -49.10 42.74 15.49
CA GLU C 88 -49.63 43.84 14.70
C GLU C 88 -49.01 43.84 13.32
N GLU C 89 -47.76 43.41 13.22
CA GLU C 89 -47.14 43.19 11.92
C GLU C 89 -47.85 42.04 11.18
N LEU C 90 -48.24 41.01 11.94
CA LEU C 90 -48.93 39.84 11.38
C LEU C 90 -50.27 40.21 10.76
N ALA C 91 -51.15 40.82 11.54
CA ALA C 91 -52.42 41.33 11.03
C ALA C 91 -52.28 42.48 10.00
N LYS C 92 -51.08 43.04 9.85
CA LYS C 92 -50.78 44.07 8.83
C LYS C 92 -51.14 43.61 7.41
N LEU C 93 -50.62 42.44 7.03
CA LEU C 93 -50.81 41.88 5.69
C LEU C 93 -51.91 40.82 5.67
N THR C 94 -51.87 39.94 6.67
CA THR C 94 -52.92 38.98 6.97
C THR C 94 -54.22 39.69 7.36
N GLY C 95 -55.25 39.61 6.51
CA GLY C 95 -56.56 40.16 6.88
C GLY C 95 -57.26 39.27 7.88
N LYS C 96 -56.69 39.16 9.09
CA LYS C 96 -57.12 38.17 10.10
C LYS C 96 -56.72 38.56 11.52
N ASN C 97 -57.31 37.85 12.48
CA ASN C 97 -56.98 38.01 13.91
C ASN C 97 -55.91 37.00 14.40
N VAL C 98 -54.71 37.53 14.66
CA VAL C 98 -53.49 36.73 14.91
C VAL C 98 -53.23 36.41 16.37
N ALA C 99 -53.60 35.20 16.79
CA ALA C 99 -53.06 34.65 18.04
C ALA C 99 -51.54 34.50 17.82
N LEU C 100 -50.72 34.76 18.83
CA LEU C 100 -49.26 34.58 18.65
C LEU C 100 -48.58 34.09 19.91
N ASN C 101 -48.81 32.82 20.22
CA ASN C 101 -48.13 32.13 21.31
C ASN C 101 -46.58 32.22 21.26
N VAL C 102 -45.93 31.87 22.36
CA VAL C 102 -44.45 31.67 22.41
C VAL C 102 -44.07 30.43 23.24
N GLN C 103 -43.08 29.71 22.72
CA GLN C 103 -42.51 28.59 23.43
C GLN C 103 -40.98 28.63 23.53
N GLU C 104 -40.46 27.79 24.44
CA GLU C 104 -39.06 27.77 24.74
C GLU C 104 -38.52 26.35 24.59
N VAL C 105 -37.28 26.26 24.12
CA VAL C 105 -36.60 24.98 24.12
C VAL C 105 -35.80 24.89 25.41
N GLN C 106 -36.21 23.92 26.22
CA GLN C 106 -35.58 23.60 27.49
C GLN C 106 -34.08 23.40 27.26
N ASN C 107 -33.76 22.76 26.13
CA ASN C 107 -32.37 22.55 25.71
C ASN C 107 -32.16 22.83 24.21
N PRO C 108 -31.47 23.95 23.87
CA PRO C 108 -31.22 24.31 22.45
C PRO C 108 -30.07 23.49 21.83
N ASN C 109 -29.46 22.64 22.66
CA ASN C 109 -28.53 21.64 22.18
C ASN C 109 -29.22 20.29 21.99
N LEU C 110 -30.43 20.32 21.48
CA LEU C 110 -31.21 19.13 21.13
C LEU C 110 -32.16 19.59 20.04
N SER C 111 -31.95 20.83 19.61
CA SER C 111 -32.73 21.42 18.57
C SER C 111 -31.75 21.59 17.42
N ALA C 112 -31.67 20.52 16.61
CA ALA C 112 -30.87 20.49 15.40
C ALA C 112 -30.90 21.82 14.60
N PRO C 113 -32.10 22.42 14.42
CA PRO C 113 -32.15 23.59 13.55
C PRO C 113 -31.37 24.74 14.11
N LEU C 114 -31.07 24.67 15.41
CA LEU C 114 -30.25 25.66 16.09
C LEU C 114 -28.81 25.23 16.00
N VAL C 115 -28.53 24.01 16.48
CA VAL C 115 -27.20 23.40 16.36
C VAL C 115 -26.54 23.67 14.99
N ALA C 116 -27.32 23.50 13.93
CA ALA C 116 -26.88 23.87 12.59
C ALA C 116 -26.62 25.38 12.50
N GLN C 117 -27.63 26.15 12.92
CA GLN C 117 -27.63 27.62 12.87
C GLN C 117 -26.39 28.16 13.56
N ARG C 118 -26.09 27.57 14.72
CA ARG C 118 -24.93 27.85 15.55
C ARG C 118 -23.64 27.76 14.73
N VAL C 119 -23.47 26.59 14.10
CA VAL C 119 -22.28 26.25 13.33
C VAL C 119 -22.14 27.15 12.13
N ALA C 120 -23.27 27.43 11.47
CA ALA C 120 -23.30 28.39 10.37
C ALA C 120 -22.71 29.72 10.84
N GLU C 121 -23.19 30.19 11.98
CA GLU C 121 -22.80 31.46 12.61
C GLU C 121 -21.28 31.54 12.65
N GLN C 122 -20.67 30.56 13.35
CA GLN C 122 -19.22 30.50 13.52
C GLN C 122 -18.51 30.63 12.17
N ILE C 123 -19.00 29.90 11.17
CA ILE C 123 -18.38 29.92 9.85
C ILE C 123 -18.23 31.35 9.29
N GLU C 124 -19.26 32.19 9.40
CA GLU C 124 -19.19 33.56 8.84
C GLU C 124 -18.20 34.45 9.59
N ARG C 125 -17.89 34.08 10.82
CA ARG C 125 -16.88 34.74 11.64
C ARG C 125 -15.58 33.95 11.48
N ARG C 126 -14.99 34.04 10.29
CA ARG C 126 -13.95 33.13 9.79
C ARG C 126 -13.40 32.12 10.82
N PHE C 127 -14.26 31.29 11.41
CA PHE C 127 -13.83 30.27 12.39
C PHE C 127 -13.13 29.03 11.81
N ALA C 128 -13.02 27.99 12.65
CA ALA C 128 -12.33 26.76 12.31
C ALA C 128 -13.34 25.63 12.17
N VAL C 129 -13.58 25.22 10.93
CA VAL C 129 -14.71 24.34 10.65
C VAL C 129 -14.59 23.01 11.38
N ARG C 130 -13.57 22.24 11.01
CA ARG C 130 -13.31 20.92 11.58
C ARG C 130 -13.62 20.89 13.10
N ARG C 131 -13.11 21.91 13.82
CA ARG C 131 -13.31 22.01 15.27
C ARG C 131 -14.77 22.33 15.64
N ALA C 132 -15.33 23.35 14.98
CA ALA C 132 -16.71 23.77 15.25
C ALA C 132 -17.58 22.53 15.25
N ILE C 133 -17.51 21.80 14.13
CA ILE C 133 -18.19 20.52 13.92
C ILE C 133 -17.91 19.62 15.11
N LYS C 134 -16.61 19.51 15.43
CA LYS C 134 -16.14 18.63 16.48
C LYS C 134 -16.86 18.97 17.79
N GLN C 135 -16.89 20.28 18.11
CA GLN C 135 -17.54 20.79 19.32
C GLN C 135 -19.05 20.60 19.32
N ALA C 136 -19.67 21.13 18.26
CA ALA C 136 -21.12 21.06 18.14
C ALA C 136 -21.65 19.67 18.44
N VAL C 137 -21.01 18.65 17.88
CA VAL C 137 -21.46 17.28 18.09
C VAL C 137 -21.36 16.97 19.57
N GLN C 138 -20.26 17.43 20.16
CA GLN C 138 -19.96 17.15 21.55
C GLN C 138 -21.04 17.79 22.40
N ARG C 139 -21.21 19.11 22.21
CA ARG C 139 -22.25 19.86 22.89
C ARG C 139 -23.54 19.02 22.95
N VAL C 140 -24.04 18.69 21.76
CA VAL C 140 -25.25 17.91 21.62
C VAL C 140 -25.15 16.58 22.35
N MET C 141 -24.09 15.83 22.06
CA MET C 141 -23.91 14.54 22.72
C MET C 141 -23.85 14.65 24.26
N GLU C 142 -23.37 15.81 24.72
CA GLU C 142 -23.27 16.14 26.15
C GLU C 142 -24.67 16.20 26.79
N SER C 143 -25.56 16.97 26.17
CA SER C 143 -26.90 17.22 26.70
C SER C 143 -27.87 16.04 26.55
N GLY C 144 -27.46 14.83 26.98
CA GLY C 144 -28.36 13.66 27.05
C GLY C 144 -28.74 12.83 25.81
N ALA C 145 -28.37 13.32 24.61
CA ALA C 145 -28.74 12.73 23.30
C ALA C 145 -28.27 11.28 23.09
N LYS C 146 -29.05 10.48 22.37
CA LYS C 146 -28.74 9.06 22.13
C LYS C 146 -27.87 8.80 20.88
N GLY C 147 -27.66 9.85 20.07
CA GLY C 147 -26.58 9.91 19.07
C GLY C 147 -26.75 11.20 18.28
N ALA C 148 -25.74 11.60 17.50
CA ALA C 148 -25.90 12.78 16.60
C ALA C 148 -24.71 13.05 15.65
N LYS C 149 -24.89 13.96 14.68
CA LYS C 149 -23.95 14.09 13.56
C LYS C 149 -24.16 15.42 12.91
N VAL C 150 -23.09 15.99 12.34
CA VAL C 150 -23.19 17.28 11.63
C VAL C 150 -22.33 17.30 10.35
N ILE C 151 -22.85 17.93 9.30
CA ILE C 151 -22.18 18.02 8.01
C ILE C 151 -22.09 19.46 7.60
N VAL C 152 -20.88 19.91 7.33
CA VAL C 152 -20.73 21.08 6.50
C VAL C 152 -20.36 20.58 5.12
N SER C 153 -20.99 21.16 4.10
CA SER C 153 -20.66 20.91 2.73
C SER C 153 -19.32 21.59 2.49
N GLY C 154 -19.30 22.56 1.56
CA GLY C 154 -18.04 22.87 0.89
C GLY C 154 -17.59 24.27 0.53
N ARG C 155 -16.26 24.36 0.41
CA ARG C 155 -15.47 25.61 0.25
C ARG C 155 -14.87 26.00 1.57
N ILE C 156 -14.78 24.97 2.41
CA ILE C 156 -14.17 25.04 3.73
C ILE C 156 -12.90 25.87 3.74
N GLY C 157 -12.81 26.76 4.74
CA GLY C 157 -11.65 27.60 4.96
C GLY C 157 -11.29 28.45 3.76
N GLY C 158 -12.27 28.72 2.89
CA GLY C 158 -12.07 29.62 1.75
C GLY C 158 -11.44 28.94 0.55
N ALA C 159 -10.98 27.70 0.78
CA ALA C 159 -10.51 26.77 -0.25
C ALA C 159 -11.18 26.94 -1.63
N GLU C 160 -10.37 26.98 -2.69
CA GLU C 160 -10.86 26.90 -4.07
C GLU C 160 -11.61 25.56 -4.31
N GLN C 161 -11.01 24.45 -3.88
CA GLN C 161 -11.65 23.14 -3.91
C GLN C 161 -12.74 23.00 -2.85
N ALA C 162 -13.99 22.87 -3.28
CA ALA C 162 -15.09 22.52 -2.35
C ALA C 162 -14.90 21.11 -1.78
N ARG C 163 -15.27 20.88 -0.52
CA ARG C 163 -14.98 19.59 0.12
C ARG C 163 -16.14 19.38 1.06
N THR C 164 -16.05 18.45 1.99
CA THR C 164 -17.20 18.07 2.81
C THR C 164 -16.75 17.38 4.10
N GLU C 165 -16.78 18.17 5.18
CA GLU C 165 -16.50 17.61 6.49
C GLU C 165 -17.77 17.17 7.26
N TRP C 166 -17.61 16.17 8.11
CA TRP C 166 -18.75 15.60 8.78
C TRP C 166 -18.18 14.86 9.97
N ALA C 167 -18.90 14.90 11.10
CA ALA C 167 -18.58 14.08 12.28
C ALA C 167 -19.84 13.59 12.91
N ALA C 168 -19.71 12.45 13.60
CA ALA C 168 -20.86 11.71 14.07
C ALA C 168 -20.54 11.03 15.35
N GLN C 169 -21.57 10.81 16.17
CA GLN C 169 -21.45 10.06 17.41
C GLN C 169 -22.73 9.30 17.79
N GLY C 170 -22.56 8.30 18.68
CA GLY C 170 -23.67 7.45 19.15
C GLY C 170 -24.30 6.67 18.01
N ARG C 171 -25.63 6.72 17.91
CA ARG C 171 -26.38 6.17 16.77
C ARG C 171 -26.91 7.32 15.92
N VAL C 172 -27.35 7.02 14.70
CA VAL C 172 -28.17 7.92 13.86
C VAL C 172 -28.93 7.01 12.87
N PRO C 173 -29.70 6.01 13.37
CA PRO C 173 -30.31 5.00 12.49
C PRO C 173 -31.28 5.67 11.55
N LEU C 174 -30.77 6.08 10.40
CA LEU C 174 -31.52 6.92 9.49
C LEU C 174 -32.56 6.11 8.69
N HIS C 175 -32.47 4.80 8.82
CA HIS C 175 -33.29 3.89 8.06
C HIS C 175 -34.38 3.37 8.94
N THR C 176 -34.14 3.43 10.25
CA THR C 176 -35.16 3.17 11.28
C THR C 176 -36.14 4.34 11.33
N LEU C 177 -37.42 4.04 11.05
CA LEU C 177 -38.48 5.03 10.91
C LEU C 177 -38.83 5.63 12.27
N ARG C 178 -38.90 4.73 13.27
CA ARG C 178 -39.16 5.07 14.67
C ARG C 178 -37.90 5.62 15.37
N ALA C 179 -37.35 6.68 14.79
CA ALA C 179 -36.09 7.22 15.26
C ALA C 179 -36.41 8.41 16.11
N ASN C 180 -36.92 9.45 15.45
CA ASN C 180 -37.07 10.73 16.09
C ASN C 180 -35.72 11.37 15.95
N ILE C 181 -35.54 11.98 14.80
CA ILE C 181 -34.31 12.59 14.50
C ILE C 181 -34.65 13.99 14.07
N ASP C 182 -34.46 14.92 14.98
CA ASP C 182 -34.46 16.29 14.55
C ASP C 182 -33.38 16.45 13.47
N TYR C 183 -33.79 17.08 12.38
CA TYR C 183 -32.89 17.49 11.35
C TYR C 183 -32.97 19.00 11.23
N GLY C 184 -31.85 19.64 10.92
CA GLY C 184 -31.88 21.07 10.71
C GLY C 184 -30.84 21.53 9.74
N PHE C 185 -31.21 22.49 8.91
CA PHE C 185 -30.30 22.94 7.91
C PHE C 185 -30.05 24.43 8.00
N ALA C 186 -28.87 24.76 8.49
CA ALA C 186 -28.39 26.13 8.43
C ALA C 186 -27.75 26.39 7.06
N LEU C 187 -27.92 27.61 6.53
CA LEU C 187 -27.17 28.07 5.34
C LEU C 187 -25.77 28.56 5.75
N ALA C 188 -25.29 29.71 5.23
CA ALA C 188 -24.03 30.35 5.71
C ALA C 188 -23.28 31.22 4.71
N ARG C 189 -23.91 32.30 4.22
CA ARG C 189 -23.26 33.22 3.26
C ARG C 189 -21.88 33.69 3.76
N THR C 190 -20.80 33.36 3.04
CA THR C 190 -19.45 33.90 3.33
C THR C 190 -19.00 34.82 2.17
N THR C 191 -17.83 35.44 2.27
CA THR C 191 -17.39 36.44 1.27
C THR C 191 -17.12 35.82 -0.07
N TYR C 192 -16.78 34.52 -0.02
CA TYR C 192 -16.33 33.79 -1.18
C TYR C 192 -17.38 32.76 -1.62
N GLY C 193 -18.50 32.66 -0.89
CA GLY C 193 -19.62 31.79 -1.27
C GLY C 193 -20.33 31.01 -0.17
N VAL C 194 -21.51 30.50 -0.49
CA VAL C 194 -22.33 29.67 0.39
C VAL C 194 -21.68 28.33 0.77
N LEU C 195 -21.79 27.95 2.04
CA LEU C 195 -21.56 26.55 2.48
C LEU C 195 -22.92 26.06 2.99
N GLY C 196 -22.99 24.88 3.60
CA GLY C 196 -24.29 24.36 3.95
C GLY C 196 -24.20 23.47 5.15
N VAL C 197 -25.08 23.66 6.12
CA VAL C 197 -24.91 22.88 7.34
C VAL C 197 -26.07 22.00 7.61
N LYS C 198 -25.78 20.78 7.99
CA LYS C 198 -26.82 19.84 8.17
C LYS C 198 -26.63 19.27 9.56
N ALA C 199 -27.68 19.33 10.38
CA ALA C 199 -27.56 18.79 11.70
C ALA C 199 -28.61 17.72 11.96
N TYR C 200 -28.18 16.65 12.63
CA TYR C 200 -29.00 15.48 12.89
C TYR C 200 -28.82 15.26 14.33
N ILE C 201 -29.91 14.92 15.03
CA ILE C 201 -29.84 14.56 16.47
C ILE C 201 -30.83 13.49 16.80
N PHE C 202 -30.36 12.42 17.40
CA PHE C 202 -31.16 11.23 17.60
C PHE C 202 -31.56 11.09 19.06
N LEU C 203 -32.87 10.83 19.27
CA LEU C 203 -33.52 10.79 20.60
C LEU C 203 -34.32 9.49 20.83
N GLY C 204 -35.26 9.21 19.93
CA GLY C 204 -36.42 8.33 20.21
C GLY C 204 -36.34 6.81 20.22
N GLU C 205 -37.49 6.18 19.90
CA GLU C 205 -37.68 4.73 19.93
C GLU C 205 -39.16 4.29 20.17
N VAL C 206 -39.33 3.05 20.67
CA VAL C 206 -40.58 2.22 20.65
C VAL C 206 -41.92 2.99 20.48
N GLY D 1 26.46 51.95 12.69
CA GLY D 1 26.00 50.85 13.59
C GLY D 1 24.60 51.08 14.11
N ARG D 2 24.37 50.57 15.33
CA ARG D 2 23.16 50.81 16.17
C ARG D 2 21.83 51.20 15.48
N TYR D 3 20.73 50.70 16.04
CA TYR D 3 19.44 50.65 15.33
C TYR D 3 18.88 51.95 14.71
N ILE D 4 18.25 52.84 15.52
CA ILE D 4 17.65 54.11 15.02
C ILE D 4 16.40 53.96 14.13
N GLY D 5 15.24 53.85 14.78
CA GLY D 5 13.94 53.73 14.12
C GLY D 5 12.87 53.43 15.17
N PRO D 6 11.62 53.21 14.74
CA PRO D 6 10.53 52.86 15.67
C PRO D 6 10.92 51.79 16.70
N VAL D 7 10.59 52.04 17.97
CA VAL D 7 11.15 51.31 19.10
C VAL D 7 10.15 50.66 20.09
N CYS D 8 9.51 51.43 21.02
CA CYS D 8 8.32 50.95 21.83
C CYS D 8 7.35 50.69 20.66
N ARG D 9 7.67 49.54 19.97
CA ARG D 9 7.32 48.98 18.61
C ARG D 9 7.96 47.56 18.47
N LEU D 10 8.95 47.33 19.34
CA LEU D 10 9.48 46.00 19.65
C LEU D 10 9.28 45.82 21.18
N CYS D 11 9.21 46.93 22.00
CA CYS D 11 8.56 46.86 23.34
C CYS D 11 7.48 45.78 22.86
N ARG D 12 7.01 45.87 21.57
CA ARG D 12 5.94 44.99 20.93
C ARG D 12 6.41 43.64 20.45
N ARG D 13 6.00 43.23 19.23
CA ARG D 13 6.51 42.02 18.45
C ARG D 13 7.27 40.89 19.17
N GLU D 14 8.41 41.23 19.78
CA GLU D 14 9.13 40.32 20.63
C GLU D 14 8.26 39.83 21.80
N GLY D 15 6.99 40.27 21.81
CA GLY D 15 5.91 39.75 22.68
C GLY D 15 5.78 40.29 24.10
N VAL D 16 6.73 41.13 24.48
CA VAL D 16 6.99 41.46 25.88
C VAL D 16 7.67 42.81 25.98
N LYS D 17 7.40 43.52 27.07
CA LYS D 17 7.95 44.85 27.26
C LYS D 17 9.47 44.85 27.39
N LEU D 18 10.11 45.44 26.37
CA LEU D 18 11.48 45.93 26.47
C LEU D 18 11.31 47.41 26.79
N TYR D 19 12.02 47.91 27.79
CA TYR D 19 11.96 49.33 28.05
C TYR D 19 13.12 49.81 27.23
N LEU D 20 12.81 50.39 26.08
CA LEU D 20 13.82 50.91 25.15
C LEU D 20 13.81 52.43 25.18
N LYS D 21 12.61 52.97 25.43
CA LYS D 21 12.41 54.37 25.77
C LYS D 21 12.64 54.57 27.27
N GLY D 22 12.20 53.60 28.06
CA GLY D 22 12.30 53.70 29.51
C GLY D 22 11.30 54.69 30.09
N GLU D 23 11.60 55.99 29.99
CA GLU D 23 10.81 57.07 30.60
C GLU D 23 9.27 56.92 30.40
N ARG D 24 8.87 56.67 29.16
CA ARG D 24 7.48 56.43 28.82
C ARG D 24 7.08 54.95 28.92
N CYS D 25 7.88 54.02 28.34
CA CYS D 25 7.59 52.55 28.35
C CYS D 25 7.17 52.10 29.82
N TYR D 26 7.08 53.09 30.74
CA TYR D 26 6.60 52.89 32.14
C TYR D 26 5.15 53.30 32.43
N SER D 27 4.42 53.78 31.44
CA SER D 27 3.22 54.57 31.69
C SER D 27 2.25 54.59 30.51
N PRO D 28 1.05 54.03 30.74
CA PRO D 28 0.08 53.62 29.74
C PRO D 28 0.58 53.43 28.30
N LYS D 29 1.66 52.60 28.18
CA LYS D 29 2.24 51.84 26.98
C LYS D 29 3.79 51.65 27.09
N CYS D 30 4.39 50.45 26.88
CA CYS D 30 5.74 50.49 26.28
C CYS D 30 5.54 50.47 24.79
N ALA D 31 4.54 51.28 24.43
CA ALA D 31 3.43 51.00 23.47
C ALA D 31 2.57 49.77 23.85
N MET D 32 3.09 48.97 24.77
CA MET D 32 2.74 47.55 24.95
C MET D 32 1.48 47.35 25.78
N GLU D 33 0.92 48.46 26.25
CA GLU D 33 -0.29 48.46 27.06
C GLU D 33 -1.52 48.53 26.16
N ARG D 34 -1.43 49.38 25.16
CA ARG D 34 -2.53 49.69 24.29
C ARG D 34 -2.68 48.61 23.23
N ARG D 35 -1.54 48.12 22.72
CA ARG D 35 -1.55 47.00 21.78
C ARG D 35 -0.44 45.99 22.10
N PRO D 36 -0.80 44.90 22.81
CA PRO D 36 0.22 43.94 23.18
C PRO D 36 0.52 42.91 22.07
N TYR D 37 0.41 43.30 20.81
CA TYR D 37 0.62 42.35 19.71
C TYR D 37 1.66 42.76 18.63
N PRO D 38 2.13 41.77 17.83
CA PRO D 38 3.05 42.11 16.72
C PRO D 38 2.54 43.25 15.81
N PRO D 39 3.48 44.01 15.22
CA PRO D 39 3.21 45.10 14.27
C PRO D 39 2.66 44.67 12.92
N GLY D 40 2.20 45.63 12.13
CA GLY D 40 1.82 45.36 10.75
C GLY D 40 0.46 44.72 10.51
N GLN D 41 0.00 44.85 9.27
CA GLN D 41 -1.32 44.39 8.82
C GLN D 41 -1.81 43.11 9.45
N HIS D 42 -0.90 42.21 9.81
CA HIS D 42 -1.28 40.84 10.18
C HIS D 42 -1.20 40.54 11.68
N GLY D 43 -0.60 41.46 12.42
CA GLY D 43 -0.19 41.23 13.81
C GLY D 43 -1.21 40.85 14.87
N GLN D 44 -2.47 40.82 14.49
CA GLN D 44 -3.47 40.35 15.43
C GLN D 44 -4.37 39.35 14.80
N LYS D 45 -3.91 38.71 13.72
CA LYS D 45 -4.54 37.47 13.27
C LYS D 45 -3.93 36.32 14.04
N ARG D 46 -4.62 35.18 14.04
CA ARG D 46 -4.30 34.04 14.91
C ARG D 46 -2.83 33.62 14.81
N ALA D 47 -2.17 33.62 15.97
CA ALA D 47 -0.76 33.25 16.08
C ALA D 47 -0.44 31.98 15.28
N ARG D 48 0.61 32.03 14.48
CA ARG D 48 1.11 30.82 13.82
C ARG D 48 1.90 30.01 14.83
N ARG D 49 1.67 28.70 14.86
CA ARG D 49 2.44 27.82 15.74
C ARG D 49 3.92 27.79 15.31
N PRO D 50 4.78 28.52 16.04
CA PRO D 50 6.17 28.78 15.65
C PRO D 50 7.14 27.58 15.75
N SER D 51 8.11 27.56 14.84
CA SER D 51 9.06 26.48 14.76
C SER D 51 10.17 26.60 15.80
N ASP D 52 10.61 25.42 16.25
CA ASP D 52 11.83 25.27 17.00
C ASP D 52 12.87 26.35 16.61
N TYR D 53 13.03 26.60 15.30
CA TYR D 53 13.94 27.68 14.87
C TYR D 53 13.44 29.08 15.33
N ALA D 54 12.33 29.52 14.74
CA ALA D 54 11.64 30.75 15.12
C ALA D 54 11.84 31.08 16.57
N VAL D 55 11.54 30.11 17.42
CA VAL D 55 11.64 30.32 18.85
C VAL D 55 13.02 30.84 19.23
N ARG D 56 14.06 30.03 18.97
CA ARG D 56 15.45 30.41 19.23
C ARG D 56 15.81 31.77 18.64
N LEU D 57 15.39 32.04 17.40
CA LEU D 57 15.64 33.33 16.80
C LEU D 57 15.14 34.42 17.71
N ARG D 58 13.80 34.55 17.79
CA ARG D 58 13.18 35.63 18.55
C ARG D 58 13.89 35.86 19.87
N GLU D 59 14.18 34.78 20.60
CA GLU D 59 14.78 34.90 21.93
C GLU D 59 16.09 35.66 21.89
N LYS D 60 16.98 35.33 20.97
CA LYS D 60 18.20 36.12 20.86
C LYS D 60 17.87 37.55 20.38
N GLN D 61 17.00 37.67 19.39
CA GLN D 61 16.53 38.96 18.98
C GLN D 61 16.19 39.78 20.22
N LYS D 62 15.29 39.26 21.03
CA LYS D 62 14.89 39.87 22.30
C LYS D 62 16.11 40.37 23.06
N LEU D 63 16.95 39.46 23.55
CA LEU D 63 18.13 39.81 24.31
C LEU D 63 18.93 40.93 23.63
N ARG D 64 19.34 40.72 22.39
CA ARG D 64 20.11 41.76 21.72
C ARG D 64 19.36 43.09 21.69
N ARG D 65 18.14 43.08 21.16
CA ARG D 65 17.30 44.27 21.09
C ARG D 65 17.23 45.07 22.42
N ILE D 66 17.32 44.38 23.56
CA ILE D 66 17.42 45.05 24.88
C ILE D 66 18.61 45.97 25.01
N TYR D 67 19.81 45.52 24.64
CA TYR D 67 20.99 46.40 24.76
C TYR D 67 21.30 47.21 23.51
N GLY D 68 20.43 47.12 22.51
CA GLY D 68 20.62 47.78 21.23
C GLY D 68 22.00 47.75 20.58
N ILE D 69 22.85 46.85 21.04
CA ILE D 69 24.13 46.53 20.41
C ILE D 69 23.87 45.80 19.05
N SER D 70 24.77 45.94 18.08
CA SER D 70 24.43 45.37 16.76
C SER D 70 24.83 43.91 16.66
N GLU D 71 24.18 43.19 15.75
CA GLU D 71 24.42 41.77 15.54
C GLU D 71 25.89 41.37 15.47
N ARG D 72 26.64 42.06 14.62
CA ARG D 72 28.10 41.86 14.54
C ARG D 72 28.75 41.87 15.92
N GLN D 73 28.41 42.90 16.70
CA GLN D 73 29.08 43.15 17.96
C GLN D 73 28.65 42.14 18.99
N PHE D 74 27.32 41.91 19.02
CA PHE D 74 26.68 40.91 19.86
C PHE D 74 27.35 39.56 19.65
N ARG D 75 27.44 39.12 18.40
CA ARG D 75 28.06 37.83 18.02
C ARG D 75 29.50 37.68 18.54
N ASN D 76 30.29 38.74 18.37
CA ASN D 76 31.66 38.74 18.81
C ASN D 76 31.75 38.53 20.32
N LEU D 77 30.93 39.27 21.07
CA LEU D 77 30.77 39.06 22.52
C LEU D 77 30.38 37.65 22.93
N PHE D 78 29.50 37.03 22.14
CA PHE D 78 29.09 35.66 22.41
C PHE D 78 30.25 34.69 22.20
N GLU D 79 30.93 34.83 21.07
CA GLU D 79 32.03 33.91 20.77
C GLU D 79 33.10 34.07 21.80
N GLU D 80 33.34 35.32 22.17
CA GLU D 80 34.19 35.65 23.29
C GLU D 80 33.80 34.85 24.51
N ALA D 81 32.50 34.87 24.83
CA ALA D 81 32.00 34.18 26.02
C ALA D 81 32.15 32.65 25.93
N SER D 82 31.92 32.09 24.75
CA SER D 82 32.02 30.64 24.57
C SER D 82 33.39 30.18 24.99
N LYS D 83 34.40 30.68 24.28
CA LYS D 83 35.76 30.22 24.44
C LYS D 83 36.30 30.53 25.84
N LYS D 84 35.68 31.50 26.52
CA LYS D 84 36.08 31.80 27.88
C LYS D 84 35.70 30.70 28.88
N LYS D 85 36.53 30.61 29.92
CA LYS D 85 36.36 29.67 31.04
C LYS D 85 35.11 29.95 31.88
N GLY D 86 34.40 28.90 32.24
CA GLY D 86 33.16 29.04 32.99
C GLY D 86 31.92 29.07 32.13
N VAL D 87 30.79 29.15 32.82
CA VAL D 87 29.48 28.85 32.22
C VAL D 87 29.02 29.88 31.21
N THR D 88 29.09 29.46 29.97
CA THR D 88 29.14 30.39 28.88
C THR D 88 27.89 31.29 28.78
N GLY D 89 26.71 30.70 28.89
CA GLY D 89 25.46 31.45 28.98
C GLY D 89 25.51 32.66 29.91
N SER D 90 26.00 32.45 31.13
CA SER D 90 26.06 33.54 32.10
C SER D 90 27.07 34.60 31.68
N VAL D 91 28.35 34.20 31.64
CA VAL D 91 29.47 35.05 31.28
C VAL D 91 29.15 36.10 30.22
N PHE D 92 28.57 35.62 29.12
CA PHE D 92 27.96 36.46 28.09
C PHE D 92 27.11 37.60 28.67
N LEU D 93 26.18 37.26 29.56
CA LEU D 93 25.40 38.26 30.28
C LEU D 93 26.29 39.23 31.03
N GLY D 94 27.22 38.71 31.82
CA GLY D 94 28.20 39.56 32.50
C GLY D 94 28.82 40.59 31.57
N LEU D 95 29.01 40.15 30.33
CA LEU D 95 29.85 40.86 29.42
C LEU D 95 29.12 41.99 28.74
N LEU D 96 27.87 41.70 28.34
CA LEU D 96 26.93 42.68 27.83
C LEU D 96 26.68 43.73 28.88
N GLU D 97 26.63 43.26 30.13
CA GLU D 97 26.32 44.09 31.27
C GLU D 97 27.50 45.00 31.66
N SER D 98 28.70 44.70 31.15
CA SER D 98 29.94 45.49 31.36
C SER D 98 30.15 46.64 30.35
N ARG D 99 29.29 46.69 29.33
CA ARG D 99 29.40 47.75 28.36
C ARG D 99 29.07 49.02 29.10
N LEU D 100 29.99 50.00 29.01
CA LEU D 100 29.78 51.35 29.58
C LEU D 100 28.38 51.88 29.33
N ASP D 101 27.98 51.96 28.06
CA ASP D 101 26.67 52.48 27.77
C ASP D 101 25.56 51.85 28.63
N ASN D 102 25.64 50.55 28.90
CA ASN D 102 24.64 49.90 29.75
C ASN D 102 24.82 50.32 31.21
N VAL D 103 26.05 50.25 31.71
CA VAL D 103 26.39 50.65 33.09
C VAL D 103 26.01 52.11 33.43
N VAL D 104 26.31 53.04 32.51
CA VAL D 104 25.88 54.42 32.61
C VAL D 104 24.39 54.49 32.90
N TYR D 105 23.64 53.61 32.25
CA TYR D 105 22.21 53.53 32.41
C TYR D 105 21.85 52.78 33.71
N ARG D 106 22.55 51.70 34.02
CA ARG D 106 22.22 50.92 35.22
C ARG D 106 22.39 51.80 36.47
N LEU D 107 23.39 52.69 36.42
CA LEU D 107 23.69 53.70 37.44
C LEU D 107 22.69 54.84 37.47
N GLY D 108 21.74 54.84 36.54
CA GLY D 108 20.75 55.90 36.42
C GLY D 108 21.12 57.24 35.81
N PHE D 109 22.35 57.44 35.32
CA PHE D 109 22.71 58.77 34.75
C PHE D 109 21.81 59.08 33.55
N ALA D 110 21.33 58.02 32.90
CA ALA D 110 20.23 58.17 31.96
C ALA D 110 19.11 57.15 32.13
N VAL D 111 17.99 57.52 31.55
CA VAL D 111 16.72 56.92 31.74
C VAL D 111 16.49 55.73 30.80
N SER D 112 17.38 55.61 29.80
CA SER D 112 17.33 54.53 28.80
C SER D 112 18.75 54.14 28.38
N ARG D 113 18.86 53.08 27.58
CA ARG D 113 20.16 52.68 27.08
C ARG D 113 20.53 53.54 25.89
N ARG D 114 19.54 53.82 25.03
CA ARG D 114 19.78 54.68 23.86
C ARG D 114 20.17 56.10 24.29
N GLN D 115 19.47 56.65 25.29
CA GLN D 115 19.87 57.93 25.87
C GLN D 115 21.22 57.82 26.58
N ALA D 116 21.39 56.78 27.40
CA ALA D 116 22.70 56.52 28.01
C ALA D 116 23.84 56.51 27.00
N ARG D 117 23.65 55.82 25.88
CA ARG D 117 24.67 55.72 24.84
C ARG D 117 25.12 57.09 24.35
N GLN D 118 24.16 58.00 24.14
CA GLN D 118 24.48 59.39 23.73
C GLN D 118 25.35 60.16 24.71
N LEU D 119 25.05 60.05 26.00
CA LEU D 119 25.85 60.70 27.02
C LEU D 119 27.29 60.20 27.00
N VAL D 120 27.51 59.04 26.41
CA VAL D 120 28.85 58.46 26.39
C VAL D 120 29.65 58.97 25.19
N ARG D 121 28.97 58.97 24.05
CA ARG D 121 29.47 59.50 22.81
C ARG D 121 29.78 60.97 22.92
N HIS D 122 28.99 61.70 23.71
CA HIS D 122 29.15 63.16 23.82
C HIS D 122 30.03 63.64 24.98
N GLY D 123 30.95 62.81 25.43
CA GLY D 123 31.96 63.22 26.42
C GLY D 123 31.50 63.46 27.85
N HIS D 124 30.20 63.33 28.10
CA HIS D 124 29.60 63.54 29.44
C HIS D 124 30.01 62.50 30.47
N ILE D 125 30.74 61.46 30.08
CA ILE D 125 31.12 60.44 31.06
C ILE D 125 32.61 60.27 31.29
N THR D 126 32.98 59.94 32.53
CA THR D 126 34.36 59.58 32.86
C THR D 126 34.39 58.18 33.46
N VAL D 127 35.58 57.59 33.38
CA VAL D 127 35.86 56.34 34.04
C VAL D 127 37.16 56.61 34.78
N ASN D 128 37.14 56.49 36.09
CA ASN D 128 38.29 56.86 36.92
C ASN D 128 38.83 58.24 36.62
N GLY D 129 37.94 59.18 36.30
CA GLY D 129 38.34 60.58 36.12
C GLY D 129 38.65 60.89 34.69
N ARG D 130 39.53 60.10 34.08
CA ARG D 130 39.80 60.18 32.65
C ARG D 130 38.48 59.98 31.81
N ARG D 131 38.28 60.81 30.77
CA ARG D 131 37.07 60.77 29.91
C ARG D 131 37.08 59.58 28.95
N VAL D 132 35.90 59.12 28.55
CA VAL D 132 35.74 57.93 27.70
C VAL D 132 34.47 58.05 26.82
N ASP D 133 34.63 58.01 25.50
CA ASP D 133 33.45 58.15 24.64
C ASP D 133 33.11 56.89 23.82
N LEU D 134 33.36 55.71 24.41
CA LEU D 134 33.03 54.44 23.76
C LEU D 134 31.97 53.63 24.52
N PRO D 135 30.76 53.53 23.96
CA PRO D 135 29.62 52.74 24.47
C PRO D 135 30.03 51.32 24.72
N SER D 136 30.87 50.82 23.82
CA SER D 136 31.41 49.46 23.84
C SER D 136 32.50 49.28 24.88
N TYR D 137 33.02 50.37 25.44
CA TYR D 137 34.07 50.32 26.46
C TYR D 137 33.73 49.25 27.52
N ARG D 138 34.71 48.40 27.84
CA ARG D 138 34.49 47.35 28.82
C ARG D 138 34.82 47.85 30.21
N VAL D 139 33.80 47.93 31.08
CA VAL D 139 34.01 48.38 32.46
C VAL D 139 34.44 47.20 33.28
N ARG D 140 35.57 47.30 33.98
CA ARG D 140 36.00 46.23 34.90
C ARG D 140 35.72 46.60 36.34
N PRO D 141 35.79 45.61 37.25
CA PRO D 141 35.40 45.89 38.63
C PRO D 141 36.41 46.75 39.38
N GLY D 142 35.91 47.73 40.12
CA GLY D 142 36.74 48.72 40.79
C GLY D 142 36.71 50.04 40.06
N ASP D 143 36.13 50.04 38.87
CA ASP D 143 36.11 51.24 38.06
C ASP D 143 35.05 52.24 38.60
N GLU D 144 35.43 53.51 38.62
CA GLU D 144 34.54 54.56 39.05
C GLU D 144 33.97 55.29 37.84
N ILE D 145 32.65 55.42 37.80
CA ILE D 145 31.99 55.98 36.62
C ILE D 145 31.32 57.30 36.96
N ALA D 146 32.01 58.40 36.64
CA ALA D 146 31.57 59.75 37.02
C ALA D 146 30.74 60.40 35.94
N VAL D 147 29.88 61.34 36.33
CA VAL D 147 29.47 62.38 35.38
C VAL D 147 30.66 63.35 35.22
N ALA D 148 30.84 63.90 34.03
CA ALA D 148 31.95 64.81 33.79
C ALA D 148 31.63 66.15 34.43
N GLU D 149 32.49 66.61 35.33
CA GLU D 149 32.17 67.83 36.12
C GLU D 149 31.69 68.93 35.20
N LYS D 150 32.28 69.02 34.01
CA LYS D 150 31.85 70.01 33.02
C LYS D 150 30.41 69.83 32.56
N SER D 151 29.92 68.60 32.63
CA SER D 151 28.57 68.27 32.17
C SER D 151 27.56 68.30 33.30
N ARG D 152 28.07 68.40 34.54
CA ARG D 152 27.25 68.26 35.74
C ARG D 152 26.11 69.26 35.80
N ASN D 153 26.15 70.27 34.93
CA ASN D 153 25.19 71.36 34.93
C ASN D 153 23.85 71.11 34.25
N LEU D 154 23.88 70.45 33.08
CA LEU D 154 22.71 70.39 32.14
C LEU D 154 21.37 69.86 32.69
N GLU D 155 20.27 70.43 32.17
CA GLU D 155 18.92 70.14 32.71
C GLU D 155 18.69 68.64 32.85
N LEU D 156 19.35 67.86 31.97
CA LEU D 156 19.24 66.41 31.92
C LEU D 156 19.98 65.72 33.07
N ILE D 157 21.28 65.93 33.16
CA ILE D 157 22.07 65.39 34.26
C ILE D 157 21.39 65.69 35.58
N ARG D 158 20.94 66.94 35.75
CA ARG D 158 20.16 67.35 36.91
C ARG D 158 18.96 66.43 37.16
N GLN D 159 17.98 66.51 36.27
CA GLN D 159 16.72 65.78 36.39
C GLN D 159 16.87 64.29 36.74
N ASN D 160 17.71 63.59 35.97
CA ASN D 160 17.93 62.13 36.12
C ASN D 160 18.64 61.78 37.41
N LEU D 161 19.65 62.57 37.77
CA LEU D 161 20.41 62.33 38.97
C LEU D 161 19.61 62.69 40.19
N GLU D 162 18.67 63.62 40.01
CA GLU D 162 17.77 64.03 41.08
C GLU D 162 16.82 62.87 41.30
N ALA D 163 16.11 62.48 40.23
CA ALA D 163 15.26 61.29 40.22
C ALA D 163 15.84 60.08 41.00
N MET D 164 17.17 60.02 41.07
CA MET D 164 17.83 58.87 41.69
C MET D 164 17.86 58.99 43.18
N LYS D 165 17.61 60.20 43.71
CA LYS D 165 17.74 60.46 45.16
C LYS D 165 17.01 59.41 45.99
N GLY D 166 15.77 59.15 45.64
CA GLY D 166 15.05 58.07 46.31
C GLY D 166 15.56 56.67 45.99
N ARG D 167 15.98 56.47 44.74
CA ARG D 167 16.16 55.16 44.09
C ARG D 167 17.25 54.18 44.62
N LYS D 168 16.94 52.89 44.54
CA LYS D 168 17.86 51.81 44.91
C LYS D 168 18.62 51.34 43.69
N VAL D 169 19.79 50.73 43.90
CA VAL D 169 20.61 50.31 42.75
C VAL D 169 21.31 48.95 42.87
N GLY D 170 21.53 48.35 41.69
CA GLY D 170 22.15 47.04 41.48
C GLY D 170 23.04 46.50 42.58
N PRO D 171 22.73 45.27 43.05
CA PRO D 171 23.57 44.66 44.10
C PRO D 171 25.04 44.71 43.74
N TRP D 172 25.34 44.69 42.44
CA TRP D 172 26.73 44.61 41.92
C TRP D 172 27.32 46.02 41.65
N LEU D 173 26.46 47.03 41.80
CA LEU D 173 26.84 48.43 41.72
C LEU D 173 26.71 49.17 43.05
N SER D 174 27.32 50.36 43.09
CA SER D 174 27.11 51.33 44.16
C SER D 174 27.07 52.71 43.53
N LEU D 175 26.37 53.63 44.18
CA LEU D 175 26.11 54.93 43.58
C LEU D 175 26.01 56.04 44.62
N ASP D 176 27.07 56.84 44.74
CA ASP D 176 27.01 58.06 45.53
C ASP D 176 26.27 59.20 44.75
N VAL D 177 24.99 59.41 45.07
CA VAL D 177 24.10 60.35 44.36
C VAL D 177 24.56 61.81 44.32
N GLU D 178 24.97 62.32 45.49
CA GLU D 178 25.45 63.69 45.66
C GLU D 178 26.63 64.01 44.73
N GLY D 179 27.73 63.29 44.89
CA GLY D 179 28.92 63.46 44.02
C GLY D 179 28.83 62.88 42.60
N MET D 180 27.60 62.63 42.12
CA MET D 180 27.28 62.24 40.74
C MET D 180 28.16 61.14 40.14
N LYS D 181 28.35 60.05 40.88
CA LYS D 181 29.26 58.98 40.46
C LYS D 181 28.93 57.60 41.04
N GLY D 182 29.40 56.56 40.34
CA GLY D 182 29.14 55.16 40.72
C GLY D 182 30.38 54.28 40.70
N LYS D 183 30.27 53.13 41.36
CA LYS D 183 31.31 52.14 41.31
C LYS D 183 30.74 50.87 40.74
N PHE D 184 31.57 50.15 39.99
CA PHE D 184 31.22 48.87 39.40
C PHE D 184 31.92 47.82 40.27
N LEU D 185 31.12 47.21 41.16
CA LEU D 185 31.65 46.40 42.27
C LEU D 185 32.19 45.03 41.86
N ARG D 186 31.43 44.37 40.98
CA ARG D 186 31.65 43.00 40.54
C ARG D 186 30.79 42.77 39.29
N LEU D 187 31.12 41.76 38.47
CA LEU D 187 30.20 41.49 37.36
C LEU D 187 29.00 40.73 37.86
N PRO D 188 27.80 41.06 37.33
CA PRO D 188 26.56 40.49 37.84
C PRO D 188 26.49 38.97 37.71
N ASP D 189 25.91 38.38 38.74
CA ASP D 189 25.64 36.98 38.85
C ASP D 189 24.29 36.77 38.11
N ARG D 190 24.11 35.64 37.43
CA ARG D 190 22.91 35.46 36.61
C ARG D 190 21.69 35.94 37.41
N GLU D 191 21.66 35.53 38.69
CA GLU D 191 20.52 35.80 39.59
C GLU D 191 20.19 37.27 39.81
N ASP D 192 21.23 38.11 39.78
CA ASP D 192 21.13 39.57 39.97
C ASP D 192 20.32 40.21 38.86
N LEU D 193 20.33 39.61 37.67
CA LEU D 193 19.58 40.15 36.56
C LEU D 193 18.21 39.48 36.52
N ALA D 194 17.24 40.25 36.06
CA ALA D 194 15.88 39.79 35.91
C ALA D 194 15.45 39.88 34.45
N LEU D 195 16.28 39.34 33.57
CA LEU D 195 16.03 39.53 32.15
C LEU D 195 15.01 38.56 31.65
N PRO D 196 14.00 39.06 30.91
CA PRO D 196 12.84 38.31 30.33
C PRO D 196 13.28 37.33 29.24
N VAL D 197 14.33 36.56 29.55
CA VAL D 197 15.15 35.96 28.53
C VAL D 197 15.87 34.71 29.01
N ASN D 198 15.62 33.64 28.27
CA ASN D 198 16.21 32.33 28.50
C ASN D 198 17.48 32.13 27.69
N GLU D 199 18.63 32.35 28.31
CA GLU D 199 19.87 32.39 27.53
C GLU D 199 20.26 31.05 26.92
N GLN D 200 19.87 29.95 27.56
CA GLN D 200 20.22 28.62 27.05
C GLN D 200 19.74 28.42 25.64
N LEU D 201 18.58 29.01 25.34
CA LEU D 201 18.07 29.08 23.98
C LEU D 201 18.91 29.90 23.03
N VAL D 202 19.60 30.91 23.56
CA VAL D 202 20.41 31.76 22.69
C VAL D 202 21.61 30.94 22.31
N ILE D 203 22.31 30.40 23.30
CA ILE D 203 23.38 29.45 23.02
C ILE D 203 22.95 28.49 21.91
N GLU D 204 21.74 27.93 22.02
CA GLU D 204 21.21 26.98 21.05
C GLU D 204 21.11 27.57 19.65
N PHE D 205 20.65 28.80 19.53
CA PHE D 205 20.67 29.50 18.24
C PHE D 205 22.07 29.63 17.65
N TYR D 206 23.12 29.52 18.44
CA TYR D 206 24.46 29.58 17.85
C TYR D 206 25.11 28.21 17.85
N SER D 207 24.31 27.18 17.56
CA SER D 207 24.82 25.83 17.35
C SER D 207 24.84 25.55 15.87
N ARG D 208 23.66 25.41 15.27
CA ARG D 208 23.53 25.00 13.87
C ARG D 208 23.95 26.09 12.87
N ASP E 1 1.49 15.52 36.75
CA ASP E 1 1.57 16.06 35.36
C ASP E 1 3.00 16.26 34.83
N PHE E 2 3.30 15.59 33.71
CA PHE E 2 4.58 15.72 33.05
C PHE E 2 4.46 16.79 31.97
N GLU E 3 5.42 16.91 31.06
CA GLU E 3 5.39 18.08 30.18
C GLU E 3 4.81 17.93 28.81
N GLU E 4 5.20 16.91 28.04
CA GLU E 4 4.55 16.65 26.71
C GLU E 4 4.94 17.58 25.49
N LYS E 5 5.86 17.12 24.63
CA LYS E 5 6.11 17.79 23.33
C LYS E 5 5.85 16.87 22.11
N MET E 6 5.25 17.43 21.05
CA MET E 6 5.02 16.67 19.83
C MET E 6 6.17 16.89 18.88
N ILE E 7 6.92 15.81 18.73
CA ILE E 7 8.07 15.65 17.84
C ILE E 7 7.63 15.58 16.37
N LEU E 8 6.60 14.79 16.06
CA LEU E 8 6.23 14.46 14.67
C LEU E 8 4.72 14.25 14.48
N ILE E 9 4.16 14.94 13.48
CA ILE E 9 2.91 14.46 12.88
C ILE E 9 3.06 14.28 11.39
N ARG E 10 2.47 13.19 10.90
CA ARG E 10 2.44 12.87 9.48
C ARG E 10 1.07 12.38 9.06
N ARG E 11 0.78 12.52 7.77
CA ARG E 11 -0.42 11.93 7.19
C ARG E 11 -0.12 10.77 6.24
N THR E 12 -0.55 9.57 6.61
CA THR E 12 -0.31 8.41 5.77
C THR E 12 -1.57 8.21 4.97
N ALA E 13 -1.62 7.15 4.17
CA ALA E 13 -2.72 6.91 3.20
C ALA E 13 -2.75 5.47 2.70
N ARG E 14 -3.95 4.89 2.63
CA ARG E 14 -4.15 3.57 2.03
C ARG E 14 -5.11 3.71 0.87
N MET E 15 -5.23 2.66 0.07
CA MET E 15 -6.04 2.72 -1.10
C MET E 15 -7.27 1.86 -0.95
N GLN E 16 -8.35 2.38 -1.49
CA GLN E 16 -9.52 1.58 -1.63
C GLN E 16 -10.11 1.96 -3.01
N ALA E 17 -10.82 1.00 -3.60
CA ALA E 17 -11.74 1.27 -4.69
C ALA E 17 -12.08 2.76 -4.76
N GLY E 18 -11.86 3.43 -5.88
CA GLY E 18 -12.09 4.91 -5.98
C GLY E 18 -11.62 5.80 -4.79
N GLY E 19 -10.47 6.44 -4.91
CA GLY E 19 -9.88 7.21 -3.80
C GLY E 19 -8.94 6.56 -2.76
N ARG E 20 -8.08 7.42 -2.20
CA ARG E 20 -7.20 7.11 -1.05
C ARG E 20 -7.82 7.44 0.33
N ARG E 21 -7.29 6.84 1.39
CA ARG E 21 -7.90 7.03 2.71
C ARG E 21 -6.87 7.41 3.73
N PHE E 22 -6.94 8.69 4.11
CA PHE E 22 -5.93 9.27 4.97
C PHE E 22 -5.97 8.84 6.44
N ARG E 23 -4.79 8.81 7.08
CA ARG E 23 -4.61 8.64 8.54
C ARG E 23 -3.50 9.51 9.08
N PHE E 24 -3.49 9.70 10.40
CA PHE E 24 -2.47 10.53 10.99
C PHE E 24 -1.72 9.85 12.11
N GLY E 25 -0.40 10.06 12.12
CA GLY E 25 0.48 9.49 13.13
C GLY E 25 1.11 10.61 13.93
N ALA E 26 1.33 10.34 15.21
CA ALA E 26 1.83 11.36 16.14
C ALA E 26 2.91 10.80 17.06
N LEU E 27 4.08 11.44 16.99
CA LEU E 27 5.16 11.14 17.95
C LEU E 27 5.23 12.17 19.04
N VAL E 28 5.00 11.70 20.27
CA VAL E 28 4.93 12.59 21.44
C VAL E 28 5.77 12.10 22.62
N VAL E 29 6.49 13.06 23.21
CA VAL E 29 7.32 12.81 24.38
C VAL E 29 6.67 13.45 25.58
N VAL E 30 6.83 12.83 26.74
CA VAL E 30 6.34 13.41 27.98
C VAL E 30 7.45 13.24 29.01
N GLY E 31 7.61 14.28 29.82
CA GLY E 31 8.67 14.27 30.82
C GLY E 31 8.47 15.24 31.97
N ASP E 32 8.94 14.84 33.14
CA ASP E 32 8.89 15.67 34.34
C ASP E 32 10.14 16.53 34.48
N ARG E 33 10.96 16.58 33.44
CA ARG E 33 12.30 17.19 33.51
C ARG E 33 13.14 16.79 34.77
N GLN E 34 12.86 15.65 35.36
CA GLN E 34 13.67 15.23 36.49
C GLN E 34 13.92 13.75 36.40
N GLY E 35 14.39 13.32 35.23
CA GLY E 35 14.89 11.97 35.06
C GLY E 35 13.83 10.95 34.73
N ARG E 36 12.67 11.44 34.23
CA ARG E 36 11.56 10.59 33.75
C ARG E 36 10.96 11.02 32.39
N VAL E 37 11.24 10.24 31.34
CA VAL E 37 10.62 10.49 30.01
C VAL E 37 9.91 9.30 29.43
N GLY E 38 9.01 9.60 28.50
CA GLY E 38 8.28 8.59 27.74
C GLY E 38 8.01 8.97 26.29
N LEU E 39 8.12 7.96 25.42
CA LEU E 39 7.84 8.14 23.99
C LEU E 39 6.51 7.52 23.63
N GLY E 40 5.74 8.19 22.78
CA GLY E 40 4.43 7.64 22.42
C GLY E 40 4.10 7.75 20.96
N PHE E 41 3.77 6.62 20.32
CA PHE E 41 3.33 6.69 18.91
C PHE E 41 1.87 6.38 18.64
N GLY E 42 1.11 7.42 18.34
CA GLY E 42 -0.32 7.30 18.34
C GLY E 42 -0.86 7.64 16.96
N LYS E 43 -1.75 6.78 16.47
CA LYS E 43 -2.29 6.95 15.13
C LYS E 43 -3.80 6.96 15.18
N ALA E 44 -4.39 7.84 14.37
CA ALA E 44 -5.85 7.92 14.28
C ALA E 44 -6.38 8.70 13.06
N PRO E 45 -7.69 8.52 12.75
CA PRO E 45 -8.43 9.16 11.67
C PRO E 45 -8.24 10.64 11.67
N GLU E 46 -8.10 11.22 12.85
CA GLU E 46 -7.84 12.66 12.93
C GLU E 46 -6.67 13.07 13.88
N VAL E 47 -6.01 14.19 13.53
CA VAL E 47 -4.79 14.65 14.20
C VAL E 47 -4.90 14.66 15.73
N PRO E 48 -5.80 15.52 16.29
CA PRO E 48 -6.13 15.48 17.69
C PRO E 48 -6.24 14.10 18.31
N LEU E 49 -7.23 13.28 17.94
CA LEU E 49 -7.38 11.98 18.65
C LEU E 49 -6.05 11.21 18.58
N ALA E 50 -5.25 11.54 17.57
CA ALA E 50 -4.00 10.85 17.34
C ALA E 50 -2.99 11.34 18.35
N VAL E 51 -2.69 12.64 18.29
CA VAL E 51 -1.82 13.33 19.26
C VAL E 51 -2.17 12.88 20.66
N GLN E 52 -3.42 13.13 21.03
CA GLN E 52 -3.94 12.72 22.31
C GLN E 52 -3.64 11.26 22.61
N LYS E 53 -3.87 10.39 21.64
CA LYS E 53 -3.63 8.95 21.79
C LYS E 53 -2.15 8.69 22.06
N ALA E 54 -1.28 9.45 21.38
CA ALA E 54 0.15 9.38 21.64
C ALA E 54 0.45 9.60 23.13
N GLY E 55 0.12 10.84 23.59
CA GLY E 55 0.10 11.21 25.02
C GLY E 55 -0.12 9.98 25.89
N TYR E 56 -1.30 9.40 25.75
CA TYR E 56 -1.68 8.22 26.51
C TYR E 56 -0.63 7.11 26.47
N TYR E 57 -0.07 6.82 25.29
CA TYR E 57 0.87 5.68 25.21
C TYR E 57 2.23 6.07 25.76
N ALA E 58 2.58 7.35 25.58
CA ALA E 58 3.83 7.89 26.12
C ALA E 58 3.90 7.62 27.62
N ARG E 59 2.84 8.00 28.35
CA ARG E 59 2.84 7.85 29.81
C ARG E 59 2.84 6.40 30.26
N ARG E 60 2.41 5.49 29.38
CA ARG E 60 2.41 4.08 29.73
C ARG E 60 3.79 3.47 29.46
N ASN E 61 4.67 4.22 28.80
CA ASN E 61 6.02 3.74 28.41
C ASN E 61 7.18 4.70 28.86
N MET E 62 7.76 4.43 30.04
CA MET E 62 8.55 5.44 30.77
C MET E 62 9.96 4.99 31.14
N VAL E 63 10.92 5.91 31.25
CA VAL E 63 12.30 5.48 31.63
C VAL E 63 13.07 6.18 32.84
N GLU E 64 13.74 5.34 33.67
CA GLU E 64 14.78 5.77 34.66
C GLU E 64 15.87 6.55 33.95
N VAL E 65 15.84 7.87 33.96
CA VAL E 65 17.00 8.56 33.37
C VAL E 65 17.95 9.08 34.42
N PRO E 66 19.05 8.33 34.68
CA PRO E 66 19.88 8.66 35.84
C PRO E 66 20.78 9.87 35.62
N LEU E 67 20.17 11.05 35.45
CA LEU E 67 20.90 12.32 35.53
C LEU E 67 21.96 12.33 36.63
N GLN E 68 23.05 13.04 36.37
CA GLN E 68 24.13 13.20 37.29
C GLN E 68 24.53 14.63 37.09
N ASN E 69 23.57 15.52 37.41
CA ASN E 69 23.74 16.96 37.25
C ASN E 69 23.82 17.26 35.76
N GLY E 70 22.66 17.61 35.19
CA GLY E 70 22.55 18.03 33.78
C GLY E 70 22.80 16.98 32.72
N THR E 71 23.67 16.00 33.04
CA THR E 71 24.22 15.08 32.05
C THR E 71 24.00 13.62 32.41
N ILE E 72 24.50 12.73 31.57
CA ILE E 72 24.32 11.29 31.73
C ILE E 72 25.62 10.68 32.19
N PRO E 73 25.52 9.53 32.89
CA PRO E 73 26.64 8.80 33.48
C PRO E 73 27.81 8.65 32.53
N HIS E 74 27.55 8.22 31.31
CA HIS E 74 28.62 7.80 30.42
C HIS E 74 28.13 7.87 28.98
N GLU E 75 28.98 7.47 28.03
CA GLU E 75 28.64 7.48 26.60
C GLU E 75 27.86 6.22 26.29
N ILE E 76 26.95 6.29 25.32
CA ILE E 76 26.28 5.11 24.78
C ILE E 76 26.11 5.38 23.31
N GLU E 77 26.22 4.32 22.52
CA GLU E 77 25.65 4.30 21.17
C GLU E 77 24.57 3.21 21.09
N VAL E 78 23.46 3.54 20.45
CA VAL E 78 22.43 2.53 20.26
C VAL E 78 22.01 2.46 18.81
N GLU E 79 21.94 1.24 18.30
CA GLU E 79 21.39 1.09 16.97
C GLU E 79 19.92 0.74 17.04
N PHE E 80 19.12 1.40 16.22
CA PHE E 80 17.73 0.96 16.05
C PHE E 80 17.35 0.87 14.57
N GLY E 81 17.35 -0.37 14.09
CA GLY E 81 17.33 -0.65 12.66
C GLY E 81 18.55 -0.09 11.96
N ALA E 82 18.30 0.85 11.05
CA ALA E 82 19.42 1.49 10.35
C ALA E 82 19.74 2.79 11.04
N SER E 83 18.98 3.11 12.08
CA SER E 83 19.21 4.32 12.82
C SER E 83 20.16 4.14 14.00
N LYS E 84 21.04 5.12 14.18
CA LYS E 84 22.00 5.05 15.25
C LYS E 84 22.08 6.41 15.93
N ILE E 85 22.29 6.37 17.23
CA ILE E 85 22.45 7.58 18.02
C ILE E 85 23.69 7.45 18.90
N VAL E 86 24.48 8.51 18.96
CA VAL E 86 25.48 8.53 20.02
C VAL E 86 25.16 9.63 21.01
N LEU E 87 25.28 9.22 22.26
CA LEU E 87 25.07 10.11 23.36
C LEU E 87 26.42 10.31 24.10
N LYS E 88 26.78 11.56 24.37
CA LYS E 88 28.01 11.88 25.13
C LYS E 88 27.82 12.87 26.32
N PRO E 89 28.42 12.52 27.46
CA PRO E 89 28.39 13.39 28.64
C PRO E 89 29.09 14.72 28.38
N ALA E 90 28.54 15.79 28.93
CA ALA E 90 29.20 17.10 28.90
C ALA E 90 29.15 17.84 30.22
N ALA E 91 30.26 18.49 30.56
CA ALA E 91 30.30 19.47 31.63
C ALA E 91 29.28 20.57 31.36
N PRO E 92 28.63 21.05 32.44
CA PRO E 92 27.67 22.15 32.50
C PRO E 92 28.20 23.34 31.77
N GLY E 93 27.32 24.06 31.09
CA GLY E 93 27.68 25.22 30.27
C GLY E 93 27.49 24.97 28.79
N THR E 94 27.45 23.69 28.43
CA THR E 94 27.39 23.24 27.02
C THR E 94 25.97 23.36 26.43
N GLY E 95 25.01 22.80 27.14
CA GLY E 95 23.66 22.62 26.60
C GLY E 95 23.36 21.23 26.07
N VAL E 96 22.15 21.09 25.54
CA VAL E 96 21.76 19.92 24.80
C VAL E 96 22.08 20.26 23.37
N ILE E 97 23.19 19.72 22.88
CA ILE E 97 23.48 19.91 21.47
C ILE E 97 23.11 18.64 20.69
N ALA E 98 21.87 18.66 20.19
CA ALA E 98 21.25 17.50 19.56
C ALA E 98 20.36 17.92 18.42
N GLY E 99 19.91 16.92 17.67
CA GLY E 99 18.93 17.18 16.62
C GLY E 99 17.56 17.30 17.24
N ALA E 100 16.63 17.92 16.52
CA ALA E 100 15.28 18.20 17.06
C ALA E 100 14.69 16.98 17.76
N VAL E 101 14.87 15.80 17.20
CA VAL E 101 14.26 14.62 17.78
C VAL E 101 14.88 14.31 19.14
N PRO E 102 16.17 13.98 19.18
CA PRO E 102 16.53 13.65 20.54
C PRO E 102 16.63 14.89 21.44
N ARG E 103 16.61 16.10 20.90
CA ARG E 103 16.72 17.25 21.79
C ARG E 103 15.52 17.18 22.70
N ALA E 104 14.35 17.33 22.09
CA ALA E 104 13.05 17.04 22.69
C ALA E 104 13.09 15.95 23.74
N ILE E 105 13.72 14.82 23.49
CA ILE E 105 13.64 13.72 24.46
C ILE E 105 14.56 13.96 25.65
N LEU E 106 15.78 14.34 25.33
CA LEU E 106 16.74 14.72 26.35
C LEU E 106 16.20 15.86 27.23
N GLU E 107 15.78 16.98 26.61
CA GLU E 107 15.28 18.12 27.37
C GLU E 107 14.21 17.75 28.40
N LEU E 108 13.30 16.86 28.03
CA LEU E 108 12.24 16.52 28.95
C LEU E 108 12.64 15.44 29.97
N ALA E 109 13.80 14.80 29.84
CA ALA E 109 14.31 14.07 31.01
C ALA E 109 15.13 15.01 31.92
N GLY E 110 15.12 16.29 31.57
CA GLY E 110 15.94 17.26 32.27
C GLY E 110 17.40 16.91 32.16
N VAL E 111 17.81 16.66 30.93
CA VAL E 111 19.20 16.63 30.57
C VAL E 111 19.44 18.05 30.08
N THR E 112 20.55 18.64 30.50
CA THR E 112 20.89 20.01 30.05
C THR E 112 22.25 20.14 29.42
N ASP E 113 23.09 19.13 29.60
CA ASP E 113 24.42 19.11 28.99
C ASP E 113 24.76 17.71 28.47
N ILE E 114 24.72 17.61 27.15
CA ILE E 114 24.85 16.34 26.43
C ILE E 114 25.37 16.66 25.02
N LEU E 115 26.24 15.79 24.51
CA LEU E 115 26.64 15.86 23.10
C LEU E 115 26.12 14.63 22.33
N THR E 116 25.41 14.86 21.23
CA THR E 116 24.77 13.78 20.46
C THR E 116 25.26 13.69 19.01
N LYS E 117 25.13 12.52 18.39
CA LYS E 117 25.23 12.46 16.92
C LYS E 117 24.22 11.51 16.32
N GLU E 118 23.53 11.94 15.27
CA GLU E 118 22.63 11.03 14.56
C GLU E 118 23.43 10.32 13.44
N LEU E 119 23.41 9.01 13.46
CA LEU E 119 24.15 8.28 12.44
C LEU E 119 23.25 7.29 11.73
N GLY E 120 23.67 6.78 10.58
CA GLY E 120 22.80 5.88 9.85
C GLY E 120 21.56 6.52 9.23
N SER E 121 20.42 5.87 9.41
CA SER E 121 19.16 6.37 8.88
C SER E 121 18.72 7.44 9.81
N ARG E 122 18.34 8.60 9.26
CA ARG E 122 17.85 9.66 10.11
C ARG E 122 16.31 9.68 10.29
N ASN E 123 15.65 8.56 10.01
CA ASN E 123 14.22 8.53 10.15
C ASN E 123 13.79 8.75 11.60
N PRO E 124 13.04 9.84 11.84
CA PRO E 124 12.62 10.35 13.14
C PRO E 124 12.15 9.25 14.02
N ILE E 125 11.14 8.51 13.58
CA ILE E 125 10.59 7.47 14.41
C ILE E 125 11.72 6.64 15.01
N ASN E 126 12.61 6.10 14.16
CA ASN E 126 13.63 5.18 14.69
C ASN E 126 14.75 5.83 15.50
N ILE E 127 15.12 7.05 15.10
CA ILE E 127 16.01 7.87 15.92
C ILE E 127 15.41 8.05 17.32
N ALA E 128 14.13 8.45 17.38
CA ALA E 128 13.47 8.58 18.66
C ALA E 128 13.52 7.25 19.39
N TYR E 129 13.06 6.18 18.78
CA TYR E 129 13.17 4.87 19.44
C TYR E 129 14.59 4.49 19.91
N ALA E 130 15.62 4.80 19.12
CA ALA E 130 17.01 4.52 19.58
C ALA E 130 17.36 5.32 20.82
N THR E 131 17.19 6.65 20.74
CA THR E 131 17.34 7.53 21.89
C THR E 131 16.74 6.93 23.16
N MET E 132 15.46 6.57 23.14
CA MET E 132 14.88 5.91 24.30
C MET E 132 15.64 4.65 24.70
N GLU E 133 15.91 3.78 23.74
CA GLU E 133 16.64 2.57 24.10
C GLU E 133 17.97 2.90 24.71
N ALA E 134 18.58 3.99 24.22
CA ALA E 134 19.87 4.43 24.71
C ALA E 134 19.77 4.83 26.19
N LEU E 135 18.84 5.73 26.50
CA LEU E 135 18.59 6.14 27.88
C LEU E 135 18.25 4.91 28.72
N ARG E 136 17.32 4.10 28.22
CA ARG E 136 16.90 2.90 28.93
C ARG E 136 18.08 1.98 29.26
N GLN E 137 19.22 2.26 28.62
CA GLN E 137 20.38 1.41 28.71
C GLN E 137 21.54 1.92 29.62
N LEU E 138 21.43 3.20 30.03
CA LEU E 138 22.38 3.85 30.94
C LEU E 138 22.37 3.23 32.33
N ARG E 139 23.57 2.94 32.83
CA ARG E 139 23.78 2.49 34.21
C ARG E 139 24.59 3.54 34.91
N THR E 140 24.70 3.40 36.24
CA THR E 140 25.55 4.29 37.04
C THR E 140 26.51 3.51 37.90
N LYS E 141 27.47 4.24 38.48
CA LYS E 141 28.52 3.65 39.30
C LYS E 141 27.86 2.62 40.20
N ALA E 142 26.82 3.05 40.93
CA ALA E 142 26.03 2.20 41.80
C ALA E 142 25.62 0.86 41.15
N ASP E 143 24.88 0.95 40.04
CA ASP E 143 24.26 -0.24 39.43
C ASP E 143 25.35 -1.23 39.04
N VAL E 144 26.41 -0.71 38.42
CA VAL E 144 27.53 -1.54 38.07
C VAL E 144 28.07 -2.29 39.28
N GLU E 145 28.23 -1.54 40.37
CA GLU E 145 28.78 -2.06 41.63
C GLU E 145 27.92 -3.20 42.13
N ARG E 146 26.61 -2.99 42.09
CA ARG E 146 25.65 -4.00 42.50
C ARG E 146 25.82 -5.25 41.64
N LEU E 147 25.90 -5.03 40.33
CA LEU E 147 26.00 -6.12 39.36
C LEU E 147 27.21 -7.00 39.59
N ARG E 148 28.36 -6.35 39.80
CA ARG E 148 29.61 -7.05 39.96
C ARG E 148 29.95 -7.62 41.34
N LYS E 149 29.39 -7.07 42.43
CA LYS E 149 29.54 -7.65 43.79
C LYS E 149 29.22 -9.16 43.82
N GLY E 150 28.00 -9.50 43.40
CA GLY E 150 27.56 -10.90 43.32
C GLY E 150 26.74 -11.40 44.49
N MET F 1 47.36 -59.79 -10.02
CA MET F 1 46.44 -60.56 -10.90
C MET F 1 45.19 -61.08 -10.14
N ARG F 2 44.01 -60.65 -10.61
CA ARG F 2 42.75 -60.77 -9.84
C ARG F 2 41.77 -61.82 -10.37
N ARG F 3 40.68 -61.98 -9.61
CA ARG F 3 39.65 -63.02 -9.84
C ARG F 3 38.41 -62.50 -10.60
N TYR F 4 38.03 -63.20 -11.67
CA TYR F 4 36.93 -62.81 -12.53
C TYR F 4 35.90 -63.93 -12.74
N GLU F 5 34.77 -63.60 -13.36
CA GLU F 5 33.80 -64.58 -13.88
C GLU F 5 33.59 -64.41 -15.39
N VAL F 6 34.01 -65.41 -16.17
CA VAL F 6 33.77 -65.40 -17.61
C VAL F 6 32.41 -66.00 -17.96
N ASN F 7 31.48 -65.20 -18.49
CA ASN F 7 30.26 -65.77 -19.04
C ASN F 7 30.39 -65.93 -20.54
N ILE F 8 30.02 -67.11 -21.04
CA ILE F 8 29.82 -67.28 -22.46
C ILE F 8 28.48 -67.89 -22.77
N VAL F 9 27.78 -67.25 -23.71
CA VAL F 9 26.63 -67.84 -24.33
C VAL F 9 27.04 -68.36 -25.72
N LEU F 10 26.77 -69.65 -25.94
CA LEU F 10 27.10 -70.38 -27.17
C LEU F 10 25.87 -70.70 -27.97
N ASN F 11 26.10 -70.87 -29.26
CA ASN F 11 25.06 -71.34 -30.19
C ASN F 11 24.36 -72.62 -29.70
N PRO F 12 23.01 -72.60 -29.63
CA PRO F 12 22.34 -73.78 -29.04
C PRO F 12 22.13 -75.01 -29.98
N ASN F 13 22.64 -74.95 -31.21
CA ASN F 13 22.49 -76.05 -32.18
C ASN F 13 23.82 -76.74 -32.51
N LEU F 14 24.39 -77.43 -31.54
CA LEU F 14 25.69 -78.04 -31.76
C LEU F 14 25.71 -79.47 -31.28
N ASP F 15 26.26 -80.34 -32.12
CA ASP F 15 26.47 -81.72 -31.71
C ASP F 15 27.73 -81.81 -30.87
N GLN F 16 27.82 -82.85 -30.06
CA GLN F 16 28.93 -83.03 -29.11
C GLN F 16 30.29 -82.58 -29.64
N SER F 17 30.52 -82.78 -30.93
CA SER F 17 31.79 -82.43 -31.55
C SER F 17 31.97 -80.93 -31.76
N GLN F 18 31.06 -80.28 -32.49
CA GLN F 18 31.15 -78.82 -32.74
C GLN F 18 31.10 -78.05 -31.42
N LEU F 19 30.30 -78.57 -30.48
CA LEU F 19 30.17 -78.02 -29.13
C LEU F 19 31.47 -78.09 -28.36
N ALA F 20 31.97 -79.31 -28.13
CA ALA F 20 33.19 -79.49 -27.35
C ALA F 20 34.45 -79.04 -28.11
N LEU F 21 34.31 -78.75 -29.41
CA LEU F 21 35.39 -78.10 -30.17
C LEU F 21 35.51 -76.65 -29.73
N GLU F 22 34.38 -75.93 -29.68
CA GLU F 22 34.35 -74.57 -29.16
C GLU F 22 35.00 -74.51 -27.78
N LYS F 23 34.50 -75.34 -26.85
CA LYS F 23 35.01 -75.40 -25.46
C LYS F 23 36.51 -75.52 -25.38
N GLU F 24 37.08 -76.51 -26.06
CA GLU F 24 38.54 -76.61 -26.10
C GLU F 24 39.20 -75.39 -26.75
N ILE F 25 38.54 -74.77 -27.75
CA ILE F 25 39.04 -73.50 -28.34
C ILE F 25 39.06 -72.41 -27.26
N ILE F 26 38.14 -72.55 -26.31
CA ILE F 26 38.00 -71.63 -25.19
C ILE F 26 39.06 -71.91 -24.10
N GLN F 27 39.12 -73.15 -23.62
CA GLN F 27 40.10 -73.53 -22.60
C GLN F 27 41.48 -73.12 -23.11
N ARG F 28 41.70 -73.20 -24.43
CA ARG F 28 42.96 -72.79 -25.05
C ARG F 28 43.24 -71.32 -24.76
N ALA F 29 42.46 -70.46 -25.42
CA ALA F 29 42.48 -69.01 -25.19
C ALA F 29 42.69 -68.64 -23.71
N LEU F 30 41.79 -69.12 -22.84
CA LEU F 30 41.88 -68.96 -21.39
C LEU F 30 43.27 -69.18 -20.79
N GLU F 31 43.85 -70.35 -21.08
CA GLU F 31 45.20 -70.66 -20.65
C GLU F 31 46.17 -69.65 -21.26
N ASN F 32 46.20 -69.63 -22.58
CA ASN F 32 47.01 -68.69 -23.35
C ASN F 32 47.06 -67.26 -22.87
N TYR F 33 46.06 -66.85 -22.09
CA TYR F 33 45.97 -65.46 -21.58
C TYR F 33 46.39 -65.25 -20.12
N GLY F 34 46.49 -66.34 -19.37
CA GLY F 34 47.01 -66.29 -18.01
C GLY F 34 46.04 -66.81 -16.98
N ALA F 35 44.91 -67.34 -17.44
CA ALA F 35 43.83 -67.71 -16.55
C ALA F 35 43.86 -69.16 -16.09
N ARG F 36 44.24 -69.33 -14.83
CA ARG F 36 43.97 -70.59 -14.16
C ARG F 36 42.48 -70.58 -13.81
N VAL F 37 41.89 -71.75 -13.62
CA VAL F 37 40.44 -71.87 -13.48
C VAL F 37 40.03 -72.41 -12.12
N GLU F 38 39.51 -71.58 -11.22
CA GLU F 38 38.78 -72.12 -10.07
C GLU F 38 37.51 -72.81 -10.58
N LYS F 39 36.43 -72.81 -9.80
CA LYS F 39 35.11 -73.38 -10.22
C LYS F 39 34.67 -73.29 -11.72
N VAL F 40 33.77 -74.20 -12.11
CA VAL F 40 33.08 -74.15 -13.40
C VAL F 40 31.58 -74.54 -13.24
N GLU F 41 30.77 -74.21 -14.25
CA GLU F 41 29.34 -74.48 -14.26
C GLU F 41 28.81 -74.42 -15.69
N GLU F 42 28.86 -75.55 -16.40
CA GLU F 42 28.19 -75.66 -17.71
C GLU F 42 26.70 -75.88 -17.48
N LEU F 43 25.90 -74.84 -17.70
CA LEU F 43 24.44 -74.92 -17.58
C LEU F 43 23.77 -75.06 -18.94
N GLY F 44 24.62 -75.08 -19.97
CA GLY F 44 24.21 -75.25 -21.34
C GLY F 44 22.91 -74.58 -21.79
N LEU F 45 21.92 -75.41 -22.05
CA LEU F 45 20.74 -74.91 -22.71
C LEU F 45 19.89 -74.12 -21.73
N ARG F 46 19.65 -72.86 -22.06
CA ARG F 46 18.67 -72.05 -21.36
C ARG F 46 17.88 -71.22 -22.36
N ARG F 47 16.61 -70.96 -22.04
CA ARG F 47 15.71 -70.23 -22.94
C ARG F 47 15.78 -68.71 -22.78
N LEU F 48 16.42 -68.05 -23.74
CA LEU F 48 16.61 -66.60 -23.70
C LEU F 48 15.32 -65.82 -23.58
N ALA F 49 15.35 -64.74 -22.82
CA ALA F 49 14.14 -63.93 -22.61
C ALA F 49 13.87 -62.98 -23.80
N TYR F 50 14.77 -63.00 -24.78
CA TYR F 50 14.58 -62.35 -26.06
C TYR F 50 15.54 -63.03 -27.04
N PRO F 51 15.17 -63.11 -28.33
CA PRO F 51 16.00 -63.82 -29.33
C PRO F 51 17.42 -63.26 -29.53
N ILE F 52 18.44 -64.07 -29.25
CA ILE F 52 19.82 -63.67 -29.51
C ILE F 52 20.33 -64.35 -30.76
N ALA F 53 20.82 -63.55 -31.70
CA ALA F 53 21.18 -63.99 -33.06
C ALA F 53 20.07 -64.89 -33.63
N LYS F 54 18.86 -64.32 -33.70
CA LYS F 54 17.68 -64.98 -34.27
C LYS F 54 17.17 -66.22 -33.50
N ASP F 55 17.92 -66.66 -32.48
CA ASP F 55 17.62 -67.92 -31.79
C ASP F 55 16.90 -67.76 -30.44
N PRO F 56 15.75 -68.41 -30.27
CA PRO F 56 14.98 -68.44 -29.01
C PRO F 56 15.69 -69.03 -27.80
N GLN F 57 16.93 -69.50 -27.98
CA GLN F 57 17.71 -70.08 -26.88
C GLN F 57 19.20 -69.86 -27.02
N GLY F 58 19.94 -70.23 -25.97
CA GLY F 58 21.40 -70.11 -25.97
C GLY F 58 22.01 -71.08 -24.98
N TYR F 59 23.26 -71.42 -25.25
CA TYR F 59 24.02 -72.39 -24.46
C TYR F 59 24.99 -71.67 -23.51
N PHE F 60 24.85 -71.92 -22.21
CA PHE F 60 25.56 -71.16 -21.17
C PHE F 60 26.78 -71.83 -20.55
N LEU F 61 27.94 -71.22 -20.79
CA LEU F 61 29.18 -71.52 -20.05
C LEU F 61 29.39 -70.58 -18.86
N TRP F 62 30.22 -70.98 -17.88
CA TRP F 62 30.59 -70.10 -16.74
C TRP F 62 31.84 -70.51 -16.01
N TYR F 63 32.94 -69.87 -16.34
CA TYR F 63 34.15 -70.13 -15.60
C TYR F 63 34.27 -69.16 -14.44
N GLN F 64 34.94 -69.60 -13.37
CA GLN F 64 35.54 -68.69 -12.39
C GLN F 64 37.05 -68.75 -12.55
N VAL F 65 37.70 -67.60 -12.63
CA VAL F 65 39.13 -67.61 -12.94
C VAL F 65 39.93 -66.51 -12.24
N GLU F 66 41.19 -66.82 -11.95
CA GLU F 66 42.17 -65.80 -11.63
C GLU F 66 43.04 -65.55 -12.89
N MET F 67 43.33 -64.28 -13.16
CA MET F 67 44.20 -63.94 -14.30
C MET F 67 44.78 -62.54 -14.18
N PRO F 68 45.77 -62.21 -15.03
CA PRO F 68 46.37 -60.88 -14.95
C PRO F 68 45.46 -59.77 -15.51
N GLU F 69 45.09 -58.84 -14.64
CA GLU F 69 44.12 -57.78 -14.94
C GLU F 69 44.28 -57.08 -16.31
N ASP F 70 45.50 -56.98 -16.81
CA ASP F 70 45.79 -56.18 -17.99
C ASP F 70 45.53 -56.97 -19.24
N ARG F 71 45.24 -58.25 -19.09
CA ARG F 71 45.01 -59.12 -20.23
C ARG F 71 43.51 -59.37 -20.38
N VAL F 72 42.76 -59.15 -19.31
CA VAL F 72 41.31 -59.44 -19.27
C VAL F 72 40.53 -58.85 -20.43
N ASN F 73 40.90 -57.66 -20.91
CA ASN F 73 40.21 -57.10 -22.08
C ASN F 73 40.63 -57.86 -23.30
N ASP F 74 41.95 -57.95 -23.47
CA ASP F 74 42.55 -58.63 -24.60
C ASP F 74 42.13 -60.11 -24.76
N LEU F 75 41.80 -60.77 -23.65
CA LEU F 75 41.30 -62.15 -23.69
C LEU F 75 39.91 -62.19 -24.31
N ALA F 76 39.01 -61.36 -23.76
CA ALA F 76 37.60 -61.41 -24.11
C ALA F 76 37.40 -60.87 -25.50
N ARG F 77 38.28 -59.96 -25.90
CA ARG F 77 38.39 -59.53 -27.28
C ARG F 77 38.45 -60.80 -28.13
N GLU F 78 39.57 -61.51 -27.99
CA GLU F 78 39.86 -62.78 -28.69
C GLU F 78 38.78 -63.87 -28.51
N LEU F 79 38.49 -64.18 -27.24
CA LEU F 79 37.47 -65.13 -26.87
C LEU F 79 36.26 -65.06 -27.77
N ARG F 80 35.93 -63.88 -28.31
CA ARG F 80 34.70 -63.72 -29.09
C ARG F 80 34.79 -63.62 -30.64
N ILE F 81 35.99 -63.84 -31.18
CA ILE F 81 36.18 -63.84 -32.65
C ILE F 81 35.40 -64.99 -33.34
N ARG F 82 35.10 -66.03 -32.57
CA ARG F 82 34.21 -67.14 -32.98
C ARG F 82 32.76 -66.72 -33.25
N ASP F 83 32.05 -67.55 -34.00
CA ASP F 83 30.66 -67.26 -34.42
C ASP F 83 29.64 -67.89 -33.51
N ASN F 84 30.03 -68.96 -32.84
CA ASN F 84 29.09 -69.69 -32.00
C ASN F 84 29.19 -69.16 -30.59
N VAL F 85 30.21 -68.31 -30.46
CA VAL F 85 30.36 -67.38 -29.35
C VAL F 85 29.48 -66.16 -29.66
N ARG F 86 28.44 -66.06 -28.86
CA ARG F 86 27.41 -65.05 -29.04
C ARG F 86 27.47 -63.93 -28.00
N ARG F 87 27.84 -64.28 -26.77
CA ARG F 87 28.12 -63.27 -25.76
C ARG F 87 29.37 -63.64 -25.00
N VAL F 88 30.21 -62.65 -24.75
CA VAL F 88 31.25 -62.80 -23.77
C VAL F 88 30.99 -61.70 -22.75
N MET F 89 30.71 -62.06 -21.51
CA MET F 89 30.60 -61.07 -20.47
C MET F 89 31.48 -61.43 -19.29
N VAL F 90 32.55 -60.66 -19.08
CA VAL F 90 33.57 -60.94 -18.05
C VAL F 90 33.49 -59.94 -16.91
N VAL F 91 33.33 -60.44 -15.70
CA VAL F 91 32.95 -59.61 -14.60
C VAL F 91 33.89 -59.82 -13.41
N LYS F 92 34.32 -58.73 -12.78
CA LYS F 92 35.14 -58.80 -11.56
C LYS F 92 34.33 -59.50 -10.47
N SER F 93 34.94 -60.51 -9.82
CA SER F 93 34.23 -61.39 -8.89
C SER F 93 33.87 -60.60 -7.68
N GLN F 94 32.87 -61.03 -6.92
CA GLN F 94 32.31 -60.17 -5.88
C GLN F 94 31.60 -60.84 -4.70
N GLU F 95 32.03 -60.41 -3.51
CA GLU F 95 31.39 -60.76 -2.24
C GLU F 95 29.86 -60.80 -2.40
N PRO F 96 29.22 -61.84 -1.87
CA PRO F 96 27.84 -61.95 -2.26
C PRO F 96 26.86 -61.22 -1.34
N PHE F 97 26.88 -59.89 -1.35
CA PHE F 97 25.82 -59.05 -0.71
C PHE F 97 24.40 -59.67 -0.70
N LEU F 98 23.72 -59.75 0.46
CA LEU F 98 22.41 -60.40 0.49
C LEU F 98 21.32 -59.72 1.29
N ALA F 99 20.07 -60.13 1.07
CA ALA F 99 18.95 -59.56 1.80
C ALA F 99 18.23 -60.66 2.58
N ASN F 100 17.34 -60.27 3.49
CA ASN F 100 16.43 -61.21 4.20
C ASN F 100 17.07 -62.36 4.99
N ALA F 101 17.27 -62.15 6.29
CA ALA F 101 17.98 -63.09 7.16
C ALA F 101 19.44 -63.29 6.69
N ALA G 1 -31.93 -18.70 -13.93
CA ALA G 1 -31.75 -19.99 -13.18
C ALA G 1 -30.36 -20.26 -12.58
N ARG G 2 -29.67 -19.19 -12.17
CA ARG G 2 -28.41 -19.39 -11.49
C ARG G 2 -28.51 -20.17 -10.15
N ARG G 3 -29.47 -19.83 -9.29
CA ARG G 3 -29.62 -20.45 -7.95
C ARG G 3 -30.22 -21.85 -7.93
N ARG G 4 -31.40 -21.97 -8.54
CA ARG G 4 -32.33 -23.07 -8.31
C ARG G 4 -32.39 -24.05 -9.49
N ARG G 5 -33.32 -25.00 -9.41
CA ARG G 5 -33.68 -25.81 -10.58
C ARG G 5 -35.01 -25.41 -11.24
N ALA G 6 -35.78 -24.55 -10.57
CA ALA G 6 -37.11 -24.09 -11.04
C ALA G 6 -38.14 -25.24 -11.21
N GLU G 7 -39.24 -25.18 -10.47
CA GLU G 7 -40.23 -26.25 -10.55
C GLU G 7 -40.95 -26.16 -11.88
N VAL G 8 -41.11 -27.31 -12.52
CA VAL G 8 -41.96 -27.46 -13.69
C VAL G 8 -43.32 -26.88 -13.33
N ARG G 9 -43.61 -25.66 -13.81
CA ARG G 9 -44.86 -24.97 -13.46
C ARG G 9 -46.07 -25.90 -13.69
N GLN G 10 -46.89 -26.11 -12.67
CA GLN G 10 -47.92 -27.18 -12.71
C GLN G 10 -49.27 -26.69 -13.21
N LEU G 11 -49.82 -27.38 -14.19
CA LEU G 11 -50.99 -26.89 -14.93
C LEU G 11 -52.36 -27.36 -14.45
N GLN G 12 -53.39 -26.58 -14.79
CA GLN G 12 -54.78 -26.82 -14.36
C GLN G 12 -55.55 -27.79 -15.28
N PRO G 13 -55.87 -29.03 -14.81
CA PRO G 13 -56.50 -30.08 -15.64
C PRO G 13 -57.57 -29.63 -16.63
N ASP G 14 -57.63 -30.33 -17.76
CA ASP G 14 -58.57 -29.97 -18.81
C ASP G 14 -59.97 -30.13 -18.29
N LEU G 15 -60.69 -29.02 -18.27
CA LEU G 15 -62.06 -28.97 -17.80
C LEU G 15 -63.06 -29.64 -18.76
N VAL G 16 -62.62 -30.66 -19.52
CA VAL G 16 -63.45 -31.28 -20.58
C VAL G 16 -62.96 -32.66 -21.03
N TYR G 17 -61.73 -33.04 -20.68
CA TYR G 17 -61.21 -34.39 -20.96
C TYR G 17 -60.43 -34.77 -19.75
N GLY G 18 -60.11 -33.73 -18.96
CA GLY G 18 -59.39 -33.85 -17.69
C GLY G 18 -57.91 -34.05 -17.87
N ASP G 19 -57.33 -33.36 -18.84
CA ASP G 19 -55.96 -33.64 -19.20
C ASP G 19 -55.09 -32.40 -19.20
N VAL G 20 -54.05 -32.47 -18.37
CA VAL G 20 -53.03 -31.44 -18.26
C VAL G 20 -52.29 -31.15 -19.59
N LEU G 21 -52.03 -32.23 -20.34
CA LEU G 21 -51.43 -32.17 -21.68
C LEU G 21 -52.26 -31.30 -22.62
N VAL G 22 -53.58 -31.33 -22.45
CA VAL G 22 -54.48 -30.57 -23.29
C VAL G 22 -54.38 -29.08 -23.01
N THR G 23 -54.52 -28.71 -21.74
CA THR G 23 -54.40 -27.29 -21.35
C THR G 23 -53.11 -26.71 -21.91
N ALA G 24 -52.00 -27.39 -21.60
CA ALA G 24 -50.69 -27.13 -22.19
C ALA G 24 -50.83 -26.74 -23.66
N PHE G 25 -51.44 -27.64 -24.44
CA PHE G 25 -51.70 -27.40 -25.87
C PHE G 25 -52.69 -26.26 -26.12
N ILE G 26 -53.63 -26.04 -25.21
CA ILE G 26 -54.53 -24.90 -25.38
C ILE G 26 -53.77 -23.58 -25.20
N ASN G 27 -52.83 -23.59 -24.26
CA ASN G 27 -52.05 -22.40 -23.94
C ASN G 27 -51.16 -22.00 -25.10
N LYS G 28 -50.50 -23.00 -25.69
CA LYS G 28 -49.73 -22.80 -26.91
C LYS G 28 -50.58 -22.26 -28.11
N ILE G 29 -51.86 -22.59 -28.15
CA ILE G 29 -52.75 -21.99 -29.15
C ILE G 29 -53.04 -20.52 -28.81
N MET G 30 -53.15 -20.21 -27.52
CA MET G 30 -53.52 -18.85 -27.08
C MET G 30 -52.62 -17.72 -27.57
N ARG G 31 -53.24 -16.58 -27.90
CA ARG G 31 -52.54 -15.36 -28.27
C ARG G 31 -52.99 -14.41 -27.23
N ASP G 32 -52.31 -13.28 -27.11
CA ASP G 32 -52.67 -12.25 -26.11
C ASP G 32 -53.71 -12.65 -25.02
N GLY G 33 -53.43 -13.73 -24.31
CA GLY G 33 -54.23 -14.13 -23.16
C GLY G 33 -55.72 -14.27 -23.41
N LYS G 34 -56.06 -14.61 -24.64
CA LYS G 34 -57.42 -14.96 -25.04
C LYS G 34 -57.57 -16.45 -24.89
N LYS G 35 -57.67 -16.89 -23.63
CA LYS G 35 -57.78 -18.31 -23.30
C LYS G 35 -59.12 -18.88 -23.71
N ASN G 36 -60.15 -18.01 -23.77
CA ASN G 36 -61.51 -18.44 -24.15
C ASN G 36 -61.52 -18.87 -25.59
N LEU G 37 -61.35 -17.85 -26.43
CA LEU G 37 -61.14 -18.07 -27.85
C LEU G 37 -60.20 -19.28 -28.15
N ALA G 38 -59.19 -19.51 -27.30
CA ALA G 38 -58.24 -20.56 -27.57
C ALA G 38 -58.91 -21.90 -27.43
N ALA G 39 -59.57 -22.12 -26.29
CA ALA G 39 -60.27 -23.39 -26.05
C ALA G 39 -61.39 -23.65 -27.07
N ARG G 40 -62.18 -22.61 -27.42
CA ARG G 40 -63.12 -22.75 -28.51
C ARG G 40 -62.40 -23.54 -29.59
N ILE G 41 -61.32 -22.95 -30.12
CA ILE G 41 -60.54 -23.59 -31.16
C ILE G 41 -60.20 -25.06 -30.87
N PHE G 42 -59.47 -25.36 -29.80
CA PHE G 42 -59.14 -26.76 -29.58
C PHE G 42 -60.34 -27.70 -29.64
N TYR G 43 -61.43 -27.30 -29.00
CA TYR G 43 -62.63 -28.14 -28.92
C TYR G 43 -63.33 -28.23 -30.27
N ASP G 44 -63.69 -27.09 -30.86
CA ASP G 44 -64.20 -27.10 -32.24
C ASP G 44 -63.36 -27.97 -33.14
N ALA G 45 -62.07 -28.07 -32.85
CA ALA G 45 -61.23 -28.92 -33.64
C ALA G 45 -61.41 -30.39 -33.28
N CYS G 46 -61.67 -30.71 -32.00
CA CYS G 46 -61.99 -32.11 -31.64
C CYS G 46 -63.31 -32.54 -32.29
N LYS G 47 -64.20 -31.55 -32.43
CA LYS G 47 -65.43 -31.70 -33.19
C LYS G 47 -65.10 -32.20 -34.59
N ILE G 48 -64.10 -31.56 -35.22
CA ILE G 48 -63.78 -31.87 -36.60
C ILE G 48 -62.97 -33.16 -36.69
N ILE G 49 -62.76 -33.88 -35.59
CA ILE G 49 -62.07 -35.18 -35.69
C ILE G 49 -63.05 -36.34 -35.67
N GLN G 50 -64.16 -36.21 -34.94
CA GLN G 50 -65.32 -37.10 -35.10
C GLN G 50 -65.91 -36.98 -36.51
N GLU G 51 -66.48 -35.80 -36.78
CA GLU G 51 -67.02 -35.44 -38.10
C GLU G 51 -66.15 -35.91 -39.26
N LYS G 52 -64.98 -36.50 -38.98
CA LYS G 52 -64.06 -36.94 -40.03
C LYS G 52 -63.42 -38.29 -39.78
N THR G 53 -63.28 -38.71 -38.53
CA THR G 53 -62.77 -40.07 -38.25
C THR G 53 -63.57 -40.73 -37.12
N GLY G 54 -63.53 -42.07 -37.09
CA GLY G 54 -64.31 -42.86 -36.14
C GLY G 54 -63.87 -42.77 -34.69
N GLN G 55 -62.56 -42.65 -34.48
CA GLN G 55 -61.91 -42.72 -33.17
C GLN G 55 -62.03 -41.43 -32.35
N GLU G 56 -61.67 -41.52 -31.07
CA GLU G 56 -61.81 -40.43 -30.09
C GLU G 56 -60.74 -39.31 -30.28
N PRO G 57 -61.13 -38.02 -30.16
CA PRO G 57 -60.11 -36.97 -30.26
C PRO G 57 -58.95 -37.14 -29.27
N LEU G 58 -59.22 -37.12 -27.96
CA LEU G 58 -58.15 -37.31 -26.98
C LEU G 58 -57.11 -38.35 -27.44
N LYS G 59 -57.55 -39.30 -28.26
CA LYS G 59 -56.68 -40.35 -28.79
C LYS G 59 -55.88 -39.90 -30.00
N VAL G 60 -56.53 -39.29 -30.99
CA VAL G 60 -55.75 -38.70 -32.07
C VAL G 60 -54.71 -37.80 -31.44
N PHE G 61 -55.15 -36.98 -30.49
CA PHE G 61 -54.33 -35.97 -29.83
C PHE G 61 -53.07 -36.57 -29.20
N LYS G 62 -53.23 -37.32 -28.11
CA LYS G 62 -52.12 -38.07 -27.51
C LYS G 62 -51.14 -38.62 -28.55
N GLN G 63 -51.67 -39.22 -29.62
CA GLN G 63 -50.84 -39.86 -30.64
C GLN G 63 -50.07 -38.89 -31.54
N ALA G 64 -50.76 -37.87 -32.04
CA ALA G 64 -50.13 -36.85 -32.87
C ALA G 64 -48.89 -36.33 -32.16
N VAL G 65 -49.07 -35.99 -30.89
CA VAL G 65 -48.00 -35.51 -30.04
C VAL G 65 -46.86 -36.50 -30.04
N GLU G 66 -47.14 -37.74 -29.67
CA GLU G 66 -46.12 -38.78 -29.63
C GLU G 66 -45.21 -38.81 -30.86
N ASN G 67 -45.79 -38.61 -32.04
CA ASN G 67 -45.00 -38.70 -33.24
C ASN G 67 -44.10 -37.50 -33.43
N VAL G 68 -44.52 -36.37 -32.89
CA VAL G 68 -43.80 -35.13 -33.07
C VAL G 68 -42.66 -34.90 -32.04
N LYS G 69 -42.58 -35.70 -30.98
CA LYS G 69 -41.49 -35.57 -30.02
C LYS G 69 -40.20 -36.05 -30.65
N PRO G 70 -39.15 -35.19 -30.66
CA PRO G 70 -37.80 -35.55 -31.10
C PRO G 70 -37.04 -36.27 -30.01
N ARG G 71 -36.17 -37.19 -30.39
CA ARG G 71 -35.44 -37.94 -29.38
C ARG G 71 -34.02 -37.42 -29.18
N MET G 72 -33.42 -36.90 -30.25
CA MET G 72 -32.11 -36.24 -30.18
C MET G 72 -32.16 -34.89 -30.92
N GLU G 73 -31.27 -33.97 -30.57
CA GLU G 73 -31.18 -32.70 -31.27
C GLU G 73 -29.78 -32.14 -31.07
N VAL G 74 -29.38 -31.21 -31.93
CA VAL G 74 -28.09 -30.58 -31.76
C VAL G 74 -28.12 -29.36 -30.85
N ARG G 75 -27.24 -29.39 -29.84
CA ARG G 75 -26.98 -28.24 -28.98
C ARG G 75 -25.62 -27.69 -29.39
N SER G 76 -25.51 -26.36 -29.48
CA SER G 76 -24.27 -25.70 -29.89
C SER G 76 -23.22 -25.70 -28.77
N ARG G 77 -21.93 -25.63 -29.14
CA ARG G 77 -20.82 -25.72 -28.16
C ARG G 77 -19.49 -25.02 -28.53
N ARG G 78 -18.90 -24.38 -27.51
CA ARG G 78 -17.58 -23.74 -27.59
C ARG G 78 -16.45 -24.78 -27.59
N VAL G 79 -15.56 -24.66 -28.56
CA VAL G 79 -14.29 -25.42 -28.56
C VAL G 79 -13.17 -24.49 -29.06
N GLY G 80 -11.92 -24.90 -28.85
CA GLY G 80 -10.75 -24.13 -29.32
C GLY G 80 -10.74 -23.94 -30.81
N GLY G 81 -11.39 -22.86 -31.25
CA GLY G 81 -11.67 -22.59 -32.68
C GLY G 81 -13.07 -22.03 -32.84
N ALA G 82 -13.87 -22.64 -33.72
CA ALA G 82 -15.31 -22.32 -33.88
C ALA G 82 -16.23 -23.33 -33.16
N ASN G 83 -17.48 -23.44 -33.64
CA ASN G 83 -18.53 -24.15 -32.89
C ASN G 83 -18.91 -25.54 -33.41
N TYR G 84 -19.55 -26.31 -32.54
CA TYR G 84 -19.87 -27.69 -32.86
C TYR G 84 -21.31 -28.03 -32.52
N GLN G 85 -22.08 -28.41 -33.55
CA GLN G 85 -23.42 -28.93 -33.34
C GLN G 85 -23.30 -30.30 -32.68
N VAL G 86 -23.56 -30.34 -31.39
CA VAL G 86 -23.32 -31.53 -30.61
C VAL G 86 -24.64 -32.25 -30.37
N PRO G 87 -24.81 -33.44 -30.96
CA PRO G 87 -26.05 -34.18 -30.74
C PRO G 87 -26.18 -34.62 -29.29
N MET G 88 -27.40 -34.54 -28.75
CA MET G 88 -27.67 -35.15 -27.46
C MET G 88 -29.13 -35.42 -27.17
N GLU G 89 -29.37 -36.41 -26.30
CA GLU G 89 -30.69 -36.89 -25.90
C GLU G 89 -31.54 -35.76 -25.43
N VAL G 90 -32.80 -35.75 -25.81
CA VAL G 90 -33.71 -34.66 -25.49
C VAL G 90 -34.61 -35.04 -24.32
N SER G 91 -34.54 -34.27 -23.24
CA SER G 91 -35.24 -34.61 -22.00
C SER G 91 -36.76 -34.59 -22.16
N PRO G 92 -37.44 -35.52 -21.47
CA PRO G 92 -38.88 -35.70 -21.59
C PRO G 92 -39.67 -34.39 -21.50
N ARG G 93 -39.44 -33.60 -20.46
CA ARG G 93 -40.15 -32.32 -20.34
C ARG G 93 -39.98 -31.44 -21.61
N ARG G 94 -38.80 -31.46 -22.20
CA ARG G 94 -38.57 -30.65 -23.39
C ARG G 94 -39.25 -31.25 -24.64
N GLN G 95 -39.12 -32.57 -24.78
CA GLN G 95 -39.85 -33.32 -25.82
C GLN G 95 -41.29 -32.84 -25.94
N GLN G 96 -42.01 -32.91 -24.82
CA GLN G 96 -43.35 -32.38 -24.74
C GLN G 96 -43.42 -30.92 -25.22
N SER G 97 -42.51 -30.07 -24.73
CA SER G 97 -42.58 -28.63 -24.99
C SER G 97 -42.55 -28.41 -26.48
N LEU G 98 -41.65 -29.16 -27.12
CA LEU G 98 -41.32 -28.98 -28.52
C LEU G 98 -42.40 -29.50 -29.42
N ALA G 99 -42.86 -30.71 -29.15
CA ALA G 99 -44.05 -31.28 -29.79
C ALA G 99 -45.19 -30.26 -29.91
N LEU G 100 -45.78 -29.90 -28.77
CA LEU G 100 -46.88 -28.95 -28.77
C LEU G 100 -46.51 -27.70 -29.57
N ARG G 101 -45.39 -27.06 -29.20
CA ARG G 101 -44.98 -25.82 -29.89
C ARG G 101 -45.02 -26.02 -31.40
N TRP G 102 -44.47 -27.15 -31.85
CA TRP G 102 -44.37 -27.46 -33.28
C TRP G 102 -45.73 -27.74 -33.95
N LEU G 103 -46.56 -28.54 -33.29
CA LEU G 103 -47.93 -28.76 -33.74
C LEU G 103 -48.63 -27.42 -34.01
N VAL G 104 -48.60 -26.50 -33.05
CA VAL G 104 -49.26 -25.20 -33.27
C VAL G 104 -48.64 -24.38 -34.38
N GLN G 105 -47.33 -24.42 -34.51
CA GLN G 105 -46.68 -23.65 -35.56
C GLN G 105 -47.00 -24.20 -36.95
N ALA G 106 -46.88 -25.52 -37.07
CA ALA G 106 -47.18 -26.29 -38.28
C ALA G 106 -48.63 -26.15 -38.70
N ALA G 107 -49.51 -26.22 -37.71
CA ALA G 107 -50.91 -25.94 -37.92
C ALA G 107 -51.07 -24.60 -38.65
N ASN G 108 -50.60 -23.49 -38.08
CA ASN G 108 -50.83 -22.19 -38.71
C ASN G 108 -49.97 -21.93 -39.95
N GLN G 109 -49.25 -22.97 -40.38
CA GLN G 109 -48.57 -22.94 -41.66
C GLN G 109 -49.47 -23.44 -42.80
N ARG G 110 -50.41 -24.33 -42.48
CA ARG G 110 -51.39 -24.89 -43.41
C ARG G 110 -52.24 -23.85 -44.14
N PRO G 111 -52.84 -24.26 -45.28
CA PRO G 111 -53.68 -23.44 -46.19
C PRO G 111 -55.13 -23.14 -45.78
N GLU G 112 -55.80 -24.02 -45.02
CA GLU G 112 -57.23 -23.76 -44.71
C GLU G 112 -57.53 -22.57 -43.78
N ARG G 113 -58.52 -21.76 -44.19
CA ARG G 113 -58.78 -20.40 -43.65
C ARG G 113 -59.20 -20.33 -42.17
N ARG G 114 -59.87 -21.35 -41.65
CA ARG G 114 -60.35 -21.30 -40.27
C ARG G 114 -59.50 -22.12 -39.32
N ALA G 115 -59.15 -21.51 -38.19
CA ALA G 115 -58.22 -22.14 -37.25
C ALA G 115 -58.53 -23.58 -36.79
N ALA G 116 -59.77 -23.85 -36.38
CA ALA G 116 -60.06 -25.15 -35.80
C ALA G 116 -59.76 -26.29 -36.80
N VAL G 117 -59.96 -25.99 -38.09
CA VAL G 117 -59.68 -26.92 -39.17
C VAL G 117 -58.18 -27.20 -39.23
N ARG G 118 -57.40 -26.13 -39.42
CA ARG G 118 -55.95 -26.22 -39.44
C ARG G 118 -55.42 -27.06 -38.29
N ILE G 119 -55.91 -26.79 -37.08
CA ILE G 119 -55.46 -27.51 -35.90
C ILE G 119 -55.75 -28.99 -36.02
N ALA G 120 -56.96 -29.27 -36.51
CA ALA G 120 -57.49 -30.62 -36.65
C ALA G 120 -56.72 -31.35 -37.73
N HIS G 121 -56.75 -30.84 -38.97
CA HIS G 121 -56.08 -31.54 -40.06
C HIS G 121 -54.59 -31.83 -39.76
N GLU G 122 -53.93 -30.92 -39.03
CA GLU G 122 -52.57 -31.12 -38.57
C GLU G 122 -52.48 -32.21 -37.51
N LEU G 123 -53.36 -32.16 -36.51
CA LEU G 123 -53.48 -33.24 -35.55
C LEU G 123 -53.67 -34.59 -36.27
N MET G 124 -54.60 -34.62 -37.24
CA MET G 124 -54.87 -35.82 -38.02
C MET G 124 -53.62 -36.24 -38.81
N ASP G 125 -53.06 -35.34 -39.59
CA ASP G 125 -51.85 -35.64 -40.38
C ASP G 125 -50.66 -36.09 -39.50
N ALA G 126 -50.76 -35.85 -38.21
CA ALA G 126 -49.66 -36.18 -37.33
C ALA G 126 -49.75 -37.59 -36.81
N ALA G 127 -50.92 -38.01 -36.32
CA ALA G 127 -51.07 -39.38 -35.81
C ALA G 127 -50.85 -40.39 -36.94
N GLU G 128 -51.21 -40.00 -38.15
CA GLU G 128 -50.89 -40.78 -39.33
C GLU G 128 -49.41 -40.64 -39.60
N GLY G 129 -48.82 -39.59 -39.03
CA GLY G 129 -47.38 -39.44 -39.04
C GLY G 129 -46.83 -38.85 -40.32
N LYS G 130 -47.48 -37.79 -40.81
CA LYS G 130 -47.02 -37.13 -42.03
C LYS G 130 -47.33 -35.63 -42.09
N GLY G 131 -47.60 -35.03 -40.95
CA GLY G 131 -47.71 -33.57 -40.89
C GLY G 131 -46.37 -32.85 -41.10
N GLY G 132 -46.42 -31.55 -41.41
CA GLY G 132 -45.23 -30.70 -41.47
C GLY G 132 -44.55 -30.47 -40.11
N ALA G 133 -45.22 -30.92 -39.05
CA ALA G 133 -44.65 -30.91 -37.73
C ALA G 133 -43.71 -32.11 -37.65
N VAL G 134 -44.22 -33.30 -37.97
CA VAL G 134 -43.37 -34.51 -37.94
C VAL G 134 -42.23 -34.36 -38.92
N LYS G 135 -42.42 -33.50 -39.92
CA LYS G 135 -41.35 -33.18 -40.82
C LYS G 135 -40.27 -32.48 -40.03
N LYS G 136 -40.55 -31.26 -39.56
CA LYS G 136 -39.55 -30.45 -38.82
C LYS G 136 -39.30 -30.99 -37.41
N LYS G 137 -38.77 -32.21 -37.41
CA LYS G 137 -38.76 -33.11 -36.29
C LYS G 137 -37.95 -34.32 -36.73
N GLU G 138 -38.18 -34.75 -37.94
CA GLU G 138 -37.26 -35.69 -38.52
C GLU G 138 -36.04 -34.92 -39.00
N ASP G 139 -36.24 -33.61 -39.27
CA ASP G 139 -35.14 -32.72 -39.69
C ASP G 139 -34.14 -32.57 -38.55
N VAL G 140 -34.68 -32.34 -37.35
CA VAL G 140 -33.88 -32.36 -36.12
C VAL G 140 -33.20 -33.73 -35.93
N GLU G 141 -33.98 -34.78 -35.70
CA GLU G 141 -33.40 -36.14 -35.57
C GLU G 141 -32.34 -36.49 -36.61
N ARG G 142 -32.62 -36.24 -37.89
CA ARG G 142 -31.63 -36.50 -38.93
C ARG G 142 -30.37 -35.68 -38.71
N MET G 143 -30.56 -34.38 -38.47
CA MET G 143 -29.45 -33.46 -38.24
C MET G 143 -28.58 -33.83 -37.01
N ALA G 144 -29.20 -34.44 -35.99
CA ALA G 144 -28.42 -34.95 -34.84
C ALA G 144 -27.56 -36.16 -35.21
N GLU G 145 -27.92 -36.80 -36.31
CA GLU G 145 -27.22 -37.97 -36.79
C GLU G 145 -26.10 -37.54 -37.72
N ALA G 146 -26.39 -36.57 -38.59
CA ALA G 146 -25.37 -35.96 -39.43
C ALA G 146 -24.15 -35.66 -38.57
N ASN G 147 -24.40 -35.19 -37.35
CA ASN G 147 -23.36 -34.70 -36.46
C ASN G 147 -22.90 -35.69 -35.42
N ARG G 148 -23.30 -36.96 -35.61
CA ARG G 148 -22.94 -38.11 -34.74
C ARG G 148 -21.43 -38.16 -34.46
N ALA G 149 -20.64 -37.62 -35.39
CA ALA G 149 -19.17 -37.53 -35.23
C ALA G 149 -18.70 -36.72 -34.00
N TYR G 150 -19.53 -35.78 -33.52
CA TYR G 150 -19.18 -34.88 -32.40
C TYR G 150 -19.89 -35.20 -31.07
N ALA G 151 -20.42 -36.41 -30.95
CA ALA G 151 -21.19 -36.79 -29.79
C ALA G 151 -20.29 -37.15 -28.61
N HIS G 152 -19.01 -36.79 -28.68
CA HIS G 152 -18.11 -37.03 -27.55
C HIS G 152 -17.93 -35.77 -26.73
N TYR G 153 -18.74 -34.75 -27.02
CA TYR G 153 -18.74 -33.52 -26.22
C TYR G 153 -19.93 -33.32 -25.28
N ARG G 154 -20.92 -34.22 -25.32
CA ARG G 154 -22.15 -34.02 -24.55
C ARG G 154 -21.84 -33.88 -23.06
N TRP G 155 -22.28 -32.77 -22.47
CA TRP G 155 -22.22 -32.56 -21.02
C TRP G 155 -23.36 -33.30 -20.31
N MET H 1 43.37 -23.03 11.95
CA MET H 1 44.33 -23.32 13.08
C MET H 1 43.87 -22.65 14.38
N LEU H 2 42.91 -21.72 14.26
CA LEU H 2 42.57 -20.79 15.35
C LEU H 2 43.62 -19.69 15.33
N THR H 3 43.25 -18.50 14.89
CA THR H 3 44.28 -17.50 14.60
C THR H 3 44.49 -16.41 15.62
N ASP H 4 43.47 -16.13 16.42
CA ASP H 4 43.65 -15.27 17.59
C ASP H 4 43.00 -15.89 18.82
N PRO H 5 43.79 -16.63 19.59
CA PRO H 5 43.31 -17.31 20.78
C PRO H 5 42.58 -16.40 21.77
N ILE H 6 43.01 -15.15 21.88
CA ILE H 6 42.47 -14.25 22.87
C ILE H 6 41.14 -13.67 22.40
N ALA H 7 41.07 -13.34 21.10
CA ALA H 7 39.77 -13.14 20.46
C ALA H 7 38.84 -14.29 20.85
N ASP H 8 39.34 -15.50 20.66
CA ASP H 8 38.52 -16.69 20.85
C ASP H 8 37.82 -16.66 22.18
N MET H 9 38.64 -16.47 23.22
CA MET H 9 38.18 -16.49 24.58
C MET H 9 37.11 -15.43 24.75
N LEU H 10 37.44 -14.19 24.42
CA LEU H 10 36.45 -13.13 24.54
C LEU H 10 35.11 -13.55 23.90
N THR H 11 35.21 -14.28 22.80
CA THR H 11 34.03 -14.60 22.03
C THR H 11 33.27 -15.74 22.68
N ARG H 12 34.01 -16.82 22.99
CA ARG H 12 33.43 -17.91 23.74
C ARG H 12 32.60 -17.36 24.89
N ILE H 13 33.21 -16.42 25.64
CA ILE H 13 32.58 -15.75 26.77
C ILE H 13 31.38 -14.94 26.31
N ARG H 14 31.55 -14.18 25.22
CA ARG H 14 30.45 -13.33 24.78
C ARG H 14 29.28 -14.26 24.43
N ASN H 15 29.61 -15.37 23.77
CA ASN H 15 28.60 -16.26 23.26
C ASN H 15 27.83 -16.94 24.39
N ALA H 16 28.57 -17.63 25.28
CA ALA H 16 27.98 -18.32 26.44
C ALA H 16 27.05 -17.48 27.32
N THR H 17 27.36 -16.22 27.52
CA THR H 17 26.49 -15.39 28.33
C THR H 17 25.15 -14.99 27.67
N ARG H 18 25.11 -14.93 26.34
CA ARG H 18 23.87 -14.47 25.72
C ARG H 18 22.81 -15.58 25.65
N VAL H 19 23.23 -16.82 25.97
CA VAL H 19 22.32 -17.94 26.14
C VAL H 19 22.33 -18.38 27.62
N TYR H 20 22.87 -17.47 28.43
CA TYR H 20 22.96 -17.58 29.89
C TYR H 20 23.56 -18.86 30.44
N LYS H 21 24.53 -19.45 29.74
CA LYS H 21 25.24 -20.60 30.24
C LYS H 21 25.85 -20.37 31.65
N GLU H 22 26.07 -21.45 32.39
CA GLU H 22 26.66 -21.34 33.73
C GLU H 22 28.17 -21.26 33.62
N SER H 23 28.71 -21.82 32.55
CA SER H 23 30.13 -21.96 32.44
C SER H 23 30.54 -22.24 30.98
N THR H 24 31.81 -21.95 30.62
CA THR H 24 32.37 -22.31 29.29
C THR H 24 33.80 -22.73 29.45
N ASP H 25 34.17 -23.84 28.83
CA ASP H 25 35.59 -24.16 28.71
C ASP H 25 36.14 -23.26 27.65
N VAL H 26 37.44 -22.99 27.77
CA VAL H 26 38.27 -22.38 26.70
C VAL H 26 39.64 -23.02 26.86
N PRO H 27 40.25 -23.40 25.72
CA PRO H 27 41.49 -24.14 25.85
C PRO H 27 42.49 -23.20 26.44
N ALA H 28 43.35 -23.72 27.32
CA ALA H 28 44.03 -22.92 28.32
C ALA H 28 45.37 -22.44 27.82
N SER H 29 45.67 -21.18 28.16
CA SER H 29 47.02 -20.63 27.94
C SER H 29 47.35 -19.73 29.10
N ARG H 30 48.63 -19.67 29.45
CA ARG H 30 49.06 -18.81 30.54
C ARG H 30 48.43 -17.39 30.36
N PHE H 31 48.64 -16.79 29.18
CA PHE H 31 48.12 -15.46 28.89
C PHE H 31 46.59 -15.38 29.11
N LYS H 32 45.86 -16.35 28.54
CA LYS H 32 44.43 -16.40 28.76
C LYS H 32 44.11 -16.29 30.26
N GLU H 33 44.84 -17.08 31.04
CA GLU H 33 44.70 -17.09 32.51
C GLU H 33 44.86 -15.70 33.08
N GLU H 34 45.91 -15.03 32.63
CA GLU H 34 46.19 -13.72 33.15
C GLU H 34 45.03 -12.77 32.90
N ILE H 35 44.41 -12.88 31.73
CA ILE H 35 43.27 -12.04 31.45
C ILE H 35 42.11 -12.43 32.36
N LEU H 36 41.86 -13.74 32.50
CA LEU H 36 40.80 -14.18 33.38
C LEU H 36 40.90 -13.60 34.81
N ARG H 37 42.10 -13.70 35.41
CA ARG H 37 42.36 -13.09 36.71
C ARG H 37 41.78 -11.69 36.86
N ILE H 38 41.96 -10.89 35.83
CA ILE H 38 41.44 -9.54 35.86
C ILE H 38 39.93 -9.60 35.85
N LEU H 39 39.38 -10.36 34.92
CA LEU H 39 37.94 -10.46 34.84
C LEU H 39 37.36 -10.79 36.21
N ALA H 40 37.95 -11.83 36.83
CA ALA H 40 37.53 -12.35 38.12
C ALA H 40 37.58 -11.23 39.15
N ARG H 41 38.80 -10.71 39.38
CA ARG H 41 39.01 -9.58 40.29
C ARG H 41 38.06 -8.40 40.03
N GLU H 42 37.89 -8.00 38.79
CA GLU H 42 37.06 -6.82 38.53
C GLU H 42 35.56 -7.10 38.69
N GLY H 43 35.27 -8.36 39.03
CA GLY H 43 33.93 -8.81 39.30
C GLY H 43 33.05 -9.03 38.09
N PHE H 44 33.63 -9.49 36.98
CA PHE H 44 32.86 -9.75 35.74
C PHE H 44 32.48 -11.20 35.64
N ILE H 45 33.36 -12.06 36.13
CA ILE H 45 33.06 -13.44 36.17
C ILE H 45 32.92 -13.83 37.64
N LYS H 46 32.24 -14.93 37.94
CA LYS H 46 32.35 -15.49 39.29
C LYS H 46 33.83 -15.77 39.45
N GLY H 47 34.34 -16.74 38.70
CA GLY H 47 35.75 -17.13 38.76
C GLY H 47 36.08 -18.10 37.63
N TYR H 48 37.17 -18.83 37.78
CA TYR H 48 37.60 -19.79 36.77
C TYR H 48 38.54 -20.84 37.36
N GLU H 49 38.67 -21.99 36.74
CA GLU H 49 39.67 -22.93 37.19
C GLU H 49 40.16 -23.81 36.08
N ARG H 50 41.34 -24.37 36.28
CA ARG H 50 41.90 -25.30 35.32
C ARG H 50 41.16 -26.59 35.45
N VAL H 51 41.10 -27.33 34.35
CA VAL H 51 40.36 -28.59 34.22
C VAL H 51 40.92 -29.26 32.99
N ASP H 52 40.66 -30.54 32.84
CA ASP H 52 40.97 -31.20 31.57
C ASP H 52 39.73 -31.66 30.83
N VAL H 53 39.84 -31.82 29.53
CA VAL H 53 38.75 -32.36 28.75
C VAL H 53 39.43 -33.11 27.65
N ASP H 54 39.08 -34.39 27.54
CA ASP H 54 39.75 -35.35 26.65
C ASP H 54 41.25 -35.36 27.00
N GLY H 55 41.52 -35.01 28.25
CA GLY H 55 42.87 -34.89 28.78
C GLY H 55 43.72 -33.85 28.07
N LYS H 56 43.20 -32.63 27.93
CA LYS H 56 43.98 -31.47 27.48
C LYS H 56 43.52 -30.21 28.24
N PRO H 57 44.47 -29.32 28.58
CA PRO H 57 44.23 -28.31 29.60
C PRO H 57 43.26 -27.25 29.15
N TYR H 58 42.16 -27.10 29.86
CA TYR H 58 41.21 -26.05 29.56
C TYR H 58 41.10 -25.07 30.70
N LEU H 59 40.17 -24.14 30.60
CA LEU H 59 39.86 -23.25 31.72
C LEU H 59 38.35 -23.06 31.82
N ARG H 60 37.73 -23.73 32.77
CA ARG H 60 36.32 -23.49 32.99
C ARG H 60 36.13 -22.04 33.46
N VAL H 61 35.22 -21.30 32.81
CA VAL H 61 34.96 -19.92 33.24
C VAL H 61 33.55 -19.83 33.79
N TYR H 62 33.42 -19.55 35.08
CA TYR H 62 32.09 -19.43 35.71
C TYR H 62 31.57 -18.01 35.55
N LEU H 63 30.46 -17.86 34.84
CA LEU H 63 29.96 -16.55 34.45
C LEU H 63 28.94 -16.14 35.46
N LYS H 64 28.49 -14.90 35.34
CA LYS H 64 27.77 -14.24 36.43
C LYS H 64 26.78 -13.27 35.82
N TYR H 65 25.57 -13.21 36.38
CA TYR H 65 24.47 -12.43 35.78
C TYR H 65 23.81 -11.56 36.81
N GLY H 66 22.69 -10.96 36.46
CA GLY H 66 21.94 -10.12 37.40
C GLY H 66 20.81 -10.94 38.01
N PRO H 67 19.82 -10.28 38.65
CA PRO H 67 18.65 -11.01 39.08
C PRO H 67 17.65 -11.25 37.92
N ARG H 68 16.86 -12.33 38.02
CA ARG H 68 15.66 -12.55 37.17
C ARG H 68 14.84 -11.25 37.07
N ARG H 69 14.18 -11.03 35.94
CA ARG H 69 13.81 -9.67 35.66
C ARG H 69 12.33 -9.41 35.53
N GLN H 70 12.02 -8.11 35.47
CA GLN H 70 10.66 -7.64 35.62
C GLN H 70 9.57 -8.40 34.84
N GLY H 71 9.10 -7.87 33.69
CA GLY H 71 7.87 -8.35 33.02
C GLY H 71 7.98 -9.37 31.87
N PRO H 72 7.50 -9.02 30.64
CA PRO H 72 7.65 -9.97 29.52
C PRO H 72 9.12 -10.00 29.13
N ASP H 73 9.71 -11.19 29.08
CA ASP H 73 11.20 -11.31 29.09
C ASP H 73 11.86 -11.07 30.46
N PRO H 74 11.97 -12.15 31.23
CA PRO H 74 12.58 -12.21 32.53
C PRO H 74 14.06 -12.52 32.43
N ARG H 75 14.72 -12.12 31.36
CA ARG H 75 16.10 -12.51 31.28
C ARG H 75 16.97 -11.56 32.12
N PRO H 76 17.87 -12.13 32.91
CA PRO H 76 18.74 -11.32 33.74
C PRO H 76 19.51 -10.32 32.89
N GLU H 77 19.78 -9.13 33.43
CA GLU H 77 20.80 -8.25 32.84
C GLU H 77 22.10 -9.01 32.78
N GLN H 78 22.95 -8.56 31.89
CA GLN H 78 24.24 -9.20 31.76
C GLN H 78 25.14 -8.46 32.72
N VAL H 79 26.15 -9.15 33.24
CA VAL H 79 27.19 -8.46 34.02
C VAL H 79 28.22 -7.95 33.00
N ILE H 80 28.61 -8.84 32.07
CA ILE H 80 29.45 -8.52 30.91
C ILE H 80 28.61 -8.09 29.71
N HIS H 81 28.30 -6.79 29.68
CA HIS H 81 27.49 -6.20 28.64
C HIS H 81 28.22 -6.23 27.31
N HIS H 82 29.53 -5.99 27.34
CA HIS H 82 30.31 -5.72 26.14
C HIS H 82 31.73 -6.21 26.38
N ILE H 83 32.24 -7.04 25.49
CA ILE H 83 33.58 -7.53 25.64
C ILE H 83 34.20 -7.62 24.25
N ARG H 84 35.14 -6.71 23.95
CA ARG H 84 35.58 -6.46 22.57
C ARG H 84 37.10 -6.47 22.37
N ARG H 85 37.63 -7.25 21.39
CA ARG H 85 39.06 -7.14 21.04
C ARG H 85 39.41 -5.84 20.39
N ILE H 86 40.49 -5.24 20.89
CA ILE H 86 41.08 -4.03 20.31
C ILE H 86 42.29 -4.42 19.45
N SER H 87 43.39 -4.76 20.11
CA SER H 87 44.56 -5.19 19.36
C SER H 87 44.23 -6.53 18.70
N LYS H 88 44.73 -6.75 17.47
CA LYS H 88 44.49 -8.02 16.74
C LYS H 88 45.65 -8.36 15.82
N PRO H 89 45.77 -9.62 15.43
CA PRO H 89 46.94 -9.97 14.62
C PRO H 89 46.99 -9.19 13.31
N GLY H 90 45.79 -8.88 12.80
CA GLY H 90 45.68 -8.07 11.60
C GLY H 90 46.31 -6.73 11.87
N ARG H 91 45.96 -6.14 13.02
CA ARG H 91 46.37 -4.78 13.42
C ARG H 91 46.68 -4.69 14.91
N ARG H 92 47.96 -4.76 15.25
CA ARG H 92 48.37 -4.62 16.66
C ARG H 92 48.13 -3.20 17.12
N VAL H 93 47.75 -3.02 18.39
CA VAL H 93 47.42 -1.66 18.91
C VAL H 93 48.11 -1.35 20.24
N TYR H 94 48.94 -0.31 20.26
CA TYR H 94 49.73 0.01 21.45
C TYR H 94 49.50 1.45 21.96
N VAL H 95 49.46 1.64 23.26
CA VAL H 95 49.29 2.98 23.78
C VAL H 95 50.38 3.37 24.78
N GLY H 96 50.80 4.61 24.72
CA GLY H 96 51.62 5.18 25.77
C GLY H 96 50.71 5.48 26.93
N VAL H 97 51.29 5.78 28.09
CA VAL H 97 50.50 5.88 29.31
C VAL H 97 49.60 7.09 29.22
N LYS H 98 50.06 8.11 28.53
CA LYS H 98 49.32 9.35 28.41
C LYS H 98 48.08 9.19 27.51
N GLU H 99 47.95 8.03 26.88
CA GLU H 99 46.90 7.82 25.87
C GLU H 99 46.12 6.50 26.01
N ILE H 100 46.27 5.84 27.17
CA ILE H 100 45.40 4.74 27.58
C ILE H 100 43.99 5.29 27.70
N PRO H 101 43.02 4.66 27.02
CA PRO H 101 41.62 5.07 27.07
C PRO H 101 40.95 4.91 28.46
N ARG H 102 39.89 5.69 28.69
CA ARG H 102 39.04 5.60 29.87
C ARG H 102 37.72 5.02 29.42
N VAL H 103 37.45 3.78 29.80
CA VAL H 103 36.28 3.03 29.34
C VAL H 103 34.99 3.44 30.06
N ARG H 104 34.02 3.90 29.29
CA ARG H 104 32.69 4.26 29.80
C ARG H 104 32.84 5.00 31.13
N ARG H 105 33.32 6.24 31.02
CA ARG H 105 33.73 7.06 32.17
C ARG H 105 34.11 6.26 33.40
N GLY H 106 34.90 5.22 33.23
CA GLY H 106 35.35 4.46 34.38
C GLY H 106 34.45 3.32 34.83
N LEU H 107 33.17 3.32 34.43
CA LEU H 107 32.29 2.20 34.79
C LEU H 107 32.68 0.89 34.10
N GLY H 108 33.62 1.00 33.15
CA GLY H 108 34.16 -0.14 32.42
C GLY H 108 35.64 -0.27 32.61
N ILE H 109 36.23 -1.30 32.02
CA ILE H 109 37.63 -1.65 32.18
C ILE H 109 38.33 -1.59 30.79
N ALA H 110 39.67 -1.58 30.74
CA ALA H 110 40.34 -1.99 29.52
C ALA H 110 41.55 -2.80 29.92
N ILE H 111 41.43 -4.13 29.84
CA ILE H 111 42.62 -4.98 29.95
C ILE H 111 43.64 -4.59 28.85
N LEU H 112 44.90 -4.71 29.18
CA LEU H 112 45.98 -4.05 28.49
C LEU H 112 47.26 -4.71 29.01
N SER H 113 48.18 -5.09 28.13
CA SER H 113 49.30 -5.91 28.53
C SER H 113 50.55 -5.08 28.51
N THR H 114 51.33 -5.09 29.61
CA THR H 114 52.57 -4.26 29.70
C THR H 114 53.81 -5.11 30.04
N SER H 115 55.00 -4.51 30.04
CA SER H 115 56.19 -5.24 30.47
C SER H 115 56.26 -5.33 31.99
N LYS H 116 55.34 -4.67 32.67
CA LYS H 116 55.11 -4.93 34.08
C LYS H 116 53.91 -5.91 34.33
N GLY H 117 53.60 -6.74 33.33
CA GLY H 117 52.42 -7.65 33.34
C GLY H 117 51.08 -7.10 32.81
N VAL H 118 50.04 -7.93 32.91
CA VAL H 118 48.70 -7.64 32.32
C VAL H 118 47.91 -6.80 33.31
N LEU H 119 47.30 -5.70 32.90
CA LEU H 119 46.63 -4.86 33.90
C LEU H 119 45.40 -4.18 33.38
N THR H 120 44.44 -3.93 34.28
CA THR H 120 43.36 -2.98 33.99
C THR H 120 44.01 -1.65 33.67
N ASP H 121 43.22 -0.70 33.18
CA ASP H 121 43.75 0.60 32.82
C ASP H 121 44.14 1.43 34.03
N ARG H 122 43.33 1.46 35.09
CA ARG H 122 43.73 2.22 36.29
C ARG H 122 45.01 1.65 36.84
N GLU H 123 45.10 0.32 36.86
CA GLU H 123 46.29 -0.38 37.34
C GLU H 123 47.51 0.15 36.60
N ALA H 124 47.48 0.04 35.28
CA ALA H 124 48.57 0.51 34.42
C ALA H 124 48.89 1.96 34.61
N ARG H 125 47.86 2.79 34.59
CA ARG H 125 48.03 4.21 34.77
C ARG H 125 48.80 4.48 36.06
N LYS H 126 48.39 3.84 37.15
CA LYS H 126 49.03 4.02 38.44
C LYS H 126 50.48 3.67 38.35
N LEU H 127 50.84 2.50 37.84
CA LEU H 127 52.26 2.18 37.70
C LEU H 127 52.90 2.89 36.49
N GLY H 128 52.26 3.94 35.99
CA GLY H 128 52.77 4.77 34.89
C GLY H 128 53.44 4.07 33.71
N VAL H 129 52.82 2.98 33.25
CA VAL H 129 53.30 2.30 32.04
C VAL H 129 52.15 1.96 31.09
N GLY H 130 52.47 1.84 29.80
CA GLY H 130 51.48 1.47 28.79
C GLY H 130 51.87 0.16 28.15
N GLY H 131 51.19 -0.17 27.05
CA GLY H 131 51.47 -1.40 26.30
C GLY H 131 50.38 -1.74 25.30
N GLU H 132 50.23 -3.04 24.99
CA GLU H 132 49.31 -3.53 23.96
C GLU H 132 47.90 -3.50 24.51
N LEU H 133 47.01 -2.80 23.82
CA LEU H 133 45.66 -2.57 24.33
C LEU H 133 44.81 -3.77 23.93
N ILE H 134 44.64 -4.72 24.87
CA ILE H 134 44.04 -6.04 24.59
C ILE H 134 42.56 -6.07 24.17
N CYS H 135 41.73 -5.50 25.01
CA CYS H 135 40.29 -5.49 24.82
C CYS H 135 39.69 -4.45 25.71
N GLU H 136 38.50 -3.97 25.38
CA GLU H 136 37.78 -3.20 26.37
C GLU H 136 36.82 -4.22 26.92
N VAL H 137 36.05 -3.86 27.96
CA VAL H 137 35.00 -4.71 28.65
C VAL H 137 34.12 -3.81 29.51
N TRP H 138 32.81 -3.78 29.30
CA TRP H 138 31.95 -3.03 30.19
C TRP H 138 30.67 -3.73 30.50
N GLU I 1 -82.01 -25.23 5.41
CA GLU I 1 -82.80 -24.04 4.94
C GLU I 1 -81.96 -22.95 4.23
N GLN I 2 -80.67 -22.83 4.59
CA GLN I 2 -79.80 -21.70 4.17
C GLN I 2 -78.32 -21.98 4.46
N TYR I 3 -77.40 -21.61 3.56
CA TYR I 3 -75.93 -21.76 3.78
C TYR I 3 -75.04 -20.76 3.04
N TYR I 4 -74.03 -20.23 3.74
CA TYR I 4 -73.21 -19.11 3.23
C TYR I 4 -71.71 -19.31 3.41
N GLY I 5 -70.99 -19.00 2.34
CA GLY I 5 -69.54 -18.83 2.36
C GLY I 5 -69.26 -17.68 1.42
N THR I 6 -68.31 -16.82 1.79
CA THR I 6 -67.89 -15.73 0.90
C THR I 6 -66.62 -16.11 0.13
N GLY I 7 -66.68 -15.95 -1.20
CA GLY I 7 -65.52 -16.11 -2.06
C GLY I 7 -65.04 -14.77 -2.58
N ARG I 8 -63.74 -14.61 -2.65
CA ARG I 8 -63.17 -13.46 -3.33
C ARG I 8 -62.05 -13.88 -4.27
N ARG I 9 -61.90 -13.10 -5.36
CA ARG I 9 -60.76 -13.28 -6.23
C ARG I 9 -60.51 -12.07 -7.11
N LYS I 10 -59.68 -11.16 -6.61
CA LYS I 10 -59.12 -10.13 -7.44
C LYS I 10 -60.20 -9.14 -7.82
N GLU I 11 -60.57 -8.28 -6.90
CA GLU I 11 -61.66 -7.31 -7.12
C GLU I 11 -63.09 -7.91 -7.12
N ALA I 12 -63.25 -9.17 -7.53
CA ALA I 12 -64.57 -9.83 -7.55
C ALA I 12 -64.88 -10.62 -6.29
N VAL I 13 -66.08 -10.35 -5.75
CA VAL I 13 -66.63 -10.99 -4.55
C VAL I 13 -67.90 -11.79 -4.87
N ALA I 14 -68.00 -12.96 -4.26
CA ALA I 14 -69.17 -13.82 -4.45
C ALA I 14 -70.03 -13.92 -3.18
N ARG I 15 -71.30 -13.58 -3.31
CA ARG I 15 -72.31 -13.97 -2.33
C ARG I 15 -72.88 -15.31 -2.79
N VAL I 16 -72.63 -16.36 -2.00
CA VAL I 16 -73.14 -17.68 -2.29
C VAL I 16 -74.18 -18.02 -1.22
N PHE I 17 -75.27 -18.63 -1.65
CA PHE I 17 -76.30 -19.13 -0.74
C PHE I 17 -76.72 -20.50 -1.20
N LEU I 18 -76.38 -21.51 -0.41
CA LEU I 18 -76.82 -22.87 -0.66
C LEU I 18 -78.14 -23.22 0.03
N ARG I 19 -78.97 -23.95 -0.70
CA ARG I 19 -80.24 -24.44 -0.20
C ARG I 19 -80.36 -25.91 -0.59
N PRO I 20 -81.08 -26.72 0.21
CA PRO I 20 -80.99 -28.17 -0.02
C PRO I 20 -81.82 -28.64 -1.20
N GLY I 21 -81.47 -29.83 -1.72
CA GLY I 21 -82.34 -30.54 -2.65
C GLY I 21 -81.99 -30.61 -4.14
N ASN I 22 -81.91 -29.46 -4.81
CA ASN I 22 -82.19 -29.43 -6.25
C ASN I 22 -81.08 -29.57 -7.32
N GLY I 23 -80.68 -28.45 -7.94
CA GLY I 23 -79.72 -28.45 -9.04
C GLY I 23 -79.52 -27.11 -9.74
N LYS I 24 -80.56 -26.27 -9.75
CA LYS I 24 -80.51 -24.97 -10.43
C LYS I 24 -79.72 -23.92 -9.64
N VAL I 25 -79.20 -22.94 -10.37
CA VAL I 25 -78.25 -21.97 -9.82
C VAL I 25 -78.50 -20.54 -10.32
N THR I 26 -78.96 -19.68 -9.45
CA THR I 26 -79.15 -18.29 -9.84
C THR I 26 -77.84 -17.58 -9.64
N VAL I 27 -77.52 -16.69 -10.57
CA VAL I 27 -76.46 -15.72 -10.32
C VAL I 27 -77.02 -14.39 -10.74
N ASN I 28 -77.11 -13.46 -9.80
CA ASN I 28 -77.53 -12.10 -10.12
C ASN I 28 -78.86 -12.03 -10.88
N GLY I 29 -79.85 -12.77 -10.39
CA GLY I 29 -81.15 -12.89 -11.06
C GLY I 29 -80.97 -13.26 -12.52
N GLN I 30 -80.37 -14.42 -12.75
CA GLN I 30 -80.07 -14.90 -14.09
C GLN I 30 -79.64 -16.32 -13.95
N ASP I 31 -79.95 -17.12 -14.95
CA ASP I 31 -79.52 -18.50 -14.97
C ASP I 31 -78.00 -18.52 -15.13
N PHE I 32 -77.37 -19.53 -14.52
CA PHE I 32 -75.92 -19.71 -14.55
C PHE I 32 -75.40 -19.57 -15.96
N ASN I 33 -75.83 -20.51 -16.80
CA ASN I 33 -75.47 -20.59 -18.21
C ASN I 33 -75.95 -19.38 -19.01
N GLU I 34 -76.76 -18.53 -18.38
CA GLU I 34 -77.20 -17.28 -18.99
C GLU I 34 -76.19 -16.18 -18.63
N TYR I 35 -75.70 -16.20 -17.38
CA TYR I 35 -74.66 -15.27 -16.95
C TYR I 35 -73.31 -15.59 -17.60
N PHE I 36 -72.83 -16.81 -17.38
CA PHE I 36 -71.59 -17.30 -18.01
C PHE I 36 -71.82 -17.95 -19.37
N GLN I 37 -72.39 -17.19 -20.30
CA GLN I 37 -72.93 -17.77 -21.54
C GLN I 37 -71.83 -18.11 -22.51
N GLY I 38 -71.67 -19.42 -22.75
CA GLY I 38 -70.54 -19.92 -23.54
C GLY I 38 -69.24 -19.18 -23.24
N LEU I 39 -68.81 -19.27 -21.98
CA LEU I 39 -67.47 -18.89 -21.53
C LEU I 39 -66.92 -20.21 -21.01
N VAL I 40 -65.97 -20.77 -21.77
CA VAL I 40 -65.61 -22.18 -21.64
C VAL I 40 -65.36 -22.64 -20.23
N ARG I 41 -64.88 -21.74 -19.38
CA ARG I 41 -64.41 -22.18 -18.08
C ARG I 41 -65.47 -22.31 -16.99
N ALA I 42 -66.55 -21.54 -17.10
CA ALA I 42 -67.58 -21.41 -16.06
C ALA I 42 -67.98 -22.71 -15.35
N VAL I 43 -68.14 -23.76 -16.15
CA VAL I 43 -68.45 -25.10 -15.63
C VAL I 43 -67.54 -25.50 -14.45
N ALA I 44 -66.50 -24.69 -14.22
CA ALA I 44 -65.51 -24.91 -13.17
C ALA I 44 -65.99 -24.45 -11.81
N ALA I 45 -66.67 -23.30 -11.76
CA ALA I 45 -67.18 -22.70 -10.51
C ALA I 45 -67.91 -23.65 -9.54
N LEU I 46 -68.47 -24.73 -10.08
CA LEU I 46 -69.32 -25.64 -9.31
C LEU I 46 -68.57 -26.93 -9.06
N GLU I 47 -67.30 -26.94 -9.44
CA GLU I 47 -66.45 -28.12 -9.23
C GLU I 47 -66.35 -28.53 -7.73
N PRO I 48 -66.55 -27.58 -6.77
CA PRO I 48 -66.52 -27.97 -5.35
C PRO I 48 -67.60 -29.01 -5.01
N LEU I 49 -68.81 -28.77 -5.51
CA LEU I 49 -69.91 -29.73 -5.46
C LEU I 49 -69.48 -31.04 -6.06
N ARG I 50 -69.17 -31.06 -7.36
CA ARG I 50 -68.75 -32.32 -8.03
C ARG I 50 -67.82 -33.21 -7.18
N ALA I 51 -66.99 -32.56 -6.36
CA ALA I 51 -65.96 -33.24 -5.54
C ALA I 51 -66.51 -33.86 -4.25
N VAL I 52 -67.55 -33.23 -3.70
CA VAL I 52 -68.25 -33.73 -2.50
C VAL I 52 -69.31 -34.80 -2.79
N ASP I 53 -69.83 -34.77 -4.02
CA ASP I 53 -70.95 -35.62 -4.52
C ASP I 53 -72.31 -34.90 -4.59
N ALA I 54 -72.42 -33.73 -3.96
CA ALA I 54 -73.62 -32.90 -4.06
C ALA I 54 -73.71 -32.28 -5.45
N LEU I 55 -73.21 -33.03 -6.45
CA LEU I 55 -73.17 -32.62 -7.86
C LEU I 55 -74.41 -31.80 -8.21
N GLY I 56 -75.58 -32.38 -7.95
CA GLY I 56 -76.84 -31.69 -8.15
C GLY I 56 -77.50 -31.22 -6.86
N ARG I 57 -77.62 -32.12 -5.88
CA ARG I 57 -78.55 -32.00 -4.74
C ARG I 57 -78.43 -30.77 -3.82
N PHE I 58 -78.30 -29.58 -4.42
CA PHE I 58 -78.32 -28.30 -3.73
C PHE I 58 -78.83 -27.25 -4.68
N ASP I 59 -79.56 -26.28 -4.17
CA ASP I 59 -79.90 -25.11 -4.96
C ASP I 59 -78.89 -24.06 -4.57
N ALA I 60 -78.72 -23.04 -5.43
CA ALA I 60 -77.81 -21.93 -5.15
C ALA I 60 -78.32 -20.59 -5.66
N TYR I 61 -78.41 -19.63 -4.76
CA TYR I 61 -78.73 -18.27 -5.15
C TYR I 61 -77.49 -17.43 -4.96
N ILE I 62 -77.14 -16.62 -5.97
CA ILE I 62 -75.82 -15.96 -6.01
C ILE I 62 -75.77 -14.46 -6.42
N THR I 63 -75.12 -13.64 -5.57
CA THR I 63 -74.69 -12.31 -5.98
C THR I 63 -73.21 -12.38 -6.18
N VAL I 64 -72.72 -11.50 -7.06
CA VAL I 64 -71.40 -11.57 -7.61
C VAL I 64 -71.18 -10.16 -8.17
N ARG I 65 -70.20 -9.45 -7.61
CA ARG I 65 -69.87 -8.09 -8.08
C ARG I 65 -68.38 -7.87 -7.88
N GLY I 66 -67.76 -7.20 -8.84
CA GLY I 66 -66.34 -6.83 -8.72
C GLY I 66 -65.45 -7.02 -9.95
N GLY I 67 -65.09 -5.90 -10.58
CA GLY I 67 -64.20 -5.92 -11.72
C GLY I 67 -64.67 -6.75 -12.89
N GLY I 68 -64.49 -8.08 -12.82
CA GLY I 68 -64.62 -8.96 -14.01
C GLY I 68 -64.87 -10.47 -13.94
N LYS I 69 -65.30 -11.01 -15.08
CA LYS I 69 -66.01 -12.29 -15.19
C LYS I 69 -65.31 -13.54 -14.69
N SER I 70 -64.08 -13.75 -15.15
CA SER I 70 -63.33 -14.97 -14.89
C SER I 70 -62.87 -15.08 -13.44
N GLY I 71 -62.81 -13.92 -12.78
CA GLY I 71 -62.53 -13.85 -11.35
C GLY I 71 -63.74 -14.32 -10.59
N GLN I 72 -64.89 -13.75 -10.97
CA GLN I 72 -66.17 -14.15 -10.43
C GLN I 72 -66.33 -15.66 -10.49
N ILE I 73 -66.04 -16.25 -11.66
CA ILE I 73 -66.03 -17.72 -11.75
C ILE I 73 -65.28 -18.38 -10.59
N ASP I 74 -64.08 -17.89 -10.30
CA ASP I 74 -63.33 -18.41 -9.17
C ASP I 74 -63.87 -17.96 -7.81
N ALA I 75 -64.33 -16.72 -7.73
CA ALA I 75 -64.94 -16.22 -6.50
C ALA I 75 -66.01 -17.21 -5.96
N ILE I 76 -67.06 -17.40 -6.76
CA ILE I 76 -68.03 -18.46 -6.56
C ILE I 76 -67.37 -19.75 -6.08
N LYS I 77 -66.41 -20.25 -6.84
CA LYS I 77 -65.74 -21.52 -6.54
C LYS I 77 -65.32 -21.60 -5.06
N LEU I 78 -65.07 -20.44 -4.45
CA LEU I 78 -64.73 -20.39 -3.02
C LEU I 78 -65.99 -20.36 -2.16
N GLY I 79 -66.87 -19.37 -2.39
CA GLY I 79 -68.20 -19.35 -1.78
C GLY I 79 -68.76 -20.75 -1.66
N ILE I 80 -69.33 -21.28 -2.75
CA ILE I 80 -69.72 -22.71 -2.84
C ILE I 80 -68.95 -23.60 -1.84
N ALA I 81 -67.63 -23.56 -1.89
CA ALA I 81 -66.79 -24.44 -1.07
C ALA I 81 -66.88 -24.12 0.44
N ARG I 82 -66.74 -22.82 0.76
CA ARG I 82 -66.84 -22.29 2.13
C ARG I 82 -68.22 -22.49 2.72
N ALA I 83 -69.23 -22.18 1.91
CA ALA I 83 -70.64 -22.35 2.27
C ALA I 83 -70.96 -23.80 2.66
N LEU I 84 -70.40 -24.75 1.92
CA LEU I 84 -70.70 -26.13 2.19
C LEU I 84 -69.83 -26.80 3.29
N VAL I 85 -68.71 -26.17 3.65
CA VAL I 85 -67.96 -26.58 4.87
C VAL I 85 -68.75 -26.11 6.12
N GLN I 86 -69.50 -25.02 5.98
CA GLN I 86 -70.44 -24.55 7.00
C GLN I 86 -71.83 -25.17 6.72
N TYR I 87 -71.81 -26.49 6.58
CA TYR I 87 -72.94 -27.39 6.44
C TYR I 87 -72.26 -28.73 6.67
N ASN I 88 -71.03 -28.68 7.18
CA ASN I 88 -70.27 -29.87 7.44
C ASN I 88 -68.78 -29.60 7.70
N PRO I 89 -68.42 -29.37 8.97
CA PRO I 89 -67.04 -29.53 9.39
C PRO I 89 -66.35 -30.83 8.91
N ASP I 90 -67.12 -31.85 8.54
CA ASP I 90 -66.53 -33.04 7.90
C ASP I 90 -66.19 -32.85 6.41
N TYR I 91 -66.65 -31.75 5.81
CA TYR I 91 -66.35 -31.42 4.39
C TYR I 91 -64.95 -30.76 4.17
N ARG I 92 -64.15 -30.78 5.23
CA ARG I 92 -62.75 -30.37 5.18
C ARG I 92 -61.96 -31.38 4.38
N ALA I 93 -61.67 -32.50 5.04
CA ALA I 93 -60.70 -33.51 4.61
C ALA I 93 -60.84 -34.05 3.18
N LYS I 94 -61.76 -33.49 2.40
CA LYS I 94 -61.84 -33.83 0.98
C LYS I 94 -61.70 -32.60 0.06
N LEU I 95 -62.28 -31.48 0.49
CA LEU I 95 -62.09 -30.20 -0.20
C LEU I 95 -60.69 -29.59 -0.09
N LYS I 96 -60.03 -29.77 1.06
CA LYS I 96 -58.70 -29.20 1.30
C LYS I 96 -57.62 -29.86 0.42
N PRO I 97 -57.54 -31.20 0.39
CA PRO I 97 -56.74 -31.86 -0.65
C PRO I 97 -56.68 -31.15 -2.02
N LEU I 98 -57.82 -30.87 -2.65
CA LEU I 98 -57.80 -30.09 -3.88
C LEU I 98 -57.86 -28.60 -3.57
N GLY I 99 -57.83 -28.27 -2.28
CA GLY I 99 -57.81 -26.87 -1.80
C GLY I 99 -58.65 -25.88 -2.58
N PHE I 100 -59.96 -26.08 -2.57
CA PHE I 100 -60.88 -25.09 -3.11
C PHE I 100 -61.06 -24.01 -2.05
N LEU I 101 -60.17 -24.09 -1.06
CA LEU I 101 -60.34 -23.45 0.23
C LEU I 101 -59.40 -22.28 0.44
N THR I 102 -58.42 -22.14 -0.45
CA THR I 102 -57.40 -21.09 -0.38
C THR I 102 -57.82 -19.86 -1.15
N ARG I 103 -57.74 -18.66 -0.56
CA ARG I 103 -58.26 -17.47 -1.24
C ARG I 103 -57.61 -17.17 -2.59
N ASP I 104 -56.30 -17.26 -2.67
CA ASP I 104 -55.56 -16.95 -3.89
C ASP I 104 -55.28 -15.43 -4.01
N ALA I 105 -54.08 -15.07 -3.57
CA ALA I 105 -53.76 -13.68 -3.27
C ALA I 105 -53.39 -12.81 -4.47
N ARG I 106 -53.33 -13.42 -5.65
CA ARG I 106 -52.66 -12.84 -6.82
C ARG I 106 -53.39 -11.68 -7.46
N VAL I 107 -52.97 -10.47 -7.14
CA VAL I 107 -53.61 -9.29 -7.70
C VAL I 107 -52.74 -8.64 -8.77
N VAL I 108 -53.37 -7.81 -9.58
CA VAL I 108 -52.63 -6.91 -10.42
C VAL I 108 -51.52 -6.31 -9.62
N GLU I 109 -50.30 -6.64 -10.01
CA GLU I 109 -49.17 -5.91 -9.52
C GLU I 109 -49.19 -4.51 -10.12
N ARG I 110 -48.56 -3.62 -9.38
CA ARG I 110 -48.84 -2.22 -9.49
C ARG I 110 -47.91 -1.52 -10.48
N LYS I 111 -48.44 -0.62 -11.32
CA LYS I 111 -47.55 0.15 -12.23
C LYS I 111 -46.53 1.02 -11.50
N LYS I 112 -45.25 0.80 -11.81
CA LYS I 112 -44.10 1.58 -11.28
C LYS I 112 -43.55 2.64 -12.22
N TYR I 113 -43.10 3.74 -11.65
CA TYR I 113 -42.58 4.84 -12.47
C TYR I 113 -41.25 4.40 -13.04
N GLY I 114 -40.90 4.98 -14.19
CA GLY I 114 -39.68 4.62 -14.89
C GLY I 114 -39.86 3.38 -15.74
N LYS I 115 -40.69 2.44 -15.29
CA LYS I 115 -41.11 1.36 -16.16
C LYS I 115 -42.30 1.77 -17.04
N HIS I 116 -42.68 0.91 -17.96
CA HIS I 116 -43.80 1.18 -18.83
C HIS I 116 -45.04 0.59 -18.19
N LYS I 117 -44.87 -0.26 -17.19
CA LYS I 117 -45.88 -1.26 -16.99
C LYS I 117 -45.67 -2.17 -15.80
N ALA I 118 -45.02 -1.69 -14.74
CA ALA I 118 -44.79 -2.56 -13.55
C ALA I 118 -43.49 -3.35 -13.59
N ARG I 119 -43.27 -4.08 -14.69
CA ARG I 119 -42.00 -4.79 -14.90
C ARG I 119 -41.39 -4.46 -16.26
N ARG I 120 -42.24 -4.50 -17.28
CA ARG I 120 -41.81 -4.16 -18.62
C ARG I 120 -41.09 -2.82 -18.52
N ALA I 121 -39.83 -2.83 -18.93
CA ALA I 121 -38.94 -1.67 -18.82
C ALA I 121 -38.74 -1.01 -20.20
N PRO I 122 -38.40 0.29 -20.24
CA PRO I 122 -38.29 0.98 -21.53
C PRO I 122 -37.20 0.45 -22.46
N GLN I 123 -37.09 1.00 -23.65
CA GLN I 123 -36.21 0.41 -24.64
C GLN I 123 -34.88 1.12 -24.80
N TYR I 124 -33.89 0.48 -24.18
CA TYR I 124 -32.45 0.73 -24.27
C TYR I 124 -31.93 0.81 -25.72
N SER I 125 -31.04 1.74 -26.02
CA SER I 125 -30.46 1.77 -27.37
C SER I 125 -28.93 1.74 -27.41
N LYS I 126 -28.29 2.05 -26.28
CA LYS I 126 -26.82 1.93 -26.07
C LYS I 126 -25.93 2.79 -27.01
N ARG I 127 -25.82 2.41 -28.27
CA ARG I 127 -25.12 3.22 -29.29
C ARG I 127 -25.92 4.48 -29.62
N LYS J 1 -83.70 14.57 14.32
CA LYS J 1 -82.63 13.84 13.57
C LYS J 1 -81.55 14.82 13.04
N ILE J 2 -80.57 15.12 13.90
CA ILE J 2 -79.40 15.95 13.53
C ILE J 2 -78.30 15.05 12.94
N ARG J 3 -77.85 15.42 11.73
CA ARG J 3 -76.88 14.64 10.95
C ARG J 3 -75.71 15.51 10.50
N ILE J 4 -74.51 15.05 10.83
CA ILE J 4 -73.31 15.88 10.69
C ILE J 4 -72.10 15.21 9.98
N LYS J 5 -71.56 15.92 8.97
CA LYS J 5 -70.36 15.53 8.23
C LYS J 5 -69.11 16.13 8.84
N LEU J 6 -68.02 15.37 8.78
CA LEU J 6 -66.74 15.78 9.29
C LEU J 6 -65.65 15.37 8.33
N ARG J 7 -64.94 16.36 7.81
CA ARG J 7 -63.80 16.13 6.94
C ARG J 7 -62.52 16.24 7.78
N GLY J 8 -61.38 15.88 7.19
CA GLY J 8 -60.11 15.87 7.91
C GLY J 8 -58.95 15.18 7.21
N PHE J 9 -57.80 15.84 7.22
CA PHE J 9 -56.56 15.25 6.70
C PHE J 9 -56.03 14.22 7.68
N ASP J 10 -56.48 14.33 8.92
CA ASP J 10 -55.96 13.52 10.01
C ASP J 10 -56.92 12.43 10.46
N HIS J 11 -56.66 11.19 10.08
CA HIS J 11 -57.56 10.10 10.42
C HIS J 11 -57.72 9.85 11.93
N LYS J 12 -56.73 10.27 12.72
CA LYS J 12 -56.75 10.05 14.18
C LYS J 12 -57.67 11.06 14.89
N THR J 13 -57.44 12.33 14.63
CA THR J 13 -58.28 13.37 15.19
C THR J 13 -59.55 13.59 14.34
N LEU J 14 -60.30 12.52 14.18
CA LEU J 14 -61.68 12.57 13.71
C LEU J 14 -62.38 11.49 14.48
N ASP J 15 -62.02 10.24 14.21
CA ASP J 15 -62.46 9.10 15.05
C ASP J 15 -62.26 9.47 16.53
N ALA J 16 -61.33 10.39 16.77
CA ALA J 16 -61.15 10.99 18.08
C ALA J 16 -62.14 12.14 18.24
N SER J 17 -61.86 13.27 17.57
CA SER J 17 -62.59 14.54 17.76
C SER J 17 -64.11 14.42 17.60
N ALA J 18 -64.55 13.83 16.49
CA ALA J 18 -65.98 13.68 16.24
C ALA J 18 -66.57 12.35 16.72
N GLN J 19 -65.94 11.73 17.71
CA GLN J 19 -66.56 10.61 18.41
C GLN J 19 -66.56 10.83 19.93
N LYS J 20 -66.21 12.04 20.34
CA LYS J 20 -66.66 12.57 21.62
C LYS J 20 -68.08 13.09 21.36
N ILE J 21 -68.34 13.51 20.13
CA ILE J 21 -69.67 13.92 19.66
C ILE J 21 -70.72 12.76 19.65
N VAL J 22 -70.43 11.69 20.40
CA VAL J 22 -71.32 10.52 20.54
C VAL J 22 -71.58 10.23 22.01
N GLU J 23 -70.64 10.69 22.84
CA GLU J 23 -70.82 10.70 24.29
C GLU J 23 -71.78 11.84 24.64
N ALA J 24 -71.42 13.05 24.20
CA ALA J 24 -72.19 14.27 24.47
C ALA J 24 -73.47 14.34 23.64
N ALA J 25 -74.06 13.19 23.36
CA ALA J 25 -75.32 13.10 22.65
C ALA J 25 -76.08 11.81 23.00
N ARG J 26 -75.40 10.83 23.58
CA ARG J 26 -76.07 9.68 24.21
C ARG J 26 -76.16 9.93 25.73
N ARG J 27 -75.15 10.63 26.26
CA ARG J 27 -75.12 11.02 27.67
C ARG J 27 -76.07 12.21 27.95
N SER J 28 -76.28 13.08 26.95
CA SER J 28 -77.12 14.27 27.14
C SER J 28 -78.38 14.38 26.25
N GLY J 29 -78.46 13.57 25.19
CA GLY J 29 -79.68 13.47 24.40
C GLY J 29 -80.35 12.13 24.63
N ALA J 30 -80.56 11.36 23.57
CA ALA J 30 -81.01 9.97 23.66
C ALA J 30 -80.31 9.04 22.64
N GLN J 31 -81.01 8.68 21.56
CA GLN J 31 -80.51 7.64 20.63
C GLN J 31 -79.61 8.13 19.49
N VAL J 32 -78.50 7.39 19.32
CA VAL J 32 -77.46 7.68 18.33
C VAL J 32 -77.34 6.54 17.32
N SER J 33 -77.06 6.88 16.06
CA SER J 33 -76.66 5.88 15.06
C SER J 33 -75.18 6.10 14.71
N GLY J 34 -74.36 5.20 15.23
CA GLY J 34 -72.92 5.41 15.41
C GLY J 34 -72.12 6.01 14.27
N PRO J 35 -70.82 6.29 14.52
CA PRO J 35 -69.95 6.95 13.53
C PRO J 35 -69.90 6.17 12.22
N ILE J 36 -70.14 6.84 11.10
CA ILE J 36 -70.07 6.16 9.79
C ILE J 36 -68.97 6.71 8.90
N PRO J 37 -68.05 5.80 8.45
CA PRO J 37 -66.85 6.24 7.78
C PRO J 37 -67.08 6.33 6.26
N LEU J 38 -67.12 7.54 5.74
CA LEU J 38 -67.25 7.70 4.28
C LEU J 38 -65.92 7.41 3.59
N PRO J 39 -65.97 6.81 2.39
CA PRO J 39 -64.69 6.58 1.72
C PRO J 39 -63.97 7.90 1.42
N THR J 40 -62.66 7.77 1.22
CA THR J 40 -61.72 8.89 1.20
C THR J 40 -61.41 9.41 -0.21
N ARG J 41 -61.21 10.72 -0.35
CA ARG J 41 -60.83 11.34 -1.64
C ARG J 41 -59.35 11.67 -1.68
N VAL J 42 -58.59 10.75 -2.28
CA VAL J 42 -57.10 10.75 -2.30
C VAL J 42 -56.47 11.47 -3.52
N ARG J 43 -56.04 12.71 -3.33
CA ARG J 43 -55.41 13.53 -4.37
C ARG J 43 -53.95 13.18 -4.35
N ARG J 44 -53.39 12.77 -5.50
CA ARG J 44 -51.98 12.37 -5.56
C ARG J 44 -51.12 13.26 -6.46
N PHE J 45 -49.86 13.43 -6.06
CA PHE J 45 -48.91 14.22 -6.82
C PHE J 45 -47.71 13.38 -7.21
N THR J 46 -47.28 13.52 -8.45
CA THR J 46 -46.14 12.76 -8.91
C THR J 46 -45.07 13.74 -9.31
N VAL J 47 -43.98 13.69 -8.56
CA VAL J 47 -42.96 14.67 -8.76
C VAL J 47 -41.56 14.08 -9.08
N ILE J 48 -41.04 14.59 -10.20
CA ILE J 48 -39.69 14.34 -10.70
C ILE J 48 -38.69 14.81 -9.65
N ARG J 49 -37.93 13.87 -9.06
CA ARG J 49 -37.04 14.15 -7.88
C ARG J 49 -36.03 15.29 -8.01
N GLY J 50 -35.41 15.41 -9.17
CA GLY J 50 -34.36 16.39 -9.36
C GLY J 50 -34.81 17.65 -10.03
N PRO J 51 -34.12 18.74 -9.73
CA PRO J 51 -34.29 19.99 -10.45
C PRO J 51 -34.28 19.84 -11.97
N PHE J 52 -33.38 19.01 -12.50
CA PHE J 52 -33.08 18.90 -13.95
C PHE J 52 -33.11 17.46 -14.44
N LYS J 53 -33.74 17.28 -15.60
CA LYS J 53 -33.60 16.08 -16.43
C LYS J 53 -33.42 14.70 -15.76
N HIS J 54 -34.30 14.31 -14.87
CA HIS J 54 -34.08 12.93 -14.45
C HIS J 54 -35.39 12.23 -14.45
N LYS J 55 -35.88 12.02 -15.65
CA LYS J 55 -37.30 11.74 -15.86
C LYS J 55 -37.79 10.45 -15.25
N ASP J 56 -36.97 9.42 -15.22
CA ASP J 56 -37.34 8.20 -14.49
C ASP J 56 -36.81 8.52 -13.15
N SER J 57 -37.22 7.79 -12.11
CA SER J 57 -37.10 8.33 -10.70
C SER J 57 -37.77 9.72 -10.44
N ARG J 58 -38.91 9.61 -9.74
CA ARG J 58 -39.61 10.68 -9.05
C ARG J 58 -40.07 10.11 -7.68
N GLU J 59 -40.99 10.81 -7.01
CA GLU J 59 -41.41 10.44 -5.65
C GLU J 59 -42.89 10.68 -5.54
N HIS J 60 -43.55 9.86 -4.74
CA HIS J 60 -45.01 9.95 -4.68
C HIS J 60 -45.60 10.59 -3.45
N PHE J 61 -46.36 11.66 -3.69
CA PHE J 61 -47.05 12.42 -2.65
C PHE J 61 -48.58 12.36 -2.75
N GLU J 62 -49.21 11.90 -1.67
CA GLU J 62 -50.68 11.97 -1.52
C GLU J 62 -51.16 13.08 -0.52
N LEU J 63 -52.40 13.56 -0.71
CA LEU J 63 -53.10 14.45 0.25
C LEU J 63 -54.51 13.93 0.58
N ARG J 64 -54.65 13.14 1.65
CA ARG J 64 -55.88 12.36 1.83
C ARG J 64 -56.99 12.88 2.79
N THR J 65 -58.01 13.52 2.19
CA THR J 65 -59.29 13.91 2.84
C THR J 65 -60.08 12.69 3.35
N HIS J 66 -60.06 12.48 4.67
CA HIS J 66 -60.91 11.47 5.28
C HIS J 66 -62.32 12.04 5.49
N ASN J 67 -63.33 11.17 5.54
CA ASN J 67 -64.72 11.59 5.66
C ASN J 67 -65.50 10.73 6.64
N ARG J 68 -65.88 11.32 7.78
CA ARG J 68 -66.71 10.64 8.77
C ARG J 68 -68.12 11.28 8.95
N LEU J 69 -69.10 10.46 9.36
CA LEU J 69 -70.50 10.90 9.48
C LEU J 69 -71.22 10.48 10.78
N VAL J 70 -72.04 11.40 11.30
CA VAL J 70 -72.77 11.15 12.56
C VAL J 70 -74.25 11.52 12.54
N ASP J 71 -75.09 10.54 12.94
CA ASP J 71 -76.54 10.67 13.05
C ASP J 71 -77.05 10.59 14.50
N ILE J 72 -77.83 11.59 14.90
CA ILE J 72 -78.60 11.55 16.16
C ILE J 72 -80.05 12.00 15.97
N ILE J 73 -80.98 11.29 16.63
CA ILE J 73 -82.45 11.53 16.49
C ILE J 73 -83.11 12.38 17.64
N ASN J 74 -82.48 13.51 17.94
CA ASN J 74 -82.77 14.31 19.14
C ASN J 74 -82.60 15.81 18.96
N PRO J 75 -83.48 16.47 18.17
CA PRO J 75 -83.38 17.95 18.09
C PRO J 75 -83.82 18.78 19.36
N ASN J 76 -83.26 18.42 20.54
CA ASN J 76 -83.42 19.18 21.80
C ASN J 76 -82.13 19.96 22.19
N ARG J 77 -82.22 20.83 23.21
CA ARG J 77 -81.05 21.62 23.70
C ARG J 77 -80.36 20.99 24.92
N LYS J 78 -80.89 19.85 25.39
CA LYS J 78 -80.22 19.03 26.41
C LYS J 78 -78.96 18.42 25.81
N THR J 79 -78.82 18.61 24.49
CA THR J 79 -77.73 18.10 23.70
C THR J 79 -76.82 19.27 23.25
N ILE J 80 -77.45 20.29 22.65
CA ILE J 80 -76.76 21.44 22.00
C ILE J 80 -75.86 22.23 22.98
N GLU J 81 -75.69 21.67 24.18
CA GLU J 81 -74.83 22.19 25.23
C GLU J 81 -73.35 22.02 24.88
N GLN J 82 -72.80 20.83 25.17
CA GLN J 82 -71.45 20.47 24.72
C GLN J 82 -71.37 20.68 23.21
N LEU J 83 -72.40 20.22 22.51
CA LEU J 83 -72.48 20.23 21.05
C LEU J 83 -72.75 21.63 20.45
N MET J 84 -71.95 22.60 20.87
CA MET J 84 -71.79 23.86 20.17
C MET J 84 -70.35 24.40 20.33
N THR J 85 -69.86 24.46 21.57
CA THR J 85 -68.42 24.57 21.89
C THR J 85 -68.03 23.82 23.18
N LEU J 86 -67.22 22.78 23.03
CA LEU J 86 -66.58 22.02 24.12
C LEU J 86 -65.43 21.21 23.48
N ASP J 87 -64.36 21.93 23.09
CA ASP J 87 -63.41 21.55 22.01
C ASP J 87 -62.28 20.51 22.23
N LEU J 88 -61.99 19.76 21.16
CA LEU J 88 -60.70 19.08 20.87
C LEU J 88 -60.49 18.72 19.35
N PRO J 89 -61.11 19.48 18.44
CA PRO J 89 -60.75 19.33 17.03
C PRO J 89 -59.94 20.52 16.47
N THR J 90 -58.71 20.29 16.01
CA THR J 90 -57.85 21.41 15.55
C THR J 90 -57.52 21.54 14.04
N GLY J 91 -57.62 20.42 13.32
CA GLY J 91 -57.51 20.41 11.86
C GLY J 91 -58.70 19.71 11.22
N VAL J 92 -59.89 20.11 11.67
CA VAL J 92 -61.15 19.44 11.32
C VAL J 92 -62.18 20.40 10.67
N GLU J 93 -63.32 19.86 10.25
CA GLU J 93 -64.38 20.69 9.72
C GLU J 93 -65.72 20.08 10.07
N ILE J 94 -66.77 20.90 9.93
CA ILE J 94 -68.14 20.50 10.26
C ILE J 94 -69.18 20.87 9.21
N GLU J 95 -69.97 19.86 8.86
CA GLU J 95 -71.22 20.03 8.14
C GLU J 95 -72.34 19.71 9.11
N ILE J 96 -73.27 20.66 9.21
CA ILE J 96 -74.41 20.58 10.10
C ILE J 96 -75.69 20.45 9.27
N LYS J 97 -76.44 19.35 9.46
CA LYS J 97 -77.73 19.14 8.78
C LYS J 97 -78.76 18.29 9.54
N THR J 98 -80.01 18.29 9.06
CA THR J 98 -81.08 17.37 9.53
C THR J 98 -81.86 16.78 8.36
N LYS K 1 -11.11 -65.96 -52.72
CA LYS K 1 -9.80 -65.66 -52.07
C LYS K 1 -9.58 -66.55 -50.82
N ARG K 2 -8.30 -66.70 -50.41
CA ARG K 2 -7.90 -67.61 -49.32
C ARG K 2 -8.75 -67.57 -48.05
N GLN K 3 -8.87 -68.71 -47.38
CA GLN K 3 -9.51 -68.73 -46.08
C GLN K 3 -8.49 -68.49 -44.98
N VAL K 4 -8.80 -67.50 -44.14
CA VAL K 4 -8.05 -67.20 -42.92
C VAL K 4 -9.05 -67.14 -41.78
N ALA K 5 -9.05 -68.17 -40.94
CA ALA K 5 -10.10 -68.37 -39.94
C ALA K 5 -9.98 -67.31 -38.89
N SER K 6 -8.73 -67.07 -38.51
CA SER K 6 -8.36 -66.12 -37.49
C SER K 6 -7.01 -65.47 -37.82
N GLY K 7 -6.71 -64.40 -37.08
CA GLY K 7 -5.47 -63.65 -37.23
C GLY K 7 -5.41 -62.45 -36.30
N ARG K 8 -4.89 -61.33 -36.83
CA ARG K 8 -4.53 -60.21 -35.99
C ARG K 8 -5.14 -58.88 -36.44
N ALA K 9 -5.60 -58.08 -35.48
CA ALA K 9 -6.13 -56.73 -35.71
C ALA K 9 -5.26 -55.65 -35.06
N TYR K 10 -4.60 -54.85 -35.89
CA TYR K 10 -3.68 -53.83 -35.41
C TYR K 10 -4.44 -52.51 -35.41
N ILE K 11 -4.59 -51.90 -34.23
CA ILE K 11 -5.11 -50.53 -34.17
C ILE K 11 -3.98 -49.50 -34.03
N HIS K 12 -3.79 -48.70 -35.07
CA HIS K 12 -2.82 -47.62 -34.97
C HIS K 12 -3.53 -46.30 -34.67
N ALA K 13 -3.64 -45.99 -33.38
CA ALA K 13 -4.45 -44.87 -32.90
C ALA K 13 -3.67 -43.62 -32.57
N SER K 14 -3.61 -42.70 -33.53
CA SER K 14 -2.91 -41.45 -33.38
C SER K 14 -3.86 -40.30 -33.11
N TYR K 15 -3.28 -39.13 -32.82
CA TYR K 15 -4.06 -37.94 -32.52
C TYR K 15 -4.83 -37.41 -33.69
N ASN K 16 -4.46 -37.88 -34.86
CA ASN K 16 -4.86 -37.23 -36.08
C ASN K 16 -5.78 -38.04 -37.04
N ASN K 17 -5.93 -39.32 -36.67
CA ASN K 17 -6.48 -40.41 -37.47
C ASN K 17 -6.39 -41.68 -36.65
N THR K 18 -7.14 -42.69 -37.07
CA THR K 18 -6.96 -44.05 -36.62
C THR K 18 -6.94 -44.96 -37.87
N ILE K 19 -5.93 -45.80 -38.01
CA ILE K 19 -5.95 -46.78 -39.10
C ILE K 19 -6.04 -48.17 -38.47
N VAL K 20 -6.77 -49.07 -39.12
CA VAL K 20 -6.78 -50.48 -38.70
C VAL K 20 -6.32 -51.41 -39.82
N THR K 21 -5.37 -52.28 -39.53
CA THR K 21 -5.00 -53.29 -40.51
C THR K 21 -5.30 -54.63 -39.88
N ILE K 22 -5.80 -55.54 -40.71
CA ILE K 22 -6.10 -56.90 -40.25
C ILE K 22 -5.23 -57.88 -41.04
N THR K 23 -4.58 -58.78 -40.30
CA THR K 23 -3.64 -59.70 -40.90
C THR K 23 -3.95 -61.11 -40.49
N ASP K 24 -3.46 -62.03 -41.31
CA ASP K 24 -3.37 -63.45 -41.00
C ASP K 24 -2.45 -63.65 -39.82
N PRO K 25 -2.47 -64.87 -39.24
CA PRO K 25 -1.66 -65.20 -38.08
C PRO K 25 -0.17 -64.86 -38.17
N ASP K 26 0.33 -64.56 -39.36
CA ASP K 26 1.74 -64.22 -39.57
C ASP K 26 2.00 -62.72 -39.72
N GLY K 27 0.93 -61.93 -39.71
CA GLY K 27 1.04 -60.48 -39.82
C GLY K 27 1.11 -59.92 -41.23
N ASN K 28 0.68 -60.70 -42.22
CA ASN K 28 0.51 -60.16 -43.58
C ASN K 28 -0.88 -59.58 -43.73
N PRO K 29 -0.96 -58.32 -44.15
CA PRO K 29 -2.22 -57.70 -44.31
C PRO K 29 -3.22 -58.52 -45.14
N ILE K 30 -4.47 -58.51 -44.67
CA ILE K 30 -5.64 -59.12 -45.30
C ILE K 30 -6.48 -57.97 -45.88
N THR K 31 -6.81 -56.99 -45.03
CA THR K 31 -7.54 -55.76 -45.40
C THR K 31 -7.17 -54.66 -44.45
N TRP K 32 -7.50 -53.42 -44.82
CA TRP K 32 -7.36 -52.32 -43.90
C TRP K 32 -8.43 -51.29 -44.06
N SER K 33 -8.49 -50.38 -43.10
CA SER K 33 -9.41 -49.28 -43.15
C SER K 33 -8.84 -48.05 -42.41
N SER K 34 -9.53 -46.93 -42.51
CA SER K 34 -9.14 -45.78 -41.75
C SER K 34 -10.20 -44.70 -41.83
N GLY K 35 -9.99 -43.63 -41.09
CA GLY K 35 -10.85 -42.47 -41.17
C GLY K 35 -10.95 -41.84 -42.55
N GLY K 36 -9.90 -41.94 -43.33
CA GLY K 36 -9.96 -41.49 -44.72
C GLY K 36 -10.68 -42.51 -45.57
N VAL K 37 -10.49 -43.79 -45.25
CA VAL K 37 -11.11 -44.84 -46.01
C VAL K 37 -12.60 -44.80 -45.88
N ILE K 38 -13.12 -44.58 -44.68
CA ILE K 38 -14.49 -44.12 -44.63
C ILE K 38 -14.51 -42.72 -45.27
N GLY K 39 -15.68 -42.08 -45.31
CA GLY K 39 -15.83 -40.79 -45.99
C GLY K 39 -15.06 -39.57 -45.50
N TYR K 40 -14.65 -39.57 -44.23
CA TYR K 40 -14.12 -38.39 -43.52
C TYR K 40 -12.84 -37.81 -44.04
N LYS K 41 -12.60 -36.55 -43.68
CA LYS K 41 -11.46 -35.80 -44.20
C LYS K 41 -10.84 -34.84 -43.20
N GLY K 42 -9.54 -35.04 -42.98
CA GLY K 42 -8.79 -34.14 -42.14
C GLY K 42 -9.03 -34.34 -40.65
N SER K 43 -9.76 -33.38 -40.09
CA SER K 43 -9.90 -33.32 -38.63
C SER K 43 -10.81 -34.42 -38.12
N ARG K 44 -11.85 -34.73 -38.90
CA ARG K 44 -12.85 -35.67 -38.41
C ARG K 44 -12.27 -37.08 -38.33
N LYS K 45 -11.24 -37.37 -39.13
CA LYS K 45 -10.63 -38.71 -39.20
C LYS K 45 -10.13 -39.14 -37.83
N GLY K 46 -9.85 -38.15 -36.98
CA GLY K 46 -9.47 -38.33 -35.58
C GLY K 46 -10.56 -39.00 -34.77
N THR K 47 -11.40 -38.18 -34.16
CA THR K 47 -12.73 -38.53 -33.62
C THR K 47 -13.00 -40.00 -33.32
N PRO K 48 -13.61 -40.28 -32.16
CA PRO K 48 -13.86 -41.69 -31.79
C PRO K 48 -14.79 -42.37 -32.79
N TYR K 49 -15.71 -41.60 -33.36
CA TYR K 49 -16.66 -42.16 -34.30
C TYR K 49 -16.00 -42.70 -35.60
N ALA K 50 -15.22 -41.84 -36.28
CA ALA K 50 -14.33 -42.29 -37.35
C ALA K 50 -13.65 -43.62 -36.98
N ALA K 51 -12.96 -43.65 -35.84
CA ALA K 51 -12.39 -44.91 -35.35
C ALA K 51 -13.37 -46.11 -35.48
N GLN K 52 -14.59 -45.92 -34.98
CA GLN K 52 -15.58 -46.97 -35.02
C GLN K 52 -15.81 -47.40 -36.45
N LEU K 53 -16.34 -46.49 -37.26
CA LEU K 53 -16.59 -46.76 -38.68
C LEU K 53 -15.46 -47.58 -39.29
N ALA K 54 -14.24 -47.08 -39.15
CA ALA K 54 -13.02 -47.70 -39.68
C ALA K 54 -12.79 -49.13 -39.17
N ALA K 55 -12.85 -49.32 -37.86
CA ALA K 55 -12.74 -50.66 -37.29
C ALA K 55 -13.80 -51.57 -37.88
N LEU K 56 -15.04 -51.10 -37.89
CA LEU K 56 -16.13 -51.87 -38.43
C LEU K 56 -15.87 -52.17 -39.91
N ASP K 57 -15.58 -51.15 -40.71
CA ASP K 57 -15.25 -51.36 -42.11
C ASP K 57 -14.16 -52.43 -42.27
N ALA K 58 -13.07 -52.28 -41.55
CA ALA K 58 -11.97 -53.23 -41.65
C ALA K 58 -12.39 -54.65 -41.28
N ALA K 59 -13.20 -54.78 -40.23
CA ALA K 59 -13.68 -56.09 -39.82
C ALA K 59 -14.60 -56.73 -40.87
N LYS K 60 -15.66 -56.01 -41.26
CA LYS K 60 -16.60 -56.50 -42.27
C LYS K 60 -15.87 -56.91 -43.55
N LYS K 61 -14.94 -56.06 -44.03
CA LYS K 61 -14.06 -56.38 -45.17
C LYS K 61 -13.28 -57.67 -44.99
N ALA K 62 -13.02 -57.98 -43.73
CA ALA K 62 -12.17 -59.11 -43.42
C ALA K 62 -12.97 -60.38 -43.21
N MET K 63 -14.21 -60.24 -42.75
CA MET K 63 -15.11 -61.39 -42.56
C MET K 63 -15.45 -61.98 -43.92
N ALA K 64 -15.49 -61.11 -44.93
CA ALA K 64 -15.44 -61.50 -46.33
C ALA K 64 -14.40 -62.59 -46.65
N TYR K 65 -13.21 -62.53 -46.05
CA TYR K 65 -12.25 -63.63 -46.21
C TYR K 65 -12.52 -64.73 -45.21
N GLY K 66 -13.73 -64.74 -44.64
CA GLY K 66 -14.17 -65.80 -43.74
C GLY K 66 -13.46 -65.80 -42.40
N MET K 67 -12.74 -64.71 -42.13
CA MET K 67 -12.06 -64.48 -40.86
C MET K 67 -13.12 -64.40 -39.77
N GLN K 68 -12.86 -65.03 -38.63
CA GLN K 68 -13.86 -65.12 -37.56
C GLN K 68 -13.46 -64.72 -36.13
N SER K 69 -12.16 -64.66 -35.87
CA SER K 69 -11.67 -64.20 -34.57
C SER K 69 -10.29 -63.59 -34.74
N VAL K 70 -9.92 -62.69 -33.83
CA VAL K 70 -8.64 -61.99 -33.93
C VAL K 70 -8.03 -61.66 -32.59
N ASP K 71 -6.71 -61.55 -32.59
CA ASP K 71 -6.01 -60.87 -31.51
C ASP K 71 -5.85 -59.40 -31.86
N VAL K 72 -6.10 -58.56 -30.86
CA VAL K 72 -5.95 -57.13 -31.02
C VAL K 72 -4.60 -56.64 -30.47
N ILE K 73 -4.03 -55.69 -31.21
CA ILE K 73 -2.75 -55.06 -30.87
C ILE K 73 -2.84 -53.56 -31.11
N VAL K 74 -2.80 -52.78 -30.02
CA VAL K 74 -3.09 -51.33 -30.09
C VAL K 74 -1.79 -50.54 -30.04
N ARG K 75 -1.75 -49.41 -30.72
CA ARG K 75 -0.50 -48.68 -30.80
C ARG K 75 -0.81 -47.21 -30.90
N GLY K 76 -0.24 -46.42 -30.01
CA GLY K 76 -0.60 -45.02 -29.89
C GLY K 76 -1.53 -44.87 -28.70
N THR K 77 -1.86 -43.61 -28.43
CA THR K 77 -2.84 -43.17 -27.43
C THR K 77 -3.36 -42.02 -28.24
N GLY K 78 -4.66 -42.02 -28.47
CA GLY K 78 -5.24 -41.16 -29.48
C GLY K 78 -6.74 -41.24 -29.34
N ALA K 79 -7.42 -40.18 -29.75
CA ALA K 79 -8.85 -40.01 -29.50
C ALA K 79 -9.70 -41.29 -29.72
N GLY K 80 -9.24 -42.18 -30.60
CA GLY K 80 -10.04 -43.32 -31.02
C GLY K 80 -9.64 -44.71 -30.59
N ARG K 81 -8.65 -44.85 -29.70
CA ARG K 81 -8.21 -46.17 -29.25
C ARG K 81 -9.41 -47.03 -28.93
N GLU K 82 -10.14 -46.67 -27.88
CA GLU K 82 -11.06 -47.65 -27.32
C GLU K 82 -12.33 -47.87 -28.12
N GLN K 83 -12.71 -46.89 -28.93
CA GLN K 83 -13.84 -47.09 -29.83
C GLN K 83 -13.51 -48.17 -30.86
N ALA K 84 -12.31 -48.08 -31.42
CA ALA K 84 -11.80 -49.11 -32.33
C ALA K 84 -11.83 -50.48 -31.66
N ILE K 85 -11.48 -50.53 -30.37
CA ILE K 85 -11.49 -51.81 -29.66
C ILE K 85 -12.91 -52.32 -29.41
N ARG K 86 -13.78 -51.45 -28.88
CA ARG K 86 -15.15 -51.85 -28.59
C ARG K 86 -15.88 -52.25 -29.87
N ALA K 87 -15.51 -51.58 -30.96
CA ALA K 87 -16.06 -51.85 -32.28
C ALA K 87 -15.74 -53.28 -32.74
N LEU K 88 -14.49 -53.69 -32.63
CA LEU K 88 -14.15 -55.10 -32.97
C LEU K 88 -14.84 -56.14 -32.08
N GLN K 89 -15.06 -55.79 -30.82
CA GLN K 89 -15.79 -56.69 -29.95
C GLN K 89 -17.22 -56.84 -30.42
N ALA K 90 -17.84 -55.70 -30.67
CA ALA K 90 -19.22 -55.64 -31.18
C ALA K 90 -19.38 -55.97 -32.67
N SER K 91 -18.30 -56.34 -33.36
CA SER K 91 -18.35 -56.63 -34.79
C SER K 91 -18.76 -58.08 -35.11
N GLY K 92 -19.12 -58.83 -34.08
CA GLY K 92 -19.12 -60.28 -34.21
C GLY K 92 -17.65 -60.56 -34.10
N LEU K 93 -17.06 -61.15 -35.15
CA LEU K 93 -15.61 -61.39 -35.22
C LEU K 93 -14.93 -61.42 -33.84
N GLN K 94 -14.88 -62.61 -33.23
CA GLN K 94 -14.51 -62.77 -31.82
C GLN K 94 -13.13 -62.22 -31.48
N VAL K 95 -13.08 -61.33 -30.49
CA VAL K 95 -11.81 -60.74 -29.98
C VAL K 95 -11.14 -61.64 -28.93
N LYS K 96 -10.09 -62.36 -29.33
CA LYS K 96 -9.39 -63.27 -28.42
C LYS K 96 -8.64 -62.61 -27.27
N SER K 97 -8.03 -61.45 -27.50
CA SER K 97 -7.11 -60.86 -26.51
C SER K 97 -6.39 -59.62 -27.00
N ILE K 98 -6.50 -58.58 -26.19
CA ILE K 98 -5.96 -57.25 -26.50
C ILE K 98 -4.58 -57.02 -25.88
N VAL K 99 -3.66 -56.48 -26.67
CA VAL K 99 -2.33 -56.17 -26.15
C VAL K 99 -1.97 -54.74 -26.58
N ASP K 100 -1.38 -54.00 -25.67
CA ASP K 100 -0.84 -52.71 -26.07
C ASP K 100 0.61 -52.93 -26.32
N ASP K 101 1.05 -52.56 -27.52
CA ASP K 101 2.46 -52.63 -27.90
C ASP K 101 2.93 -51.31 -28.52
N THR K 102 2.45 -50.18 -28.00
CA THR K 102 2.93 -48.87 -28.44
C THR K 102 4.47 -48.80 -28.29
N PRO K 103 5.17 -48.35 -29.33
CA PRO K 103 6.63 -48.31 -29.19
C PRO K 103 7.09 -47.14 -28.29
N VAL K 104 8.28 -47.26 -27.70
CA VAL K 104 8.83 -46.18 -26.89
C VAL K 104 10.35 -46.29 -26.86
N PRO K 105 11.08 -45.23 -27.29
CA PRO K 105 12.55 -45.31 -27.33
C PRO K 105 13.06 -45.54 -25.94
N HIS K 106 14.21 -46.20 -25.78
CA HIS K 106 14.84 -46.26 -24.46
C HIS K 106 15.80 -45.10 -24.32
N ASN K 107 15.20 -43.93 -24.47
CA ASN K 107 15.78 -42.65 -24.89
C ASN K 107 16.67 -42.58 -26.10
N GLY K 108 16.12 -42.10 -27.21
CA GLY K 108 16.72 -42.28 -28.54
C GLY K 108 17.04 -41.04 -29.36
N CYS K 109 16.11 -40.64 -30.24
CA CYS K 109 16.32 -39.46 -31.10
C CYS K 109 15.65 -38.22 -30.57
N ARG K 110 16.32 -37.08 -30.74
CA ARG K 110 15.76 -35.78 -30.33
C ARG K 110 14.44 -35.59 -31.02
N PRO K 111 13.40 -35.24 -30.28
CA PRO K 111 12.11 -35.07 -30.90
C PRO K 111 11.95 -33.70 -31.54
N LYS K 112 10.83 -33.52 -32.25
CA LYS K 112 10.58 -32.24 -32.90
C LYS K 112 10.20 -31.27 -31.81
N LYS K 113 10.56 -30.00 -32.03
CA LYS K 113 10.20 -28.92 -31.10
C LYS K 113 8.79 -29.19 -30.52
N LYS K 114 7.86 -29.61 -31.39
CA LYS K 114 6.48 -29.89 -31.00
C LYS K 114 6.34 -30.78 -29.77
N PHE K 115 7.16 -31.83 -29.67
CA PHE K 115 7.01 -32.82 -28.59
C PHE K 115 8.19 -32.74 -27.68
N ARG K 116 8.64 -31.53 -27.40
CA ARG K 116 9.74 -31.34 -26.48
C ARG K 116 9.45 -30.30 -25.42
N LYS K 117 8.51 -29.38 -25.72
CA LYS K 117 8.10 -28.20 -24.90
C LYS K 117 8.36 -28.30 -23.38
N ALA K 118 8.39 -29.53 -22.86
CA ALA K 118 8.94 -29.85 -21.54
C ALA K 118 10.47 -29.93 -21.69
N SER K 119 11.13 -28.84 -21.29
CA SER K 119 12.59 -28.67 -21.44
C SER K 119 13.41 -29.45 -20.40
N PRO L 1 37.31 -3.46 3.53
CA PRO L 1 38.52 -4.18 3.09
C PRO L 1 39.40 -4.51 4.27
N THR L 2 40.17 -5.60 4.22
CA THR L 2 41.08 -5.90 5.34
C THR L 2 41.99 -4.72 5.59
N ILE L 3 42.72 -4.74 6.70
CA ILE L 3 43.64 -3.64 6.92
C ILE L 3 44.88 -3.77 6.06
N ASN L 4 45.29 -5.01 5.83
CA ASN L 4 46.38 -5.23 4.90
C ASN L 4 46.00 -4.62 3.58
N GLN L 5 44.75 -4.88 3.18
CA GLN L 5 44.22 -4.35 1.93
C GLN L 5 44.37 -2.83 1.89
N LEU L 6 44.01 -2.13 2.97
CA LEU L 6 44.12 -0.67 2.97
C LEU L 6 45.58 -0.27 2.91
N VAL L 7 46.44 -1.00 3.58
CA VAL L 7 47.86 -0.78 3.40
C VAL L 7 48.28 -1.00 1.93
N ARG L 8 47.71 -2.00 1.29
CA ARG L 8 48.03 -2.25 -0.10
C ARG L 8 47.46 -1.18 -1.05
N LYS L 9 46.16 -0.93 -1.04
CA LYS L 9 45.58 0.01 -2.01
C LYS L 9 45.24 1.38 -1.42
N GLY L 10 44.80 1.41 -0.18
CA GLY L 10 44.42 2.69 0.38
C GLY L 10 43.07 3.11 -0.12
N ARG L 11 42.50 4.15 0.50
CA ARG L 11 41.26 4.71 -0.01
C ARG L 11 41.59 5.70 -1.10
N GLU L 12 40.56 6.15 -1.83
CA GLU L 12 40.76 7.01 -2.99
C GLU L 12 39.95 8.26 -2.85
N LYS L 13 40.66 9.38 -2.99
CA LYS L 13 40.11 10.71 -2.76
C LYS L 13 39.06 11.08 -3.78
N VAL L 14 37.87 11.35 -3.31
CA VAL L 14 36.76 11.66 -4.22
C VAL L 14 36.95 13.08 -4.75
N ARG L 15 37.66 13.22 -5.86
CA ARG L 15 37.96 14.56 -6.39
C ARG L 15 37.05 14.81 -7.55
N LYS L 16 36.23 15.87 -7.45
CA LYS L 16 35.11 16.05 -8.39
C LYS L 16 35.03 17.40 -9.14
N LYS L 17 34.12 17.44 -10.13
CA LYS L 17 34.26 18.28 -11.31
C LYS L 17 33.39 19.51 -11.35
N SER L 18 33.97 20.55 -11.97
CA SER L 18 33.36 21.85 -12.12
C SER L 18 32.08 21.82 -12.93
N LYS L 19 31.18 22.74 -12.66
CA LYS L 19 29.91 22.76 -13.34
C LYS L 19 29.91 23.96 -14.26
N VAL L 20 31.06 24.58 -14.41
CA VAL L 20 31.07 25.90 -14.95
C VAL L 20 32.44 26.13 -15.53
N PRO L 21 32.79 25.50 -16.66
CA PRO L 21 34.06 26.10 -17.30
C PRO L 21 34.01 27.57 -17.91
N ALA L 22 33.69 28.51 -16.99
CA ALA L 22 33.96 29.97 -17.03
C ALA L 22 35.51 30.02 -16.89
N LEU L 23 36.10 28.99 -17.51
CA LEU L 23 37.48 28.51 -17.29
C LEU L 23 38.14 29.09 -16.05
N LYS L 24 39.38 29.54 -16.25
CA LYS L 24 40.34 29.86 -15.18
C LYS L 24 39.65 30.21 -13.87
N GLY L 25 38.77 29.32 -13.44
CA GLY L 25 38.09 29.43 -12.17
C GLY L 25 37.19 30.62 -12.24
N ALA L 26 37.81 31.78 -12.46
CA ALA L 26 37.18 33.08 -12.72
C ALA L 26 35.71 33.16 -12.35
N PRO L 27 35.35 34.14 -11.54
CA PRO L 27 33.96 34.27 -11.11
C PRO L 27 33.02 34.76 -12.21
N PHE L 28 33.56 35.31 -13.31
CA PHE L 28 32.81 35.86 -14.45
C PHE L 28 33.64 35.80 -15.68
N ARG L 29 33.01 35.64 -16.83
CA ARG L 29 33.77 35.82 -18.07
C ARG L 29 33.09 36.77 -19.07
N ARG L 30 33.93 37.46 -19.84
CA ARG L 30 33.47 38.34 -20.90
C ARG L 30 33.40 37.59 -22.23
N GLY L 31 32.24 37.74 -22.88
CA GLY L 31 31.97 37.14 -24.19
C GLY L 31 31.34 38.16 -25.13
N VAL L 32 31.21 37.75 -26.39
CA VAL L 32 30.46 38.50 -27.40
C VAL L 32 29.38 37.57 -27.93
N CYS L 33 28.13 38.07 -28.07
CA CYS L 33 27.02 37.23 -28.57
C CYS L 33 27.17 36.73 -30.03
N THR L 34 26.18 36.00 -30.53
CA THR L 34 26.30 35.35 -31.84
C THR L 34 24.90 35.04 -32.35
N VAL L 35 24.14 34.32 -31.54
CA VAL L 35 22.72 34.26 -31.72
C VAL L 35 22.09 34.91 -30.50
N VAL L 36 20.87 35.40 -30.68
CA VAL L 36 20.03 35.71 -29.56
C VAL L 36 18.68 35.03 -29.83
N ARG L 37 18.74 33.74 -30.09
CA ARG L 37 17.59 32.84 -30.11
C ARG L 37 16.65 32.95 -28.87
N THR L 38 15.53 32.25 -28.99
CA THR L 38 14.55 32.04 -27.94
C THR L 38 14.47 30.52 -27.85
N VAL L 39 14.18 29.98 -26.67
CA VAL L 39 14.14 28.51 -26.54
C VAL L 39 12.93 28.04 -25.76
N THR L 40 12.43 26.87 -26.12
CA THR L 40 11.36 26.26 -25.37
C THR L 40 11.98 25.52 -24.21
N PRO L 41 11.34 25.62 -23.03
CA PRO L 41 11.75 24.83 -21.89
C PRO L 41 11.31 23.42 -22.12
N LYS L 42 11.46 22.61 -21.09
CA LYS L 42 11.13 21.22 -21.16
C LYS L 42 10.12 20.85 -20.08
N LYS L 43 10.24 19.63 -19.61
CA LYS L 43 9.68 19.17 -18.35
C LYS L 43 8.20 19.31 -18.46
N PRO L 44 7.55 20.08 -17.54
CA PRO L 44 6.14 20.48 -17.62
C PRO L 44 6.06 21.99 -17.73
N ASN L 45 7.04 22.54 -18.43
CA ASN L 45 7.12 23.98 -18.60
C ASN L 45 6.95 24.41 -20.01
N SER L 46 6.22 25.50 -20.18
CA SER L 46 5.93 26.04 -21.49
C SER L 46 6.25 27.52 -21.43
N ALA L 47 7.09 27.99 -22.34
CA ALA L 47 7.30 29.43 -22.56
C ALA L 47 8.45 29.76 -23.53
N LEU L 48 8.68 31.03 -23.81
CA LEU L 48 9.68 31.36 -24.79
C LEU L 48 10.82 32.04 -24.06
N ARG L 49 11.87 31.27 -23.83
CA ARG L 49 12.94 31.71 -22.97
C ARG L 49 14.15 32.36 -23.66
N LYS L 50 14.61 33.48 -23.10
CA LYS L 50 15.68 34.26 -23.73
C LYS L 50 17.12 33.70 -23.56
N VAL L 51 17.83 33.44 -24.66
CA VAL L 51 19.18 32.88 -24.60
C VAL L 51 20.14 33.52 -25.61
N ALA L 52 21.41 33.73 -25.24
CA ALA L 52 22.47 34.07 -26.22
C ALA L 52 23.55 32.96 -26.44
N LYS L 53 24.09 32.83 -27.66
CA LYS L 53 25.32 32.04 -27.88
C LYS L 53 26.48 33.00 -27.66
N VAL L 54 27.34 32.67 -26.70
CA VAL L 54 28.38 33.63 -26.34
C VAL L 54 29.78 33.09 -26.62
N ARG L 55 30.60 33.88 -27.31
CA ARG L 55 31.96 33.49 -27.68
C ARG L 55 32.84 34.20 -26.69
N LEU L 56 33.62 33.40 -25.97
CA LEU L 56 34.17 33.83 -24.68
C LEU L 56 35.64 34.19 -24.75
N THR L 57 36.09 35.00 -23.78
CA THR L 57 37.54 35.12 -23.54
C THR L 57 38.19 33.82 -23.04
N SER L 58 37.38 32.86 -22.55
CA SER L 58 37.85 31.52 -22.18
C SER L 58 38.50 30.85 -23.39
N GLY L 59 38.07 31.23 -24.59
CA GLY L 59 38.33 30.49 -25.83
C GLY L 59 37.06 29.76 -26.21
N TYR L 60 36.27 29.44 -25.18
CA TYR L 60 34.96 28.75 -25.24
C TYR L 60 33.78 29.52 -25.89
N GLU L 61 32.91 28.80 -26.63
CA GLU L 61 31.60 29.35 -27.09
C GLU L 61 30.41 28.58 -26.53
N VAL L 62 29.60 29.26 -25.72
CA VAL L 62 28.47 28.60 -25.05
C VAL L 62 27.24 29.48 -24.92
N THR L 63 26.15 28.81 -24.55
CA THR L 63 24.84 29.43 -24.45
C THR L 63 24.67 29.96 -23.04
N ALA L 64 24.05 31.12 -22.91
CA ALA L 64 23.80 31.76 -21.62
C ALA L 64 22.40 32.39 -21.51
N TYR L 65 21.83 32.36 -20.32
CA TYR L 65 20.48 32.85 -20.12
C TYR L 65 20.49 34.35 -19.95
N ILE L 66 19.45 34.99 -20.52
CA ILE L 66 19.24 36.43 -20.39
C ILE L 66 18.04 36.67 -19.50
N PRO L 67 18.28 36.89 -18.19
CA PRO L 67 17.27 36.97 -17.12
C PRO L 67 16.50 38.29 -17.13
N GLY L 68 15.29 38.27 -16.58
CA GLY L 68 14.51 39.49 -16.46
C GLY L 68 13.49 39.74 -17.56
N GLU L 69 12.72 40.82 -17.37
CA GLU L 69 11.59 41.24 -18.23
C GLU L 69 11.89 41.24 -19.72
N GLY L 70 12.67 42.18 -20.20
CA GLY L 70 13.08 42.06 -21.59
C GLY L 70 14.46 42.63 -21.81
N HIS L 71 15.18 42.04 -22.76
CA HIS L 71 16.54 42.48 -23.06
C HIS L 71 16.72 43.41 -24.26
N ASN L 72 17.99 43.65 -24.61
CA ASN L 72 18.38 44.55 -25.68
C ASN L 72 19.67 43.99 -26.29
N LEU L 73 19.65 42.71 -26.60
CA LEU L 73 20.88 42.08 -27.08
C LEU L 73 20.64 41.52 -28.46
N GLN L 74 21.69 41.63 -29.29
CA GLN L 74 21.67 41.08 -30.64
C GLN L 74 23.07 40.77 -31.14
N GLU L 75 23.13 39.90 -32.15
CA GLU L 75 24.39 39.38 -32.69
C GLU L 75 25.64 39.91 -32.01
N HIS L 76 26.01 41.17 -32.24
CA HIS L 76 27.33 41.61 -31.76
C HIS L 76 27.44 42.23 -30.35
N SER L 77 26.58 41.77 -29.45
CA SER L 77 26.25 42.49 -28.23
C SER L 77 27.27 42.65 -27.11
N VAL L 78 28.26 41.75 -26.92
CA VAL L 78 29.40 42.02 -25.94
C VAL L 78 28.96 42.14 -24.46
N VAL L 79 29.15 41.06 -23.70
CA VAL L 79 28.40 40.89 -22.48
C VAL L 79 29.21 40.15 -21.41
N LEU L 80 28.91 40.36 -20.13
CA LEU L 80 29.52 39.56 -19.03
C LEU L 80 28.63 38.42 -18.53
N ILE L 81 29.28 37.29 -18.29
CA ILE L 81 28.64 35.99 -18.12
C ILE L 81 28.90 35.53 -16.67
N ARG L 82 27.98 34.78 -16.05
CA ARG L 82 28.22 34.53 -14.64
C ARG L 82 28.01 33.13 -14.10
N GLY L 83 27.30 32.25 -14.77
CA GLY L 83 27.22 30.92 -14.18
C GLY L 83 26.13 30.88 -13.14
N GLY L 84 25.37 29.81 -13.19
CA GLY L 84 23.98 29.80 -12.83
C GLY L 84 23.31 29.08 -13.99
N ARG L 85 22.89 27.84 -13.75
CA ARG L 85 22.22 27.06 -14.78
C ARG L 85 20.80 27.59 -14.94
N VAL L 86 20.06 27.10 -15.94
CA VAL L 86 18.65 27.41 -16.06
C VAL L 86 17.75 26.26 -15.68
N LYS L 87 18.09 25.04 -16.05
CA LYS L 87 17.44 23.95 -15.30
C LYS L 87 16.14 23.52 -15.95
N ASP L 88 15.58 24.43 -16.72
CA ASP L 88 14.50 24.11 -17.60
C ASP L 88 14.99 23.95 -18.97
N LEU L 89 16.18 24.47 -19.20
CA LEU L 89 16.81 24.47 -20.49
C LEU L 89 18.08 23.68 -20.32
N PRO L 90 18.03 22.37 -20.63
CA PRO L 90 19.28 21.64 -20.39
C PRO L 90 20.30 22.24 -21.35
N GLY L 91 21.55 22.29 -20.90
CA GLY L 91 22.63 22.87 -21.71
C GLY L 91 22.72 24.39 -21.63
N VAL L 92 22.00 24.99 -20.67
CA VAL L 92 22.20 26.40 -20.29
C VAL L 92 22.70 26.46 -18.84
N ARG L 93 23.94 26.87 -18.65
CA ARG L 93 24.56 26.75 -17.34
C ARG L 93 25.18 28.06 -16.86
N TYR L 94 24.98 29.13 -17.63
CA TYR L 94 25.58 30.41 -17.29
C TYR L 94 24.48 31.42 -17.50
N HIS L 95 24.42 32.43 -16.64
CA HIS L 95 23.53 33.58 -16.86
C HIS L 95 24.35 34.73 -17.40
N ILE L 96 23.67 35.62 -18.11
CA ILE L 96 24.25 36.93 -18.43
C ILE L 96 23.98 37.88 -17.26
N VAL L 97 25.03 38.54 -16.77
CA VAL L 97 24.91 39.59 -15.76
C VAL L 97 24.22 40.75 -16.43
N ARG L 98 23.13 41.21 -15.85
CA ARG L 98 22.49 42.41 -16.38
C ARG L 98 23.02 43.69 -15.75
N GLY L 99 23.30 44.67 -16.62
CA GLY L 99 23.76 45.96 -16.21
C GLY L 99 25.25 46.03 -16.37
N VAL L 100 25.83 45.10 -17.12
CA VAL L 100 27.26 45.22 -17.45
C VAL L 100 27.46 45.15 -18.95
N TYR L 101 28.30 46.07 -19.46
CA TYR L 101 28.64 46.15 -20.89
C TYR L 101 27.44 46.56 -21.77
N ASP L 102 27.12 45.76 -22.77
CA ASP L 102 26.08 46.13 -23.73
C ASP L 102 24.73 45.56 -23.32
N ALA L 103 24.64 45.06 -22.09
CA ALA L 103 23.37 44.56 -21.60
C ALA L 103 22.77 45.60 -20.69
N ALA L 104 21.72 46.23 -21.17
CA ALA L 104 20.94 47.14 -20.34
C ALA L 104 20.53 46.48 -19.03
N GLY L 105 20.41 47.30 -17.99
CA GLY L 105 19.66 46.90 -16.81
C GLY L 105 18.18 46.74 -17.14
N VAL L 106 17.44 46.16 -16.21
CA VAL L 106 16.01 46.02 -16.42
C VAL L 106 15.32 47.33 -16.08
N LYS L 107 14.82 48.00 -17.12
CA LYS L 107 13.92 49.15 -17.02
C LYS L 107 12.70 48.84 -16.15
N ASP L 108 12.30 49.81 -15.33
CA ASP L 108 11.01 49.75 -14.60
C ASP L 108 10.97 48.68 -13.50
N ARG L 109 12.09 48.54 -12.80
CA ARG L 109 12.28 47.42 -11.88
C ARG L 109 12.31 47.96 -10.46
N LYS L 110 11.40 47.49 -9.61
CA LYS L 110 11.28 48.08 -8.29
C LYS L 110 11.87 47.25 -7.16
N LYS L 111 11.68 45.93 -7.27
CA LYS L 111 11.98 45.01 -6.18
C LYS L 111 13.42 44.41 -6.10
N SER L 112 13.71 43.30 -6.77
CA SER L 112 15.04 42.71 -6.51
C SER L 112 16.03 43.42 -7.39
N ARG L 113 16.25 44.70 -7.14
CA ARG L 113 16.80 45.57 -8.19
C ARG L 113 18.26 45.28 -8.49
N SER L 114 18.97 44.78 -7.49
CA SER L 114 20.43 44.58 -7.46
C SER L 114 20.90 43.53 -8.46
N LYS L 115 20.21 42.39 -8.50
CA LYS L 115 20.21 41.50 -9.67
C LYS L 115 19.38 42.22 -10.70
N TYR L 116 19.52 41.90 -11.97
CA TYR L 116 18.84 42.73 -13.03
C TYR L 116 19.51 44.09 -13.29
N GLY L 117 20.32 44.54 -12.32
CA GLY L 117 21.22 45.68 -12.47
C GLY L 117 20.54 47.01 -12.77
N THR L 118 19.72 47.51 -11.84
CA THR L 118 18.97 48.73 -12.07
C THR L 118 19.06 49.70 -10.90
N LYS L 119 19.48 50.92 -11.23
CA LYS L 119 19.78 51.95 -10.25
C LYS L 119 18.57 52.34 -9.41
N LYS L 120 18.83 52.82 -8.20
CA LYS L 120 17.81 53.33 -7.28
C LYS L 120 17.02 54.42 -7.98
N PRO L 121 15.71 54.20 -8.21
CA PRO L 121 14.97 55.24 -8.93
C PRO L 121 14.56 56.37 -7.99
N LYS L 122 14.17 57.49 -8.58
CA LYS L 122 13.69 58.64 -7.83
C LYS L 122 12.23 58.94 -8.18
N GLU L 123 11.35 58.89 -7.17
CA GLU L 123 9.90 59.19 -7.32
C GLU L 123 9.46 60.23 -6.27
N ALA L 124 8.80 59.78 -5.20
CA ALA L 124 8.73 60.57 -3.96
C ALA L 124 10.09 60.45 -3.25
N ALA L 125 10.93 59.56 -3.78
CA ALA L 125 12.31 59.34 -3.33
C ALA L 125 13.32 60.01 -4.28
N ALA M 1 -72.20 -4.24 -64.28
CA ALA M 1 -72.77 -3.42 -65.38
C ALA M 1 -72.50 -1.93 -65.17
N ARG M 2 -72.03 -1.29 -66.23
CA ARG M 2 -71.57 0.10 -66.23
C ARG M 2 -72.57 1.09 -65.64
N ILE M 3 -72.40 1.43 -64.36
CA ILE M 3 -73.08 2.60 -63.78
C ILE M 3 -72.30 3.81 -64.28
N ALA M 4 -71.55 4.42 -63.37
CA ALA M 4 -71.11 5.78 -63.54
C ALA M 4 -70.01 5.94 -64.59
N GLY M 5 -69.60 7.20 -64.76
CA GLY M 5 -68.52 7.62 -65.63
C GLY M 5 -68.31 6.59 -66.72
N VAL M 6 -67.21 5.85 -66.60
CA VAL M 6 -66.92 4.73 -67.49
C VAL M 6 -66.72 3.47 -66.63
N GLU M 7 -67.70 3.14 -65.79
CA GLU M 7 -67.42 2.23 -64.68
C GLU M 7 -68.15 0.91 -64.69
N ILE M 8 -67.42 -0.20 -64.67
CA ILE M 8 -68.06 -1.50 -64.52
C ILE M 8 -67.69 -2.17 -63.17
N PRO M 9 -68.49 -1.96 -62.08
CA PRO M 9 -68.18 -2.74 -60.84
C PRO M 9 -68.49 -4.20 -61.14
N ARG M 10 -68.08 -5.19 -60.35
CA ARG M 10 -68.54 -6.56 -60.75
C ARG M 10 -68.89 -7.53 -59.64
N ASN M 11 -69.49 -8.68 -59.98
CA ASN M 11 -69.48 -9.93 -59.15
C ASN M 11 -69.42 -9.89 -57.57
N LYS M 12 -69.11 -8.74 -56.98
CA LYS M 12 -69.21 -8.51 -55.53
C LYS M 12 -70.49 -7.74 -55.23
N ARG M 13 -71.02 -7.89 -54.01
CA ARG M 13 -72.06 -7.01 -53.45
C ARG M 13 -72.06 -5.55 -53.97
N VAL M 14 -73.23 -4.99 -54.28
CA VAL M 14 -73.35 -3.60 -54.82
C VAL M 14 -72.85 -2.44 -53.92
N ASP M 15 -73.02 -2.57 -52.61
CA ASP M 15 -72.46 -1.58 -51.68
C ASP M 15 -70.93 -1.49 -51.84
N VAL M 16 -70.29 -2.67 -51.85
CA VAL M 16 -68.86 -2.79 -52.09
C VAL M 16 -68.55 -2.34 -53.51
N ALA M 17 -69.36 -2.79 -54.45
CA ALA M 17 -69.12 -2.59 -55.85
C ALA M 17 -69.23 -1.11 -56.23
N LEU M 18 -70.27 -0.45 -55.78
CA LEU M 18 -70.45 0.97 -56.01
C LEU M 18 -69.18 1.75 -55.66
N THR M 19 -68.51 1.29 -54.60
CA THR M 19 -67.22 1.77 -54.11
C THR M 19 -66.16 2.03 -55.17
N TYR M 20 -66.08 1.10 -56.12
CA TYR M 20 -65.09 1.11 -57.18
C TYR M 20 -65.26 2.32 -58.06
N ILE M 21 -66.16 3.21 -57.66
CA ILE M 21 -66.31 4.53 -58.28
C ILE M 21 -65.58 5.63 -57.49
N TYR M 22 -65.05 6.58 -58.26
CA TYR M 22 -64.26 7.70 -57.73
C TYR M 22 -65.22 8.82 -57.36
N GLY M 23 -65.40 9.05 -56.07
CA GLY M 23 -66.45 9.96 -55.63
C GLY M 23 -67.56 9.19 -54.93
N ILE M 24 -67.46 7.86 -54.92
CA ILE M 24 -68.36 7.04 -54.12
C ILE M 24 -67.55 6.26 -53.13
N GLY M 25 -67.98 6.38 -51.87
CA GLY M 25 -67.40 5.65 -50.75
C GLY M 25 -68.45 4.81 -50.06
N LYS M 26 -68.08 4.19 -48.95
CA LYS M 26 -68.98 3.32 -48.17
C LYS M 26 -70.22 4.08 -47.74
N ALA M 27 -70.10 5.41 -47.67
CA ALA M 27 -71.21 6.26 -47.21
C ALA M 27 -72.19 6.62 -48.34
N ARG M 28 -71.67 7.13 -49.45
CA ARG M 28 -72.51 7.60 -50.57
C ARG M 28 -73.23 6.43 -51.24
N ALA M 29 -72.77 5.21 -50.97
CA ALA M 29 -73.30 4.05 -51.63
C ALA M 29 -74.30 3.39 -50.73
N LYS M 30 -74.07 3.48 -49.43
CA LYS M 30 -75.09 3.10 -48.47
C LYS M 30 -76.35 3.91 -48.84
N GLU M 31 -76.13 5.18 -49.20
CA GLU M 31 -77.21 6.12 -49.44
C GLU M 31 -77.97 5.75 -50.70
N ALA M 32 -77.26 5.72 -51.84
CA ALA M 32 -77.90 5.42 -53.12
C ALA M 32 -78.79 4.19 -53.03
N LEU M 33 -78.34 3.18 -52.29
CA LEU M 33 -79.06 1.92 -52.27
C LEU M 33 -80.39 2.02 -51.57
N GLU M 34 -80.51 2.99 -50.68
CA GLU M 34 -81.77 3.25 -50.00
C GLU M 34 -82.65 4.22 -50.79
N LYS M 35 -82.09 5.34 -51.26
CA LYS M 35 -82.86 6.31 -52.06
C LYS M 35 -83.37 5.75 -53.39
N THR M 36 -83.04 4.50 -53.70
CA THR M 36 -83.50 3.84 -54.94
C THR M 36 -84.00 2.45 -54.62
N GLY M 37 -83.96 2.09 -53.33
CA GLY M 37 -84.55 0.85 -52.84
C GLY M 37 -84.01 -0.46 -53.38
N ILE M 38 -82.68 -0.57 -53.46
CA ILE M 38 -82.03 -1.80 -53.90
C ILE M 38 -81.44 -2.50 -52.69
N ASN M 39 -81.80 -3.76 -52.47
CA ASN M 39 -81.16 -4.54 -51.40
C ASN M 39 -79.65 -4.51 -51.61
N PRO M 40 -78.89 -4.00 -50.61
CA PRO M 40 -77.49 -3.68 -50.86
C PRO M 40 -76.63 -4.94 -50.94
N ALA M 41 -77.11 -6.01 -50.28
CA ALA M 41 -76.51 -7.36 -50.30
C ALA M 41 -76.52 -8.02 -51.68
N THR M 42 -77.36 -7.55 -52.61
CA THR M 42 -77.49 -8.23 -53.89
C THR M 42 -76.17 -8.19 -54.66
N ARG M 43 -75.82 -9.32 -55.26
CA ARG M 43 -74.67 -9.35 -56.16
C ARG M 43 -74.96 -8.56 -57.44
N VAL M 44 -74.01 -7.77 -57.92
CA VAL M 44 -74.19 -7.12 -59.22
C VAL M 44 -74.60 -8.14 -60.34
N LYS M 45 -73.79 -9.19 -60.45
CA LYS M 45 -74.16 -10.40 -61.16
C LYS M 45 -75.69 -10.48 -61.33
N ASP M 46 -76.43 -10.49 -60.22
CA ASP M 46 -77.87 -10.65 -60.26
C ASP M 46 -78.64 -9.40 -59.85
N LEU M 47 -78.99 -8.56 -60.80
CA LEU M 47 -79.92 -7.48 -60.50
C LEU M 47 -80.54 -6.83 -61.72
N THR M 48 -81.84 -6.53 -61.63
CA THR M 48 -82.68 -5.96 -62.70
C THR M 48 -82.06 -4.81 -63.47
N GLU M 49 -82.31 -4.77 -64.79
CA GLU M 49 -81.97 -3.61 -65.59
C GLU M 49 -82.72 -2.43 -65.05
N ALA M 50 -83.93 -2.70 -64.57
CA ALA M 50 -84.73 -1.72 -63.84
C ALA M 50 -83.87 -1.02 -62.81
N GLU M 51 -83.46 -1.82 -61.80
CA GLU M 51 -82.57 -1.39 -60.73
C GLU M 51 -81.32 -0.68 -61.22
N VAL M 52 -80.62 -1.31 -62.17
CA VAL M 52 -79.41 -0.73 -62.73
C VAL M 52 -79.63 0.66 -63.35
N VAL M 53 -80.84 0.95 -63.82
CA VAL M 53 -81.06 2.32 -64.30
C VAL M 53 -81.43 3.29 -63.18
N ARG M 54 -82.37 2.88 -62.32
CA ARG M 54 -82.68 3.60 -61.06
C ARG M 54 -81.39 4.05 -60.37
N LEU M 55 -80.38 3.17 -60.43
CA LEU M 55 -79.04 3.45 -59.94
C LEU M 55 -78.28 4.44 -60.83
N ARG M 56 -77.98 4.02 -62.05
CA ARG M 56 -77.41 4.90 -63.04
C ARG M 56 -77.94 6.31 -62.79
N GLU M 57 -79.27 6.45 -62.78
CA GLU M 57 -79.95 7.76 -62.66
C GLU M 57 -79.61 8.50 -61.38
N TYR M 58 -79.67 7.80 -60.26
CA TYR M 58 -79.49 8.46 -59.00
C TYR M 58 -78.08 8.92 -58.85
N VAL M 59 -77.16 8.05 -59.23
CA VAL M 59 -75.77 8.30 -58.99
C VAL M 59 -75.24 9.31 -60.00
N GLU M 60 -75.40 9.02 -61.29
CA GLU M 60 -74.85 9.94 -62.29
C GLU M 60 -75.39 11.36 -62.09
N ASN M 61 -76.52 11.48 -61.38
CA ASN M 61 -77.16 12.79 -61.15
C ASN M 61 -76.88 13.45 -59.81
N THR M 62 -77.14 12.75 -58.72
CA THR M 62 -77.06 13.36 -57.39
C THR M 62 -75.78 14.15 -57.10
N TRP M 63 -74.63 13.68 -57.59
CA TRP M 63 -73.34 14.29 -57.22
C TRP M 63 -72.22 14.15 -58.28
N LYS M 64 -71.31 15.13 -58.28
CA LYS M 64 -70.17 15.24 -59.22
C LYS M 64 -69.18 14.10 -59.04
N LEU M 65 -68.64 13.58 -60.15
CA LEU M 65 -68.00 12.27 -60.11
C LEU M 65 -66.74 12.01 -60.94
N GLU M 66 -66.00 11.02 -60.45
CA GLU M 66 -65.18 10.13 -61.28
C GLU M 66 -64.61 10.71 -62.57
N GLY M 67 -63.85 11.79 -62.49
CA GLY M 67 -63.22 12.23 -63.71
C GLY M 67 -63.48 13.68 -63.93
N GLU M 68 -64.75 14.06 -63.92
CA GLU M 68 -65.02 15.48 -63.89
C GLU M 68 -65.06 16.00 -62.44
N LEU M 69 -64.95 15.07 -61.48
CA LEU M 69 -64.63 15.34 -60.10
C LEU M 69 -63.14 15.61 -60.04
N ARG M 70 -62.40 14.54 -60.31
CA ARG M 70 -60.97 14.56 -60.59
C ARG M 70 -60.48 15.86 -61.26
N ALA M 71 -61.30 16.42 -62.14
CA ALA M 71 -60.92 17.61 -62.89
C ALA M 71 -61.04 18.86 -62.04
N GLU M 72 -62.05 18.86 -61.18
CA GLU M 72 -62.31 19.92 -60.22
C GLU M 72 -61.22 20.00 -59.17
N VAL M 73 -60.76 18.84 -58.71
CA VAL M 73 -59.62 18.73 -57.77
C VAL M 73 -58.36 19.28 -58.44
N ALA M 74 -58.02 18.75 -59.61
CA ALA M 74 -56.88 19.26 -60.38
C ALA M 74 -56.92 20.80 -60.48
N ALA M 75 -58.12 21.33 -60.72
CA ALA M 75 -58.27 22.76 -60.94
C ALA M 75 -58.51 23.58 -59.67
N ASN M 76 -58.93 22.95 -58.58
CA ASN M 76 -58.92 23.59 -57.26
C ASN M 76 -57.51 23.90 -56.77
N ILE M 77 -56.59 23.00 -57.08
CA ILE M 77 -55.21 23.09 -56.65
C ILE M 77 -54.45 24.07 -57.55
N LYS M 78 -54.59 23.95 -58.87
CA LYS M 78 -53.87 24.88 -59.74
C LYS M 78 -54.32 26.32 -59.46
N ARG M 79 -55.48 26.47 -58.83
CA ARG M 79 -55.96 27.79 -58.43
C ARG M 79 -55.42 28.17 -57.06
N LEU M 80 -55.18 27.18 -56.21
CA LEU M 80 -54.47 27.45 -54.95
C LEU M 80 -53.08 28.03 -55.20
N MET M 81 -52.55 27.81 -56.41
CA MET M 81 -51.41 28.55 -56.96
C MET M 81 -51.68 30.04 -57.18
N ASP M 82 -52.96 30.43 -57.33
CA ASP M 82 -53.42 31.80 -57.68
C ASP M 82 -52.35 32.83 -58.08
N ILE M 83 -52.36 33.98 -57.40
CA ILE M 83 -51.18 34.86 -57.27
C ILE M 83 -50.13 34.05 -56.51
N GLY M 84 -50.59 33.27 -55.54
CA GLY M 84 -49.79 32.20 -54.95
C GLY M 84 -49.84 32.20 -53.47
N CYS M 85 -50.89 31.62 -52.89
CA CYS M 85 -50.97 31.50 -51.45
C CYS M 85 -49.92 30.52 -50.87
N TYR M 86 -49.99 30.29 -49.55
CA TYR M 86 -49.07 29.38 -48.86
C TYR M 86 -49.26 27.97 -49.37
N ARG M 87 -50.36 27.35 -48.95
CA ARG M 87 -50.71 26.00 -49.40
C ARG M 87 -50.36 25.82 -50.88
N GLY M 88 -50.39 26.91 -51.65
CA GLY M 88 -49.94 26.91 -53.04
C GLY M 88 -48.51 26.46 -53.25
N LEU M 89 -47.55 27.39 -53.22
CA LEU M 89 -46.15 27.01 -53.07
C LEU M 89 -46.06 26.16 -51.80
N ARG M 90 -46.07 24.85 -51.99
CA ARG M 90 -46.22 23.85 -50.93
C ARG M 90 -46.77 22.63 -51.67
N HIS M 91 -47.87 22.84 -52.38
CA HIS M 91 -48.25 21.99 -53.50
C HIS M 91 -47.13 22.14 -54.54
N ARG M 92 -46.72 23.39 -54.84
CA ARG M 92 -45.61 23.67 -55.76
C ARG M 92 -44.42 22.83 -55.40
N ARG M 93 -44.12 22.75 -54.09
CA ARG M 93 -42.90 22.11 -53.62
C ARG M 93 -43.05 20.63 -53.33
N GLY M 94 -44.27 20.18 -53.16
CA GLY M 94 -44.53 18.76 -52.96
C GLY M 94 -44.30 18.33 -51.53
N LEU M 95 -44.61 19.24 -50.62
CA LEU M 95 -44.40 19.01 -49.20
C LEU M 95 -45.75 19.07 -48.52
N PRO M 96 -45.83 18.61 -47.26
CA PRO M 96 -47.11 18.55 -46.59
C PRO M 96 -47.80 19.89 -46.55
N VAL M 97 -49.10 19.84 -46.32
CA VAL M 97 -49.98 20.98 -46.57
C VAL M 97 -50.95 21.17 -45.40
N ARG M 98 -51.04 20.20 -44.49
CA ARG M 98 -51.91 20.34 -43.32
C ARG M 98 -51.04 20.52 -42.09
N GLY M 99 -49.95 21.28 -42.32
CA GLY M 99 -49.00 21.78 -41.31
C GLY M 99 -48.47 20.74 -40.35
N GLN M 100 -47.69 19.79 -40.85
CA GLN M 100 -47.09 18.79 -39.98
C GLN M 100 -45.60 18.98 -40.04
N ARG M 101 -44.87 18.18 -39.27
CA ARG M 101 -43.40 18.35 -39.18
C ARG M 101 -42.70 17.97 -40.49
N THR M 102 -41.47 18.41 -40.69
CA THR M 102 -40.74 17.90 -41.84
C THR M 102 -39.35 17.31 -41.52
N ARG M 103 -38.72 17.77 -40.45
CA ARG M 103 -37.54 17.12 -39.85
C ARG M 103 -37.53 15.59 -40.00
N THR M 104 -38.40 14.89 -39.27
CA THR M 104 -38.64 13.48 -39.56
C THR M 104 -39.82 13.42 -40.49
N ASN M 105 -40.22 12.19 -40.82
CA ASN M 105 -41.37 11.84 -41.68
C ASN M 105 -41.59 12.66 -42.97
N ALA M 106 -42.87 12.95 -43.25
CA ALA M 106 -43.33 13.54 -44.52
C ALA M 106 -43.02 12.64 -45.73
N ARG M 107 -42.96 11.33 -45.47
CA ARG M 107 -42.50 10.42 -46.50
C ARG M 107 -43.52 10.23 -47.60
N THR M 108 -44.80 10.20 -47.24
CA THR M 108 -45.85 10.09 -48.23
C THR M 108 -45.79 11.16 -49.29
N ARG M 109 -45.47 12.39 -48.90
CA ARG M 109 -45.47 13.49 -49.86
C ARG M 109 -44.17 13.63 -50.62
N LYS M 110 -43.11 13.02 -50.10
CA LYS M 110 -41.80 13.08 -50.76
C LYS M 110 -41.37 11.73 -51.37
N GLY M 111 -40.84 11.81 -52.59
CA GLY M 111 -40.32 10.62 -53.26
C GLY M 111 -39.34 9.79 -52.41
N PRO M 112 -39.76 8.57 -52.02
CA PRO M 112 -39.00 7.69 -51.15
C PRO M 112 -37.93 8.39 -50.29
N ARG M 113 -36.64 8.15 -50.51
CA ARG M 113 -35.55 8.75 -49.68
C ARG M 113 -34.25 9.18 -50.41
N LYS M 114 -34.18 10.42 -50.87
CA LYS M 114 -32.99 10.94 -51.58
C LYS M 114 -31.78 11.16 -50.63
N THR M 115 -31.10 10.10 -50.22
CA THR M 115 -30.00 10.15 -49.20
C THR M 115 -28.73 10.94 -49.59
N VAL M 116 -28.10 11.62 -48.62
CA VAL M 116 -26.85 12.41 -48.83
C VAL M 116 -25.66 12.00 -47.91
N ALA M 117 -24.70 12.91 -47.65
CA ALA M 117 -23.52 12.60 -46.83
C ALA M 117 -23.40 13.45 -45.55
N GLY M 118 -22.14 13.71 -45.12
CA GLY M 118 -21.85 14.66 -44.04
C GLY M 118 -21.36 14.04 -42.75
N LYS M 119 -20.93 14.90 -41.82
CA LYS M 119 -20.53 14.56 -40.42
C LYS M 119 -19.06 14.22 -40.17
N LYS M 120 -18.67 14.31 -38.88
CA LYS M 120 -17.36 13.92 -38.35
C LYS M 120 -17.24 14.33 -36.87
N ALA N 1 -34.41 37.37 -18.02
CA ALA N 1 -35.52 38.32 -17.74
C ALA N 1 -36.13 38.11 -16.31
N ARG N 2 -36.36 36.84 -15.90
CA ARG N 2 -37.15 36.44 -14.69
C ARG N 2 -37.17 37.44 -13.50
N LYS N 3 -37.85 38.57 -13.74
CA LYS N 3 -38.26 39.55 -12.72
C LYS N 3 -39.33 40.40 -13.34
N ALA N 4 -38.93 41.24 -14.30
CA ALA N 4 -39.91 41.97 -15.15
C ALA N 4 -41.02 41.03 -15.60
N LEU N 5 -40.77 39.75 -15.35
CA LEU N 5 -41.59 38.63 -15.73
C LEU N 5 -42.35 38.13 -14.52
N ILE N 6 -41.65 37.84 -13.42
CA ILE N 6 -42.39 37.42 -12.22
C ILE N 6 -43.46 38.48 -11.92
N GLU N 7 -43.11 39.74 -12.20
CA GLU N 7 -43.98 40.88 -12.03
C GLU N 7 -45.11 40.85 -13.04
N LYS N 8 -44.78 40.93 -14.33
CA LYS N 8 -45.80 40.88 -15.41
C LYS N 8 -46.90 39.79 -15.27
N ALA N 9 -46.56 38.65 -14.68
CA ALA N 9 -47.50 37.54 -14.46
C ALA N 9 -48.49 37.80 -13.34
N LYS N 10 -48.47 39.03 -12.83
CA LYS N 10 -49.34 39.45 -11.74
C LYS N 10 -50.42 40.41 -12.23
N ARG N 11 -50.06 41.30 -13.17
CA ARG N 11 -51.04 42.14 -13.90
C ARG N 11 -52.13 41.32 -14.60
N THR N 12 -53.41 41.53 -14.28
CA THR N 12 -54.50 40.94 -15.08
C THR N 12 -54.44 41.61 -16.47
N PRO N 13 -54.14 40.84 -17.54
CA PRO N 13 -53.76 41.47 -18.81
C PRO N 13 -54.94 41.63 -19.73
N LYS N 14 -54.74 42.37 -20.84
CA LYS N 14 -55.73 42.39 -21.94
C LYS N 14 -55.86 40.96 -22.52
N PHE N 15 -57.10 40.47 -22.69
CA PHE N 15 -57.41 39.05 -22.98
C PHE N 15 -56.90 38.03 -21.92
N LYS N 16 -57.80 37.23 -21.34
CA LYS N 16 -57.40 36.28 -20.28
C LYS N 16 -56.54 35.09 -20.77
N VAL N 17 -56.46 34.94 -22.09
CA VAL N 17 -55.61 33.90 -22.69
C VAL N 17 -54.18 34.03 -22.18
N ARG N 18 -53.74 35.28 -22.04
CA ARG N 18 -52.37 35.53 -21.62
C ARG N 18 -52.07 35.22 -20.13
N ALA N 19 -53.10 34.88 -19.36
CA ALA N 19 -52.96 34.57 -17.92
C ALA N 19 -52.22 33.28 -17.60
N TYR N 20 -50.93 33.34 -17.25
CA TYR N 20 -50.20 32.12 -16.80
C TYR N 20 -49.95 31.98 -15.32
N THR N 21 -49.63 30.76 -14.90
CA THR N 21 -49.20 30.49 -13.53
C THR N 21 -47.67 30.79 -13.28
N ARG N 22 -47.16 30.40 -12.08
CA ARG N 22 -45.81 30.74 -11.60
C ARG N 22 -45.53 30.28 -10.15
N CYS N 23 -44.52 29.41 -9.92
CA CYS N 23 -44.25 28.91 -8.54
C CYS N 23 -44.06 30.18 -7.72
N VAL N 24 -44.88 30.31 -6.67
CA VAL N 24 -44.95 31.54 -5.86
C VAL N 24 -43.68 31.83 -5.06
N ARG N 25 -42.97 30.77 -4.60
CA ARG N 25 -41.58 30.96 -4.10
C ARG N 25 -40.53 30.96 -5.18
N CYS N 26 -40.11 29.75 -5.55
CA CYS N 26 -39.14 29.45 -6.63
C CYS N 26 -39.70 30.01 -7.99
N GLY N 27 -39.56 31.33 -8.22
CA GLY N 27 -40.44 32.09 -9.14
C GLY N 27 -40.47 31.69 -10.60
N ARG N 28 -41.34 30.72 -10.95
CA ARG N 28 -41.12 29.81 -12.11
C ARG N 28 -42.32 29.30 -12.92
N ALA N 29 -42.21 29.42 -14.25
CA ALA N 29 -43.25 29.07 -15.27
C ALA N 29 -43.84 27.62 -15.36
N ARG N 30 -43.00 26.60 -15.52
CA ARG N 30 -43.46 25.23 -15.87
C ARG N 30 -43.73 24.31 -14.70
N SER N 31 -44.51 23.26 -14.94
CA SER N 31 -44.96 22.27 -13.92
C SER N 31 -45.50 22.86 -12.59
N VAL N 32 -46.37 23.87 -12.75
CA VAL N 32 -47.00 24.59 -11.65
C VAL N 32 -48.31 23.92 -11.25
N TYR N 33 -48.27 23.10 -10.20
CA TYR N 33 -49.46 22.42 -9.68
C TYR N 33 -50.47 23.42 -9.16
N ARG N 34 -51.69 23.44 -9.72
CA ARG N 34 -52.61 24.56 -9.48
C ARG N 34 -53.16 24.65 -8.04
N PHE N 35 -53.32 23.48 -7.41
CA PHE N 35 -53.74 23.34 -6.02
C PHE N 35 -52.75 23.88 -5.00
N PHE N 36 -51.68 24.56 -5.42
CA PHE N 36 -50.60 24.96 -4.51
C PHE N 36 -49.85 26.16 -5.01
N GLY N 37 -50.20 26.70 -6.19
CA GLY N 37 -49.37 27.75 -6.82
C GLY N 37 -47.87 27.47 -6.80
N LEU N 38 -47.52 26.17 -6.70
CA LEU N 38 -46.16 25.64 -6.46
C LEU N 38 -45.48 24.81 -7.60
N CYS N 39 -44.30 25.26 -8.04
CA CYS N 39 -43.38 24.52 -8.95
C CYS N 39 -42.94 23.17 -8.38
N ARG N 40 -43.21 22.08 -9.09
CA ARG N 40 -42.82 20.69 -8.64
C ARG N 40 -41.60 20.56 -7.74
N ILE N 41 -40.64 21.49 -7.83
CA ILE N 41 -39.45 21.45 -6.95
C ILE N 41 -39.71 22.14 -5.62
N CYS N 42 -39.95 23.48 -5.71
CA CYS N 42 -40.30 24.39 -4.58
C CYS N 42 -41.71 23.85 -4.26
N LEU N 43 -41.80 22.70 -3.56
CA LEU N 43 -43.03 21.90 -3.51
C LEU N 43 -42.72 20.54 -2.95
N ARG N 44 -41.81 19.83 -3.62
CA ARG N 44 -41.22 18.63 -3.04
C ARG N 44 -40.42 19.12 -1.81
N GLU N 45 -39.88 20.34 -1.93
CA GLU N 45 -39.16 21.00 -0.83
C GLU N 45 -40.04 21.16 0.41
N LEU N 46 -41.12 21.95 0.30
CA LEU N 46 -41.95 22.24 1.47
C LEU N 46 -42.59 20.98 2.01
N ALA N 47 -43.04 20.11 1.11
CA ALA N 47 -43.65 18.84 1.52
C ALA N 47 -42.78 18.07 2.48
N HIS N 48 -41.47 18.11 2.26
CA HIS N 48 -40.49 17.36 3.05
C HIS N 48 -40.37 17.90 4.46
N LYS N 49 -40.59 19.22 4.56
CA LYS N 49 -40.59 19.98 5.82
C LYS N 49 -41.90 19.82 6.58
N GLY N 50 -42.94 19.32 5.91
CA GLY N 50 -44.29 19.26 6.48
C GLY N 50 -45.03 20.60 6.48
N GLN N 51 -44.47 21.61 5.81
CA GLN N 51 -45.11 22.92 5.69
C GLN N 51 -46.29 22.97 4.70
N LEU N 52 -46.64 21.82 4.11
CA LEU N 52 -47.93 21.61 3.40
C LEU N 52 -48.68 20.47 4.10
N PRO N 53 -49.82 20.80 4.74
CA PRO N 53 -50.44 19.88 5.72
C PRO N 53 -51.22 18.78 5.06
N GLY N 54 -51.22 17.62 5.71
CA GLY N 54 -51.89 16.42 5.21
C GLY N 54 -51.11 15.74 4.10
N VAL N 55 -50.44 16.55 3.28
CA VAL N 55 -49.49 16.13 2.23
C VAL N 55 -48.40 15.17 2.79
N ARG N 56 -48.17 14.06 2.10
CA ARG N 56 -47.44 12.98 2.72
C ARG N 56 -46.65 12.06 1.73
N LYS N 57 -45.87 11.14 2.29
CA LYS N 57 -45.19 10.15 1.48
C LYS N 57 -46.16 9.06 1.08
N ALA N 58 -46.53 9.08 -0.19
CA ALA N 58 -47.41 8.08 -0.77
C ALA N 58 -46.70 6.74 -1.02
N SER N 59 -47.39 5.62 -0.83
CA SER N 59 -46.78 4.31 -0.94
C SER N 59 -47.83 3.20 -0.98
N TRP N 60 -47.85 2.41 -2.06
CA TRP N 60 -48.77 1.27 -2.19
C TRP N 60 -48.29 0.15 -3.14
N PRO O 1 47.75 -50.37 -9.98
CA PRO O 1 47.86 -49.40 -8.91
C PRO O 1 49.18 -49.48 -8.12
N ILE O 2 49.03 -49.54 -6.79
CA ILE O 2 50.13 -49.51 -5.85
C ILE O 2 49.75 -50.46 -4.72
N THR O 3 50.38 -51.63 -4.65
CA THR O 3 49.94 -52.67 -3.71
C THR O 3 50.51 -52.51 -2.31
N LYS O 4 49.85 -53.15 -1.35
CA LYS O 4 50.29 -53.14 0.03
C LYS O 4 51.79 -53.42 0.12
N GLU O 5 52.27 -54.46 -0.57
CA GLU O 5 53.72 -54.81 -0.52
C GLU O 5 54.58 -53.81 -1.27
N GLU O 6 54.01 -53.18 -2.29
CA GLU O 6 54.71 -52.10 -2.98
C GLU O 6 54.90 -50.91 -2.03
N LYS O 7 53.81 -50.47 -1.41
CA LYS O 7 53.86 -49.42 -0.40
C LYS O 7 54.86 -49.82 0.71
N GLN O 8 54.60 -50.98 1.33
CA GLN O 8 55.37 -51.45 2.49
C GLN O 8 56.84 -51.53 2.21
N LYS O 9 57.19 -51.99 1.02
CA LYS O 9 58.58 -51.93 0.56
C LYS O 9 59.14 -50.52 0.80
N VAL O 10 58.39 -49.53 0.34
CA VAL O 10 58.85 -48.15 0.27
C VAL O 10 58.85 -47.49 1.63
N ILE O 11 57.92 -47.91 2.47
CA ILE O 11 57.94 -47.42 3.82
C ILE O 11 59.23 -47.81 4.54
N GLN O 12 59.53 -49.11 4.53
CA GLN O 12 60.75 -49.68 5.14
C GLN O 12 61.98 -49.04 4.56
N GLU O 13 61.97 -48.92 3.24
CA GLU O 13 63.09 -48.34 2.53
C GLU O 13 63.46 -46.97 3.07
N PHE O 14 62.51 -46.28 3.71
CA PHE O 14 62.72 -44.87 4.09
C PHE O 14 62.58 -44.55 5.57
N ALA O 15 61.91 -45.45 6.29
CA ALA O 15 61.55 -45.17 7.67
C ALA O 15 62.79 -44.83 8.51
N ARG O 16 62.76 -43.68 9.19
CA ARG O 16 63.90 -43.23 10.01
C ARG O 16 64.34 -44.30 11.03
N PHE O 17 63.40 -45.10 11.49
CA PHE O 17 63.67 -46.22 12.39
C PHE O 17 62.59 -47.29 12.25
N PRO O 18 62.84 -48.51 12.77
CA PRO O 18 61.80 -49.54 12.74
C PRO O 18 60.44 -49.06 13.28
N GLY O 19 59.38 -49.24 12.50
CA GLY O 19 58.02 -48.88 12.90
C GLY O 19 57.63 -47.44 12.61
N ASP O 20 58.52 -46.69 11.99
CA ASP O 20 58.19 -45.33 11.56
C ASP O 20 57.34 -45.39 10.31
N THR O 21 56.13 -44.88 10.42
CA THR O 21 55.25 -44.80 9.26
C THR O 21 55.03 -43.35 8.81
N GLY O 22 55.22 -42.39 9.71
CA GLY O 22 54.82 -41.02 9.42
C GLY O 22 55.86 -39.92 9.44
N SER O 23 57.12 -40.25 9.21
CA SER O 23 58.14 -39.23 9.13
C SER O 23 57.98 -38.38 7.87
N THR O 24 58.60 -37.22 7.91
CA THR O 24 58.70 -36.40 6.74
C THR O 24 59.34 -37.11 5.55
N GLU O 25 60.34 -37.97 5.77
CA GLU O 25 60.92 -38.63 4.60
C GLU O 25 60.03 -39.73 4.07
N VAL O 26 59.31 -40.43 4.96
CA VAL O 26 58.42 -41.49 4.52
C VAL O 26 57.31 -40.90 3.64
N GLN O 27 56.60 -39.91 4.21
CA GLN O 27 55.68 -39.04 3.48
C GLN O 27 56.23 -38.62 2.12
N VAL O 28 57.34 -37.90 2.08
CA VAL O 28 57.83 -37.52 0.78
C VAL O 28 58.08 -38.69 -0.20
N ALA O 29 58.41 -39.87 0.30
CA ALA O 29 58.65 -41.01 -0.62
C ALA O 29 57.31 -41.55 -1.18
N LEU O 30 56.40 -41.87 -0.27
CA LEU O 30 55.04 -42.25 -0.64
C LEU O 30 54.39 -41.27 -1.65
N LEU O 31 54.52 -39.96 -1.42
CA LEU O 31 54.04 -38.98 -2.39
C LEU O 31 54.71 -39.19 -3.74
N THR O 32 55.99 -39.52 -3.74
CA THR O 32 56.73 -39.57 -5.00
C THR O 32 56.38 -40.76 -5.85
N LEU O 33 56.10 -41.87 -5.19
CA LEU O 33 55.55 -43.02 -5.87
C LEU O 33 54.31 -42.58 -6.62
N ARG O 34 53.33 -42.06 -5.86
CA ARG O 34 52.05 -41.61 -6.38
C ARG O 34 52.21 -40.68 -7.56
N ILE O 35 52.87 -39.54 -7.37
CA ILE O 35 53.21 -38.63 -8.46
C ILE O 35 53.77 -39.32 -9.68
N ASN O 36 54.70 -40.24 -9.46
CA ASN O 36 55.34 -40.87 -10.59
C ASN O 36 54.41 -41.77 -11.38
N ARG O 37 53.68 -42.62 -10.67
CA ARG O 37 52.59 -43.44 -11.25
C ARG O 37 51.54 -42.56 -11.94
N LEU O 38 51.16 -41.46 -11.29
CA LEU O 38 50.13 -40.58 -11.80
C LEU O 38 50.59 -39.85 -13.01
N SER O 39 51.87 -39.50 -13.02
CA SER O 39 52.45 -38.83 -14.17
C SER O 39 52.44 -39.70 -15.38
N GLU O 40 52.80 -40.97 -15.20
CA GLU O 40 52.79 -41.95 -16.28
C GLU O 40 51.40 -42.05 -16.94
N HIS O 41 50.38 -42.21 -16.10
CA HIS O 41 48.97 -42.26 -16.48
C HIS O 41 48.55 -41.10 -17.38
N LEU O 42 49.03 -39.90 -17.07
CA LEU O 42 48.59 -38.69 -17.73
C LEU O 42 49.28 -38.41 -19.04
N LYS O 43 50.44 -39.05 -19.25
CA LYS O 43 51.15 -38.86 -20.50
C LYS O 43 50.43 -39.70 -21.56
N VAL O 44 49.70 -40.72 -21.10
CA VAL O 44 48.91 -41.54 -22.01
C VAL O 44 47.48 -41.09 -22.08
N HIS O 45 46.95 -40.62 -20.96
CA HIS O 45 45.60 -40.09 -20.93
C HIS O 45 45.66 -38.58 -20.73
N LYS O 46 46.16 -37.88 -21.76
CA LYS O 46 46.30 -36.42 -21.74
C LYS O 46 44.98 -35.68 -21.40
N LYS O 47 43.84 -36.26 -21.75
CA LYS O 47 42.56 -35.63 -21.57
C LYS O 47 42.02 -35.60 -20.14
N ASP O 48 42.54 -36.47 -19.28
CA ASP O 48 41.94 -36.72 -17.97
C ASP O 48 42.34 -35.62 -17.03
N HIS O 49 41.73 -34.45 -17.18
CA HIS O 49 42.15 -33.30 -16.40
C HIS O 49 41.75 -33.42 -14.95
N HIS O 50 40.63 -34.08 -14.67
CA HIS O 50 40.19 -34.25 -13.28
C HIS O 50 41.25 -34.86 -12.40
N SER O 51 41.98 -35.84 -12.94
CA SER O 51 43.12 -36.44 -12.25
C SER O 51 44.28 -35.46 -12.17
N HIS O 52 44.58 -34.78 -13.25
CA HIS O 52 45.68 -33.83 -13.26
C HIS O 52 45.55 -32.82 -12.12
N ARG O 53 44.31 -32.59 -11.66
CA ARG O 53 44.12 -31.72 -10.51
C ARG O 53 44.62 -32.38 -9.24
N GLY O 54 44.35 -33.68 -9.09
CA GLY O 54 45.00 -34.47 -8.06
C GLY O 54 46.51 -34.25 -8.07
N LEU O 55 47.11 -34.34 -9.25
CA LEU O 55 48.55 -34.24 -9.39
C LEU O 55 49.12 -32.94 -8.85
N LEU O 56 48.57 -31.82 -9.30
CA LEU O 56 48.94 -30.47 -8.82
C LEU O 56 48.94 -30.34 -7.30
N MET O 57 47.97 -31.03 -6.69
CA MET O 57 47.80 -31.03 -5.28
C MET O 57 48.89 -31.85 -4.58
N MET O 58 49.18 -33.06 -5.07
CA MET O 58 50.22 -33.91 -4.49
C MET O 58 51.52 -33.17 -4.58
N VAL O 59 51.89 -32.77 -5.78
CA VAL O 59 53.08 -31.96 -5.97
C VAL O 59 53.18 -30.78 -5.00
N GLY O 60 52.06 -30.13 -4.74
CA GLY O 60 52.04 -29.05 -3.75
C GLY O 60 52.41 -29.58 -2.37
N GLN O 61 51.71 -30.64 -1.96
CA GLN O 61 51.92 -31.23 -0.66
C GLN O 61 53.36 -31.73 -0.52
N ARG O 62 53.93 -32.24 -1.61
CA ARG O 62 55.33 -32.59 -1.60
C ARG O 62 56.11 -31.31 -1.29
N ARG O 63 56.10 -30.34 -2.20
CA ARG O 63 56.96 -29.17 -2.06
C ARG O 63 56.90 -28.52 -0.69
N ARG O 64 55.73 -28.58 -0.07
CA ARG O 64 55.52 -28.01 1.22
C ARG O 64 56.33 -28.78 2.29
N LEU O 65 56.19 -30.11 2.32
CA LEU O 65 56.98 -30.98 3.21
C LEU O 65 58.46 -30.76 3.03
N LEU O 66 58.89 -30.65 1.78
CA LEU O 66 60.30 -30.50 1.54
C LEU O 66 60.77 -29.19 2.09
N ARG O 67 60.01 -28.12 1.87
CA ARG O 67 60.41 -26.84 2.43
C ARG O 67 60.59 -26.98 3.94
N TYR O 68 59.75 -27.80 4.57
CA TYR O 68 59.80 -27.98 6.01
C TYR O 68 61.10 -28.63 6.42
N LEU O 69 61.47 -29.70 5.74
CA LEU O 69 62.67 -30.45 6.08
C LEU O 69 63.89 -29.56 5.87
N GLN O 70 63.97 -28.99 4.68
CA GLN O 70 64.99 -28.05 4.27
C GLN O 70 65.30 -26.97 5.33
N ARG O 71 64.34 -26.72 6.20
CA ARG O 71 64.46 -25.65 7.16
C ARG O 71 64.82 -26.24 8.51
N GLU O 72 64.44 -27.49 8.74
CA GLU O 72 64.70 -28.14 10.01
C GLU O 72 66.01 -28.89 10.09
N ASP O 73 66.49 -29.34 8.93
CA ASP O 73 67.60 -30.28 8.90
C ASP O 73 68.18 -30.34 7.49
N PRO O 74 68.80 -29.25 7.02
CA PRO O 74 69.23 -29.10 5.61
C PRO O 74 69.99 -30.30 5.16
N GLU O 75 70.33 -31.12 6.15
CA GLU O 75 71.11 -32.31 5.92
C GLU O 75 70.26 -33.43 5.37
N ARG O 76 69.39 -34.01 6.19
CA ARG O 76 68.55 -35.08 5.67
C ARG O 76 67.64 -34.61 4.53
N TYR O 77 67.40 -33.30 4.50
CA TYR O 77 66.80 -32.70 3.32
C TYR O 77 67.65 -33.05 2.10
N ARG O 78 68.97 -32.85 2.19
CA ARG O 78 69.78 -33.19 1.04
C ARG O 78 69.82 -34.69 0.80
N ALA O 79 69.77 -35.50 1.86
CA ALA O 79 69.77 -36.97 1.74
C ALA O 79 68.62 -37.49 0.91
N LEU O 80 67.43 -36.98 1.22
CA LEU O 80 66.16 -37.35 0.58
C LEU O 80 66.09 -37.01 -0.92
N ILE O 81 66.51 -35.81 -1.32
CA ILE O 81 66.48 -35.51 -2.75
C ILE O 81 67.53 -36.31 -3.54
N GLU O 82 68.66 -36.67 -2.92
CA GLU O 82 69.68 -37.50 -3.61
C GLU O 82 69.02 -38.84 -3.87
N LYS O 83 68.47 -39.41 -2.80
CA LYS O 83 67.84 -40.70 -2.87
C LYS O 83 66.73 -40.70 -3.90
N LEU O 84 65.90 -39.65 -3.93
CA LEU O 84 64.73 -39.66 -4.80
C LEU O 84 65.02 -39.13 -6.18
N GLY O 85 65.95 -38.19 -6.28
CA GLY O 85 66.30 -37.56 -7.54
C GLY O 85 65.22 -36.62 -8.03
N ILE O 86 65.08 -35.48 -7.34
CA ILE O 86 64.04 -34.48 -7.66
C ILE O 86 64.46 -33.05 -7.35
N ARG O 87 63.45 -32.19 -7.13
CA ARG O 87 63.59 -30.76 -6.73
C ARG O 87 64.99 -30.15 -6.95
N GLY O 88 65.44 -30.14 -8.19
CA GLY O 88 66.72 -29.53 -8.54
C GLY O 88 67.64 -30.41 -9.37
N MET P 1 81.34 39.76 10.77
CA MET P 1 81.15 40.75 11.87
C MET P 1 79.67 40.71 12.24
N VAL P 2 79.40 40.15 13.42
CA VAL P 2 78.06 39.96 13.96
C VAL P 2 77.67 41.20 14.76
N LYS P 3 76.40 41.39 15.06
CA LYS P 3 76.03 42.66 15.65
C LYS P 3 74.99 42.61 16.74
N ILE P 4 75.14 43.46 17.74
CA ILE P 4 74.03 43.80 18.59
C ILE P 4 73.36 44.98 17.91
N ARG P 5 72.06 44.94 17.70
CA ARG P 5 71.39 46.05 16.99
C ARG P 5 69.90 46.01 17.19
N LEU P 6 69.25 47.02 16.65
CA LEU P 6 67.78 47.09 16.75
C LEU P 6 67.03 46.39 15.63
N ALA P 7 65.85 45.88 15.99
CA ALA P 7 65.02 45.08 15.12
C ALA P 7 63.61 45.55 15.37
N ARG P 8 62.94 45.98 14.31
CA ARG P 8 61.66 46.66 14.48
C ARG P 8 60.46 45.72 14.56
N PHE P 9 59.88 45.64 15.77
CA PHE P 9 58.53 45.07 16.00
C PHE P 9 57.50 46.18 16.36
N GLY P 10 56.35 45.81 16.88
CA GLY P 10 55.33 46.81 17.12
C GLY P 10 54.58 47.03 15.84
N SER P 11 53.97 48.21 15.70
CA SER P 11 53.16 48.56 14.54
C SER P 11 53.33 50.02 14.10
N LYS P 12 52.43 50.47 13.23
CA LYS P 12 52.63 51.76 12.59
C LYS P 12 52.42 52.91 13.55
N HIS P 13 53.44 53.76 13.65
CA HIS P 13 53.47 54.83 14.63
C HIS P 13 53.53 54.21 16.02
N ASN P 14 53.89 52.93 16.08
CA ASN P 14 53.96 52.21 17.35
C ASN P 14 55.25 51.37 17.41
N PRO P 15 56.40 52.04 17.33
CA PRO P 15 57.60 51.22 17.31
C PRO P 15 57.82 50.54 18.63
N HIS P 16 58.28 49.30 18.57
CA HIS P 16 58.94 48.64 19.68
C HIS P 16 60.09 47.87 19.09
N TYR P 17 61.27 48.14 19.57
CA TYR P 17 62.43 47.50 19.01
C TYR P 17 62.71 46.31 19.84
N ARG P 18 63.40 45.34 19.25
CA ARG P 18 63.97 44.23 19.99
C ARG P 18 65.47 44.35 19.88
N ILE P 19 66.18 44.12 20.96
CA ILE P 19 67.63 44.30 20.92
C ILE P 19 68.23 42.94 20.76
N VAL P 20 68.88 42.75 19.60
CA VAL P 20 69.21 41.41 19.10
C VAL P 20 70.64 41.30 18.59
N VAL P 21 71.25 40.13 18.82
CA VAL P 21 72.50 39.82 18.16
C VAL P 21 72.12 39.07 16.89
N THR P 22 72.85 39.33 15.81
CA THR P 22 72.53 38.88 14.45
C THR P 22 73.67 39.20 13.51
N ASP P 23 73.81 38.41 12.44
CA ASP P 23 74.82 38.70 11.41
C ASP P 23 74.50 40.03 10.72
N ALA P 24 75.56 40.82 10.51
CA ALA P 24 75.51 42.15 9.86
C ALA P 24 74.72 42.13 8.60
N ARG P 25 74.93 41.08 7.80
CA ARG P 25 74.37 40.94 6.46
C ARG P 25 72.89 40.60 6.45
N ARG P 26 72.33 40.28 7.61
CA ARG P 26 70.96 39.80 7.59
C ARG P 26 69.99 40.95 7.55
N LYS P 27 68.83 40.75 6.91
CA LYS P 27 67.81 41.81 6.92
C LYS P 27 67.47 42.35 8.33
N ARG P 28 66.84 43.53 8.40
CA ARG P 28 66.59 44.25 9.64
C ARG P 28 65.70 43.47 10.56
N ASP P 29 64.62 42.94 9.99
CA ASP P 29 63.60 42.33 10.79
C ASP P 29 63.66 40.81 10.66
N GLY P 30 64.79 40.29 10.22
CA GLY P 30 64.94 38.87 9.89
C GLY P 30 65.35 37.95 11.02
N LYS P 31 66.11 36.90 10.69
CA LYS P 31 66.41 35.85 11.66
C LYS P 31 67.56 36.29 12.50
N TYR P 32 67.38 36.34 13.80
CA TYR P 32 68.51 36.72 14.64
C TYR P 32 69.06 35.57 15.47
N ILE P 33 70.24 35.76 16.03
CA ILE P 33 70.89 34.71 16.80
C ILE P 33 70.40 34.62 18.24
N GLU P 34 70.03 35.75 18.84
CA GLU P 34 69.52 35.79 20.20
C GLU P 34 68.74 37.10 20.42
N LYS P 35 67.67 37.09 21.20
CA LYS P 35 67.15 38.37 21.68
C LYS P 35 67.94 38.59 22.94
N ILE P 36 68.33 39.82 23.21
CA ILE P 36 69.03 40.10 24.46
C ILE P 36 68.49 41.35 25.13
N GLY P 37 67.47 41.94 24.53
CA GLY P 37 66.77 43.02 25.23
C GLY P 37 65.56 43.51 24.49
N TYR P 38 64.99 44.61 24.96
CA TYR P 38 64.04 45.36 24.15
C TYR P 38 64.08 46.87 24.45
N TYR P 39 63.20 47.63 23.82
CA TYR P 39 63.27 49.05 23.90
C TYR P 39 62.07 49.65 23.23
N ASP P 40 61.36 50.46 24.01
CA ASP P 40 60.19 51.19 23.56
C ASP P 40 60.53 52.67 23.69
N PRO P 41 60.83 53.34 22.56
CA PRO P 41 61.31 54.73 22.56
C PRO P 41 60.29 55.72 23.12
N ARG P 42 59.01 55.39 23.00
CA ARG P 42 58.02 56.32 23.44
C ARG P 42 57.75 56.15 24.90
N LYS P 43 58.55 55.32 25.55
CA LYS P 43 58.44 55.08 26.99
C LYS P 43 56.97 54.97 27.48
N THR P 44 56.11 54.22 26.76
CA THR P 44 54.67 54.18 27.10
C THR P 44 54.32 53.38 28.37
N THR P 45 55.33 52.69 28.86
CA THR P 45 55.26 51.79 29.97
C THR P 45 56.49 52.13 30.84
N PRO P 46 56.40 51.91 32.18
CA PRO P 46 57.60 51.94 33.03
C PRO P 46 58.65 51.01 32.49
N ASP P 47 58.24 49.95 31.83
CA ASP P 47 59.17 48.92 31.45
C ASP P 47 59.80 49.14 30.09
N TRP P 48 60.33 50.34 29.83
CA TRP P 48 60.67 50.68 28.43
C TRP P 48 62.09 50.32 27.93
N LEU P 49 62.99 49.94 28.81
CA LEU P 49 64.24 49.40 28.34
C LEU P 49 64.59 48.27 29.26
N LYS P 50 65.21 47.22 28.72
CA LYS P 50 65.56 46.03 29.47
C LYS P 50 66.68 45.37 28.68
N VAL P 51 67.71 44.88 29.35
CA VAL P 51 68.85 44.26 28.64
C VAL P 51 69.45 43.12 29.43
N ASP P 52 69.63 41.97 28.82
CA ASP P 52 70.29 40.93 29.57
C ASP P 52 71.80 41.19 29.64
N VAL P 53 72.24 41.93 30.66
CA VAL P 53 73.63 42.42 30.64
C VAL P 53 74.71 41.31 30.71
N GLU P 54 74.42 40.20 31.38
CA GLU P 54 75.38 39.11 31.33
C GLU P 54 75.57 38.68 29.87
N ARG P 55 74.47 38.69 29.13
CA ARG P 55 74.45 38.21 27.74
C ARG P 55 75.10 39.18 26.77
N ALA P 56 74.70 40.44 26.89
CA ALA P 56 75.35 41.52 26.21
C ALA P 56 76.86 41.43 26.44
N ARG P 57 77.30 41.23 27.68
CA ARG P 57 78.74 41.13 27.90
C ARG P 57 79.39 39.93 27.16
N TYR P 58 78.73 38.77 27.14
CA TYR P 58 79.23 37.63 26.33
C TYR P 58 79.45 37.96 24.84
N TRP P 59 78.45 38.53 24.21
CA TRP P 59 78.54 38.74 22.80
C TRP P 59 79.62 39.75 22.45
N LEU P 60 79.76 40.76 23.31
CA LEU P 60 80.85 41.74 23.21
C LEU P 60 82.15 41.01 23.40
N SER P 61 82.21 40.17 24.43
CA SER P 61 83.36 39.32 24.62
C SER P 61 83.77 38.55 23.34
N VAL P 62 82.79 38.06 22.57
CA VAL P 62 83.14 37.37 21.31
C VAL P 62 83.13 38.26 20.06
N GLY P 63 82.86 39.54 20.28
CA GLY P 63 83.24 40.55 19.32
C GLY P 63 82.15 40.93 18.35
N ALA P 64 80.99 41.28 18.90
CA ALA P 64 79.88 41.76 18.09
C ALA P 64 79.85 43.28 18.19
N GLN P 65 79.74 43.99 17.08
CA GLN P 65 79.65 45.41 17.27
C GLN P 65 78.21 45.83 17.42
N PRO P 66 77.93 46.57 18.49
CA PRO P 66 76.64 47.25 18.60
C PRO P 66 76.56 48.39 17.61
N THR P 67 75.34 48.69 17.14
CA THR P 67 75.07 49.95 16.46
C THR P 67 75.48 51.03 17.44
N ASP P 68 75.66 52.26 16.94
CA ASP P 68 75.82 53.41 17.82
C ASP P 68 74.63 53.55 18.77
N THR P 69 73.44 53.54 18.22
CA THR P 69 72.28 53.69 19.08
C THR P 69 71.97 52.43 19.92
N ALA P 70 72.50 51.29 19.53
CA ALA P 70 72.31 50.09 20.35
C ALA P 70 73.17 50.24 21.57
N ARG P 71 74.39 50.74 21.37
CA ARG P 71 75.34 50.83 22.47
C ARG P 71 74.83 51.89 23.45
N ARG P 72 74.25 52.96 22.91
CA ARG P 72 73.60 53.95 23.75
C ARG P 72 72.70 53.25 24.79
N LEU P 73 71.73 52.47 24.30
CA LEU P 73 70.83 51.70 25.16
C LEU P 73 71.62 50.71 26.04
N LEU P 74 72.57 50.01 25.45
CA LEU P 74 73.38 49.13 26.24
C LEU P 74 74.02 49.81 27.45
N ARG P 75 74.72 50.93 27.22
CA ARG P 75 75.36 51.68 28.29
C ARG P 75 74.34 52.08 29.36
N GLN P 76 73.21 52.62 28.92
CA GLN P 76 72.16 53.05 29.82
C GLN P 76 71.74 51.94 30.79
N ALA P 77 71.80 50.69 30.36
CA ALA P 77 71.52 49.58 31.27
C ALA P 77 72.80 49.10 31.96
N GLY P 78 73.88 49.85 31.79
CA GLY P 78 75.15 49.61 32.49
C GLY P 78 75.93 48.39 32.07
N VAL P 79 76.08 48.20 30.76
CA VAL P 79 76.89 47.09 30.25
C VAL P 79 78.35 47.43 30.41
N PHE P 80 78.68 48.73 30.29
CA PHE P 80 80.09 49.14 30.22
C PHE P 80 80.61 49.66 31.55
N ARG P 81 79.70 50.22 32.35
CA ARG P 81 79.98 50.64 33.73
C ARG P 81 80.74 49.58 34.52
N GLN P 82 82.00 49.89 34.87
CA GLN P 82 82.81 48.97 35.69
C GLN P 82 83.12 49.53 37.10
N GLU P 83 83.97 48.81 37.83
CA GLU P 83 84.36 49.01 39.26
C GLU P 83 83.62 50.10 40.07
N PRO Q 1 75.45 10.94 15.80
CA PRO Q 1 76.35 9.78 15.68
C PRO Q 1 76.20 9.15 14.33
N LYS Q 2 77.31 8.84 13.68
CA LYS Q 2 77.21 8.16 12.38
C LYS Q 2 76.22 6.98 12.49
N LYS Q 3 75.23 6.97 11.59
CA LYS Q 3 74.19 5.95 11.62
C LYS Q 3 74.79 4.56 11.50
N VAL Q 4 74.29 3.63 12.32
CA VAL Q 4 74.65 2.20 12.17
C VAL Q 4 73.45 1.34 11.78
N LEU Q 5 73.60 0.57 10.72
CA LEU Q 5 72.46 -0.16 10.19
C LEU Q 5 72.89 -1.54 10.08
N THR Q 6 72.00 -2.48 10.35
CA THR Q 6 72.42 -3.86 10.18
C THR Q 6 71.59 -4.59 9.16
N GLY Q 7 72.25 -5.31 8.24
CA GLY Q 7 71.57 -5.99 7.13
C GLY Q 7 72.17 -7.29 6.64
N VAL Q 8 71.76 -7.74 5.44
CA VAL Q 8 72.25 -8.98 4.86
C VAL Q 8 72.92 -8.70 3.55
N VAL Q 9 74.07 -9.32 3.35
CA VAL Q 9 74.82 -9.18 2.11
C VAL Q 9 74.16 -10.02 1.01
N VAL Q 10 73.71 -9.37 -0.07
CA VAL Q 10 73.10 -10.09 -1.18
C VAL Q 10 73.85 -9.89 -2.47
N SER Q 11 75.06 -9.33 -2.42
CA SER Q 11 75.87 -9.29 -3.63
C SER Q 11 77.35 -9.01 -3.37
N ASP Q 12 78.23 -9.88 -3.90
CA ASP Q 12 79.70 -9.67 -3.85
C ASP Q 12 80.28 -9.58 -5.25
N LYS Q 13 79.37 -9.42 -6.20
CA LYS Q 13 79.69 -9.37 -7.63
C LYS Q 13 80.47 -8.11 -8.03
N MET Q 14 80.86 -7.30 -7.04
CA MET Q 14 81.63 -6.10 -7.32
C MET Q 14 82.88 -6.12 -6.48
N GLN Q 15 83.91 -5.51 -7.04
CA GLN Q 15 85.19 -5.44 -6.36
C GLN Q 15 85.15 -4.46 -5.16
N LYS Q 16 85.64 -4.92 -4.01
CA LYS Q 16 85.69 -4.13 -2.77
C LYS Q 16 84.32 -3.58 -2.31
N THR Q 17 83.24 -4.15 -2.85
CA THR Q 17 81.91 -3.68 -2.51
C THR Q 17 80.92 -4.83 -2.26
N VAL Q 18 79.95 -4.55 -1.37
CA VAL Q 18 78.84 -5.44 -1.06
C VAL Q 18 77.52 -4.68 -1.04
N THR Q 19 76.47 -5.34 -1.51
CA THR Q 19 75.12 -4.84 -1.42
C THR Q 19 74.50 -5.41 -0.15
N VAL Q 20 73.96 -4.55 0.69
CA VAL Q 20 73.39 -5.00 1.95
C VAL Q 20 71.92 -4.63 2.11
N LEU Q 21 71.09 -5.64 2.34
CA LEU Q 21 69.67 -5.42 2.46
C LEU Q 21 69.35 -5.18 3.90
N VAL Q 22 68.82 -3.99 4.21
CA VAL Q 22 68.48 -3.59 5.58
C VAL Q 22 66.97 -3.45 5.69
N GLU Q 23 66.36 -4.29 6.53
CA GLU Q 23 64.91 -4.25 6.69
C GLU Q 23 64.67 -3.29 7.82
N ARG Q 24 63.49 -2.69 7.81
CA ARG Q 24 63.12 -1.67 8.76
C ARG Q 24 61.67 -1.96 9.02
N GLN Q 25 61.18 -1.80 10.24
CA GLN Q 25 59.74 -1.96 10.42
C GLN Q 25 59.07 -1.02 11.41
N PHE Q 26 57.84 -0.65 11.09
CA PHE Q 26 57.12 0.38 11.80
C PHE Q 26 55.62 0.40 11.58
N PRO Q 27 54.92 1.10 12.48
CA PRO Q 27 53.50 1.39 12.44
C PRO Q 27 53.24 2.30 11.27
N HIS Q 28 52.20 1.99 10.52
CA HIS Q 28 51.86 2.71 9.31
C HIS Q 28 51.11 3.97 9.75
N PRO Q 29 51.53 5.15 9.26
CA PRO Q 29 50.99 6.40 9.78
C PRO Q 29 49.47 6.38 9.93
N LEU Q 30 48.73 5.95 8.92
CA LEU Q 30 47.26 6.02 9.03
C LEU Q 30 46.63 4.73 9.53
N TYR Q 31 47.11 3.61 8.99
CA TYR Q 31 46.38 2.37 9.19
C TYR Q 31 46.88 1.47 10.34
N GLY Q 32 47.92 1.91 11.03
CA GLY Q 32 48.32 1.28 12.28
C GLY Q 32 49.20 0.04 12.23
N LYS Q 33 48.77 -0.95 11.44
CA LYS Q 33 49.48 -2.22 11.33
C LYS Q 33 51.02 -1.97 11.22
N VAL Q 34 51.83 -2.79 11.90
CA VAL Q 34 53.28 -2.68 11.76
C VAL Q 34 53.65 -3.26 10.42
N ILE Q 35 54.27 -2.47 9.55
CA ILE Q 35 54.57 -2.92 8.19
C ILE Q 35 56.07 -2.99 8.01
N LYS Q 36 56.61 -3.94 7.25
CA LYS Q 36 58.06 -4.02 6.94
C LYS Q 36 58.41 -3.23 5.68
N ARG Q 37 59.68 -2.95 5.50
CA ARG Q 37 60.06 -2.15 4.38
C ARG Q 37 61.58 -2.20 4.40
N SER Q 38 62.18 -2.24 3.21
CA SER Q 38 63.63 -2.37 3.16
C SER Q 38 64.35 -1.54 2.08
N LYS Q 39 65.67 -1.57 2.18
CA LYS Q 39 66.58 -0.80 1.32
C LYS Q 39 67.94 -1.49 1.19
N LYS Q 40 68.43 -1.56 -0.03
CA LYS Q 40 69.79 -2.03 -0.27
C LYS Q 40 70.76 -0.88 -0.14
N TYR Q 41 71.89 -1.13 0.52
CA TYR Q 41 72.98 -0.17 0.58
C TYR Q 41 74.22 -0.79 -0.09
N LEU Q 42 75.00 0.01 -0.79
CA LEU Q 42 76.29 -0.46 -1.30
C LEU Q 42 77.32 -0.02 -0.30
N ALA Q 43 77.99 -0.99 0.29
CA ALA Q 43 78.92 -0.72 1.35
C ALA Q 43 80.37 -1.12 1.02
N HIS Q 44 81.31 -0.38 1.60
CA HIS Q 44 82.73 -0.54 1.31
C HIS Q 44 83.35 -1.72 2.05
N ASP Q 45 83.88 -2.65 1.27
CA ASP Q 45 84.56 -3.85 1.79
C ASP Q 45 85.92 -4.00 1.14
N PRO Q 46 86.93 -3.34 1.74
CA PRO Q 46 88.18 -3.06 1.05
C PRO Q 46 89.06 -4.32 0.94
N GLU Q 47 88.94 -5.24 1.90
CA GLU Q 47 89.66 -6.50 1.87
C GLU Q 47 88.76 -7.62 1.30
N GLU Q 48 88.05 -7.35 0.18
CA GLU Q 48 86.96 -8.24 -0.36
C GLU Q 48 86.62 -9.40 0.64
N LYS Q 49 86.24 -9.01 1.87
CA LYS Q 49 86.18 -9.88 3.05
C LYS Q 49 84.84 -10.54 3.33
N TYR Q 50 83.76 -9.75 3.41
CA TYR Q 50 82.44 -10.30 3.72
C TYR Q 50 81.79 -10.93 2.48
N LYS Q 51 81.08 -12.04 2.67
CA LYS Q 51 80.52 -12.74 1.51
C LYS Q 51 79.01 -12.98 1.58
N LEU Q 52 78.48 -13.38 0.41
CA LEU Q 52 77.06 -13.65 0.21
C LEU Q 52 76.46 -14.40 1.40
N GLY Q 53 75.55 -13.75 2.12
CA GLY Q 53 74.84 -14.40 3.22
C GLY Q 53 75.26 -14.01 4.62
N ASP Q 54 76.29 -13.17 4.72
CA ASP Q 54 76.70 -12.63 6.03
C ASP Q 54 75.75 -11.54 6.49
N VAL Q 55 75.48 -11.52 7.79
CA VAL Q 55 74.79 -10.38 8.36
C VAL Q 55 75.87 -9.45 8.90
N VAL Q 56 75.77 -8.17 8.54
CA VAL Q 56 76.79 -7.16 8.86
C VAL Q 56 76.21 -5.90 9.46
N GLU Q 57 77.01 -5.21 10.24
CA GLU Q 57 76.68 -3.84 10.50
C GLU Q 57 77.34 -2.93 9.44
N ILE Q 58 76.66 -1.82 9.15
CA ILE Q 58 76.93 -0.89 8.06
C ILE Q 58 77.03 0.46 8.79
N ILE Q 59 78.01 1.29 8.46
CA ILE Q 59 78.18 2.56 9.21
C ILE Q 59 78.30 3.78 8.31
N GLU Q 60 77.63 4.86 8.74
CA GLU Q 60 77.53 6.10 7.98
C GLU Q 60 78.91 6.64 7.73
N SER Q 61 79.25 6.90 6.47
CA SER Q 61 80.66 7.12 6.11
C SER Q 61 80.92 8.23 5.12
N ARG Q 62 82.10 8.84 5.24
CA ARG Q 62 82.64 9.76 4.24
C ARG Q 62 82.58 9.07 2.90
N PRO Q 63 82.07 9.75 1.87
CA PRO Q 63 81.81 9.07 0.58
C PRO Q 63 82.97 8.31 -0.11
N ILE Q 64 82.68 7.15 -0.70
CA ILE Q 64 83.64 6.36 -1.49
C ILE Q 64 83.35 6.40 -3.00
N SER Q 65 82.08 6.36 -3.40
CA SER Q 65 81.70 6.60 -4.78
C SER Q 65 80.39 7.35 -4.79
N LYS Q 66 79.85 7.60 -5.99
CA LYS Q 66 78.43 7.93 -6.14
C LYS Q 66 77.80 6.67 -5.68
N ARG Q 67 76.92 6.78 -4.71
CA ARG Q 67 76.27 5.63 -4.03
C ARG Q 67 76.97 4.73 -3.03
N LYS Q 68 78.29 4.54 -3.10
CA LYS Q 68 78.97 4.06 -1.89
C LYS Q 68 79.10 5.15 -0.80
N ARG Q 69 78.46 4.92 0.35
CA ARG Q 69 78.40 5.91 1.44
C ARG Q 69 78.35 5.25 2.80
N PHE Q 70 78.52 3.94 2.82
CA PHE Q 70 78.65 3.23 4.07
C PHE Q 70 79.83 2.27 4.00
N ARG Q 71 80.44 1.98 5.15
CA ARG Q 71 81.51 0.99 5.21
C ARG Q 71 81.06 -0.17 6.07
N VAL Q 72 81.60 -1.37 5.84
CA VAL Q 72 81.22 -2.55 6.65
C VAL Q 72 81.92 -2.59 8.03
N LEU Q 73 81.21 -2.10 9.04
CA LEU Q 73 81.64 -2.05 10.43
C LEU Q 73 82.11 -3.39 11.05
N ARG Q 74 81.30 -4.45 10.91
CA ARG Q 74 81.66 -5.81 11.40
C ARG Q 74 80.75 -6.88 10.87
N LEU Q 75 80.88 -8.08 11.44
CA LEU Q 75 80.03 -9.20 11.05
C LEU Q 75 79.22 -9.67 12.24
N VAL Q 76 77.94 -9.91 12.01
CA VAL Q 76 77.05 -10.32 13.09
C VAL Q 76 76.92 -11.84 13.09
N GLU Q 77 76.57 -12.41 11.94
CA GLU Q 77 76.55 -13.86 11.82
C GLU Q 77 76.66 -14.29 10.38
N SER Q 78 77.26 -15.46 10.19
CA SER Q 78 77.49 -16.00 8.86
C SER Q 78 76.32 -16.89 8.44
N GLY Q 79 76.28 -17.27 7.16
CA GLY Q 79 75.38 -18.36 6.74
C GLY Q 79 74.02 -18.00 6.15
N ARG Q 80 73.24 -17.20 6.88
CA ARG Q 80 71.88 -16.72 6.50
C ARG Q 80 71.43 -16.65 5.02
N MET Q 81 71.61 -17.75 4.30
CA MET Q 81 71.24 -17.85 2.88
C MET Q 81 69.73 -17.88 2.62
N ASP Q 82 68.94 -18.11 3.67
CA ASP Q 82 67.48 -18.03 3.61
C ASP Q 82 67.06 -16.61 3.23
N LEU Q 83 67.72 -15.64 3.86
CA LEU Q 83 67.46 -14.22 3.65
C LEU Q 83 67.85 -13.87 2.25
N VAL Q 84 68.99 -14.35 1.81
CA VAL Q 84 69.40 -14.13 0.43
C VAL Q 84 68.41 -14.79 -0.53
N GLU Q 85 67.98 -16.01 -0.16
CA GLU Q 85 66.99 -16.78 -0.91
C GLU Q 85 65.72 -15.97 -1.10
N LYS Q 86 65.20 -15.44 0.01
CA LYS Q 86 64.00 -14.58 0.01
C LYS Q 86 64.13 -13.47 -1.08
N TYR Q 87 65.20 -12.67 -0.99
CA TYR Q 87 65.50 -11.59 -1.93
C TYR Q 87 65.56 -12.07 -3.37
N LEU Q 88 66.22 -13.20 -3.60
CA LEU Q 88 66.43 -13.68 -4.96
C LEU Q 88 65.16 -14.09 -5.72
N ILE Q 89 64.30 -14.86 -5.03
CA ILE Q 89 63.01 -15.27 -5.56
C ILE Q 89 62.15 -14.05 -5.86
N ARG Q 90 62.01 -13.15 -4.85
CA ARG Q 90 61.29 -11.90 -5.01
C ARG Q 90 61.79 -11.23 -6.28
N ARG Q 91 63.11 -11.21 -6.46
CA ARG Q 91 63.70 -10.68 -7.68
C ARG Q 91 63.23 -11.43 -8.93
N GLN Q 92 63.13 -12.76 -8.89
CA GLN Q 92 62.72 -13.48 -10.11
C GLN Q 92 61.21 -13.47 -10.44
N ASN Q 93 60.38 -13.30 -9.41
CA ASN Q 93 58.96 -12.98 -9.60
C ASN Q 93 58.71 -11.91 -10.66
N TYR Q 94 59.70 -11.03 -10.81
CA TYR Q 94 59.59 -9.85 -11.61
C TYR Q 94 59.44 -10.18 -13.08
N GLU Q 95 60.06 -11.27 -13.56
CA GLU Q 95 59.86 -11.59 -14.97
C GLU Q 95 58.37 -11.89 -15.19
N SER Q 96 57.80 -12.62 -14.24
CA SER Q 96 56.45 -13.10 -14.35
C SER Q 96 55.47 -12.01 -14.01
N LEU Q 97 55.80 -10.78 -14.45
CA LEU Q 97 55.01 -9.57 -14.22
C LEU Q 97 54.94 -8.58 -15.40
N SER Q 98 55.49 -8.90 -16.57
CA SER Q 98 55.38 -7.90 -17.63
C SER Q 98 54.48 -8.34 -18.79
N LYS Q 99 55.00 -8.29 -20.02
CA LYS Q 99 54.36 -8.82 -21.26
C LYS Q 99 55.47 -9.11 -22.30
N LYS R 1 -0.85 -53.65 -1.73
CA LYS R 1 -0.10 -54.69 -2.51
C LYS R 1 0.62 -55.69 -1.56
N ALA R 2 1.66 -56.36 -2.07
CA ALA R 2 2.67 -57.06 -1.24
C ALA R 2 4.05 -56.44 -1.58
N LYS R 3 5.07 -56.68 -0.75
CA LYS R 3 6.44 -56.21 -1.06
C LYS R 3 7.30 -57.37 -1.50
N VAL R 4 7.89 -57.24 -2.68
CA VAL R 4 8.70 -58.28 -3.27
C VAL R 4 9.88 -58.80 -2.41
N LYS R 5 10.26 -58.08 -1.35
CA LYS R 5 11.30 -58.50 -0.40
C LYS R 5 10.68 -59.44 0.63
N ALA R 6 9.44 -59.13 1.02
CA ALA R 6 8.67 -59.91 1.97
C ALA R 6 8.29 -61.32 1.46
N THR R 7 8.60 -61.62 0.19
CA THR R 7 8.32 -62.94 -0.42
C THR R 7 9.52 -63.87 -0.45
N LEU R 8 10.64 -63.44 0.10
CA LEU R 8 11.83 -64.25 -0.04
C LEU R 8 12.66 -64.38 1.23
N GLY R 9 13.50 -65.40 1.25
CA GLY R 9 14.52 -65.57 2.27
C GLY R 9 15.81 -65.12 1.65
N GLU R 10 16.93 -65.41 2.31
CA GLU R 10 18.24 -64.92 1.86
C GLU R 10 18.45 -65.14 0.35
N PHE R 11 18.69 -64.05 -0.35
CA PHE R 11 19.12 -64.10 -1.75
C PHE R 11 20.21 -63.10 -2.01
N ASP R 12 21.20 -63.52 -2.77
CA ASP R 12 22.34 -62.72 -3.14
C ASP R 12 21.84 -61.83 -4.24
N LEU R 13 21.61 -60.56 -3.95
CA LEU R 13 21.16 -59.66 -5.01
C LEU R 13 22.30 -59.07 -5.85
N ARG R 14 23.35 -59.85 -5.98
CA ARG R 14 24.49 -59.51 -6.80
C ARG R 14 24.61 -60.65 -7.84
N ASP R 15 23.87 -61.73 -7.56
CA ASP R 15 23.76 -62.92 -8.40
C ASP R 15 22.86 -62.67 -9.60
N TYR R 16 23.52 -62.41 -10.74
CA TYR R 16 22.86 -61.95 -11.95
C TYR R 16 22.36 -63.10 -12.78
N ARG R 17 22.49 -64.32 -12.28
CA ARG R 17 22.01 -65.51 -12.98
C ARG R 17 20.71 -66.07 -12.40
N ASN R 18 20.43 -65.77 -11.12
CA ASN R 18 19.22 -66.27 -10.48
C ASN R 18 17.91 -65.68 -11.03
N VAL R 19 17.55 -66.08 -12.24
CA VAL R 19 16.39 -65.50 -12.94
C VAL R 19 15.06 -65.62 -12.17
N GLU R 20 14.99 -66.63 -11.30
CA GLU R 20 13.73 -66.98 -10.65
C GLU R 20 13.43 -65.94 -9.61
N VAL R 21 14.49 -65.48 -8.94
CA VAL R 21 14.38 -64.37 -7.99
C VAL R 21 14.38 -63.05 -8.75
N LEU R 22 15.49 -62.76 -9.44
CA LEU R 22 15.67 -61.55 -10.23
C LEU R 22 14.43 -61.15 -11.01
N LYS R 23 13.80 -62.13 -11.65
CA LYS R 23 12.59 -61.88 -12.43
C LYS R 23 11.44 -61.33 -11.57
N ARG R 24 11.33 -61.75 -10.31
CA ARG R 24 10.21 -61.25 -9.51
C ARG R 24 10.33 -59.74 -9.21
N PHE R 25 11.40 -59.13 -9.71
CA PHE R 25 11.61 -57.70 -9.50
C PHE R 25 11.25 -56.81 -10.69
N LEU R 26 10.73 -57.43 -11.75
CA LEU R 26 10.27 -56.67 -12.91
C LEU R 26 8.77 -56.58 -12.98
N SER R 27 8.29 -55.56 -13.67
CA SER R 27 6.89 -55.45 -13.93
C SER R 27 6.48 -56.46 -15.00
N GLU R 28 5.19 -56.47 -15.29
CA GLU R 28 4.58 -57.28 -16.32
C GLU R 28 4.97 -56.69 -17.67
N THR R 29 5.19 -55.38 -17.72
CA THR R 29 5.93 -54.79 -18.85
C THR R 29 7.46 -55.01 -18.79
N GLY R 30 7.92 -55.79 -17.79
CA GLY R 30 9.33 -56.18 -17.65
C GLY R 30 10.29 -55.06 -17.32
N LYS R 31 9.81 -54.04 -16.61
CA LYS R 31 10.60 -52.87 -16.21
C LYS R 31 10.95 -52.98 -14.73
N ILE R 32 12.18 -52.57 -14.36
CA ILE R 32 12.61 -52.59 -12.95
C ILE R 32 11.63 -51.85 -12.07
N LEU R 33 11.09 -52.57 -11.08
CA LEU R 33 10.06 -52.04 -10.21
C LEU R 33 10.61 -51.00 -9.25
N PRO R 34 9.78 -49.99 -8.91
CA PRO R 34 10.15 -48.95 -7.95
C PRO R 34 10.28 -49.54 -6.56
N ARG R 35 10.95 -48.82 -5.66
CA ARG R 35 11.14 -49.31 -4.30
C ARG R 35 9.82 -49.31 -3.52
N ARG R 36 8.94 -48.38 -3.88
CA ARG R 36 7.56 -48.41 -3.40
C ARG R 36 7.05 -49.86 -3.40
N ARG R 37 7.46 -50.63 -4.42
CA ARG R 37 6.94 -51.95 -4.66
C ARG R 37 7.92 -53.03 -4.28
N THR R 38 9.21 -52.80 -4.48
CA THR R 38 10.19 -53.83 -4.16
C THR R 38 10.41 -53.97 -2.66
N GLY R 39 10.17 -52.91 -1.91
CA GLY R 39 10.45 -52.93 -0.46
C GLY R 39 11.92 -53.08 -0.06
N LEU R 40 12.84 -52.88 -1.01
CA LEU R 40 14.25 -52.79 -0.70
C LEU R 40 14.65 -51.38 -0.25
N SER R 41 15.87 -51.28 0.29
CA SER R 41 16.46 -50.00 0.66
C SER R 41 17.17 -49.35 -0.54
N ALA R 42 17.57 -48.09 -0.36
CA ALA R 42 18.29 -47.37 -1.40
C ALA R 42 19.49 -48.21 -1.80
N LYS R 43 20.35 -48.51 -0.82
CA LYS R 43 21.60 -49.21 -1.11
C LYS R 43 21.35 -50.48 -1.90
N GLU R 44 20.36 -51.26 -1.47
CA GLU R 44 20.07 -52.55 -2.07
C GLU R 44 19.62 -52.38 -3.53
N GLN R 45 18.59 -51.54 -3.71
CA GLN R 45 18.01 -51.26 -5.03
C GLN R 45 19.05 -50.79 -6.04
N ARG R 46 20.05 -50.04 -5.56
CA ARG R 46 21.19 -49.65 -6.39
C ARG R 46 21.91 -50.88 -6.94
N ILE R 47 22.07 -51.92 -6.11
CA ILE R 47 22.83 -53.11 -6.54
C ILE R 47 21.97 -54.01 -7.40
N LEU R 48 20.67 -53.97 -7.15
CA LEU R 48 19.71 -54.74 -7.93
C LEU R 48 19.65 -54.24 -9.35
N ALA R 49 19.43 -52.95 -9.49
CA ALA R 49 19.34 -52.32 -10.81
C ALA R 49 20.56 -52.70 -11.63
N LYS R 50 21.72 -52.74 -10.97
CA LYS R 50 22.97 -53.12 -11.60
C LYS R 50 22.94 -54.60 -12.00
N THR R 51 22.46 -55.47 -11.13
CA THR R 51 22.51 -56.89 -11.51
C THR R 51 21.50 -57.28 -12.62
N ILE R 52 20.25 -56.85 -12.48
CA ILE R 52 19.21 -57.02 -13.53
C ILE R 52 19.67 -56.63 -14.94
N LYS R 53 20.33 -55.48 -15.03
CA LYS R 53 20.84 -55.00 -16.28
C LYS R 53 21.80 -56.02 -16.88
N ARG R 54 22.71 -56.53 -16.05
CA ARG R 54 23.62 -57.61 -16.45
C ARG R 54 22.87 -58.81 -17.01
N ALA R 55 21.88 -59.27 -16.25
CA ALA R 55 21.07 -60.41 -16.63
C ALA R 55 20.53 -60.14 -18.02
N ARG R 56 19.94 -58.96 -18.18
CA ARG R 56 19.43 -58.51 -19.45
C ARG R 56 20.42 -58.69 -20.61
N ILE R 57 21.62 -58.13 -20.48
CA ILE R 57 22.61 -58.20 -21.55
C ILE R 57 22.94 -59.66 -21.93
N LEU R 58 23.06 -60.49 -20.89
CA LEU R 58 23.16 -61.94 -21.03
C LEU R 58 21.98 -62.70 -21.69
N GLY R 59 20.84 -62.03 -21.88
CA GLY R 59 19.71 -62.68 -22.52
C GLY R 59 18.82 -63.39 -21.51
N LEU R 60 19.11 -63.28 -20.22
CA LEU R 60 18.35 -64.04 -19.24
C LEU R 60 17.16 -63.30 -18.69
N LEU R 61 17.04 -62.02 -18.99
CA LEU R 61 15.89 -61.20 -18.56
C LEU R 61 15.47 -60.27 -19.69
N PRO R 62 14.18 -59.92 -19.76
CA PRO R 62 13.65 -58.99 -20.77
C PRO R 62 14.08 -57.54 -20.60
N PHE R 63 14.12 -56.82 -21.70
CA PHE R 63 14.14 -55.37 -21.58
C PHE R 63 12.70 -54.81 -21.55
N THR R 64 11.79 -55.32 -22.41
CA THR R 64 10.33 -55.02 -22.34
C THR R 64 9.45 -56.18 -22.72
N GLU R 65 8.22 -56.09 -22.20
CA GLU R 65 7.11 -56.93 -22.63
C GLU R 65 5.97 -56.07 -23.13
N LYS R 66 5.07 -56.68 -23.89
CA LYS R 66 3.81 -56.04 -24.23
C LYS R 66 2.81 -56.24 -23.11
N LEU R 67 2.10 -55.16 -22.75
CA LEU R 67 1.08 -55.19 -21.68
C LEU R 67 -0.17 -56.00 -22.12
N VAL R 68 -0.57 -56.99 -21.31
CA VAL R 68 -1.70 -57.81 -21.74
C VAL R 68 -3.09 -57.40 -21.20
N ARG R 69 -3.93 -56.99 -22.17
CA ARG R 69 -5.39 -56.73 -22.09
C ARG R 69 -5.84 -55.25 -21.88
N LYS R 70 -5.22 -54.34 -22.66
CA LYS R 70 -5.29 -52.86 -22.48
C LYS R 70 -6.38 -52.07 -23.27
N SER S 1 -63.19 26.59 -38.18
CA SER S 1 -62.58 27.88 -38.64
C SER S 1 -63.54 29.11 -38.59
N LEU S 2 -64.45 29.11 -37.61
CA LEU S 2 -65.48 30.18 -37.38
C LEU S 2 -66.66 30.15 -38.38
N LYS S 3 -67.60 31.07 -38.22
CA LYS S 3 -68.79 31.26 -39.11
C LYS S 3 -69.71 32.32 -38.47
N LYS S 4 -69.07 33.15 -37.64
CA LYS S 4 -69.70 34.19 -36.82
C LYS S 4 -68.82 35.43 -36.89
N GLY S 5 -68.78 36.01 -38.08
CA GLY S 5 -67.82 37.06 -38.40
C GLY S 5 -66.68 36.42 -39.16
N VAL S 6 -65.72 37.24 -39.56
CA VAL S 6 -64.50 36.78 -40.23
C VAL S 6 -63.27 37.44 -39.57
N PHE S 7 -63.25 37.28 -38.24
CA PHE S 7 -62.35 37.93 -37.25
C PHE S 7 -61.22 38.93 -37.68
N VAL S 8 -61.47 39.60 -38.82
CA VAL S 8 -60.67 40.73 -39.40
C VAL S 8 -60.54 41.99 -38.49
N ASP S 9 -59.31 42.49 -38.41
CA ASP S 9 -58.91 43.55 -37.48
C ASP S 9 -59.51 44.92 -37.81
N ASP S 10 -60.03 45.56 -36.75
CA ASP S 10 -60.53 46.95 -36.75
C ASP S 10 -59.57 47.90 -37.47
N HIS S 11 -58.39 48.11 -36.85
CA HIS S 11 -57.35 49.01 -37.38
C HIS S 11 -57.11 48.96 -38.91
N LEU S 12 -57.33 47.79 -39.49
CA LEU S 12 -57.15 47.62 -40.91
C LEU S 12 -58.37 48.11 -41.68
N LEU S 13 -59.55 47.59 -41.31
CA LEU S 13 -60.81 47.95 -41.95
C LEU S 13 -61.04 49.47 -41.98
N GLU S 14 -61.10 50.05 -40.78
CA GLU S 14 -61.11 51.49 -40.57
C GLU S 14 -60.31 52.18 -41.68
N LYS S 15 -59.14 51.64 -41.96
CA LYS S 15 -58.20 52.20 -42.92
C LYS S 15 -58.57 51.91 -44.37
N VAL S 16 -59.36 50.86 -44.60
CA VAL S 16 -59.80 50.48 -45.95
C VAL S 16 -61.08 51.21 -46.33
N LEU S 17 -62.05 51.13 -45.42
CA LEU S 17 -63.34 51.82 -45.57
C LEU S 17 -63.14 53.33 -45.74
N GLU S 18 -62.22 53.91 -44.96
CA GLU S 18 -61.87 55.33 -45.09
C GLU S 18 -61.00 55.61 -46.31
N LEU S 19 -60.52 54.56 -46.96
CA LEU S 19 -59.80 54.69 -48.23
C LEU S 19 -60.85 54.50 -49.31
N ASN S 20 -62.01 53.97 -48.90
CA ASN S 20 -63.15 53.75 -49.80
C ASN S 20 -64.07 54.97 -49.90
N ALA S 21 -63.45 56.10 -50.21
CA ALA S 21 -64.10 57.34 -50.61
C ALA S 21 -63.00 58.01 -51.44
N LYS S 22 -62.82 57.46 -52.65
CA LYS S 22 -61.66 57.72 -53.55
C LYS S 22 -60.30 57.51 -52.85
N GLY S 23 -59.87 56.24 -52.80
CA GLY S 23 -58.62 55.87 -52.16
C GLY S 23 -57.89 54.69 -52.81
N GLU S 24 -56.69 55.00 -53.32
CA GLU S 24 -55.92 54.09 -54.17
C GLU S 24 -54.44 54.08 -53.74
N LYS S 25 -54.21 53.80 -52.45
CA LYS S 25 -52.90 53.92 -51.84
C LYS S 25 -52.18 52.57 -51.71
N ARG S 26 -50.87 52.61 -51.96
CA ARG S 26 -49.98 51.44 -51.89
C ARG S 26 -49.28 51.43 -50.54
N LEU S 27 -49.02 52.65 -50.07
CA LEU S 27 -48.32 52.95 -48.82
C LEU S 27 -48.92 52.20 -47.62
N ILE S 28 -49.96 51.39 -47.89
CA ILE S 28 -50.69 50.70 -46.84
C ILE S 28 -49.98 49.42 -46.36
N LYS S 29 -49.52 49.46 -45.10
CA LYS S 29 -48.68 48.43 -44.47
C LYS S 29 -49.34 47.92 -43.18
N THR S 30 -49.70 46.64 -43.13
CA THR S 30 -50.23 46.05 -41.88
C THR S 30 -49.30 45.09 -41.15
N TRP S 31 -49.75 44.71 -39.96
CA TRP S 31 -49.12 43.74 -39.07
C TRP S 31 -50.13 42.64 -38.73
N SER S 32 -51.39 42.86 -39.09
CA SER S 32 -52.45 41.89 -38.83
C SER S 32 -52.53 40.95 -40.01
N ARG S 33 -51.62 39.99 -40.03
CA ARG S 33 -51.65 38.93 -41.02
C ARG S 33 -52.74 37.95 -40.58
N ARG S 34 -53.21 38.13 -39.34
CA ARG S 34 -54.27 37.30 -38.75
C ARG S 34 -55.68 37.58 -39.29
N SER S 35 -55.84 38.70 -40.01
CA SER S 35 -57.15 39.18 -40.47
C SER S 35 -57.53 38.63 -41.84
N THR S 36 -58.82 38.24 -41.94
CA THR S 36 -59.42 37.62 -43.16
C THR S 36 -59.47 38.64 -44.27
N ILE S 37 -59.17 38.22 -45.50
CA ILE S 37 -59.41 39.06 -46.68
C ILE S 37 -60.90 39.12 -46.99
N VAL S 38 -61.44 40.34 -46.96
CA VAL S 38 -62.88 40.55 -46.82
C VAL S 38 -63.58 40.96 -48.12
N PRO S 39 -64.73 40.31 -48.40
CA PRO S 39 -65.57 40.42 -49.59
C PRO S 39 -65.44 41.74 -50.35
N GLU S 40 -64.52 41.74 -51.30
CA GLU S 40 -64.47 42.70 -52.41
C GLU S 40 -63.57 43.91 -52.17
N MET S 41 -63.11 44.16 -50.95
CA MET S 41 -62.19 45.30 -50.77
C MET S 41 -60.80 44.88 -51.26
N VAL S 42 -60.72 44.82 -52.59
CA VAL S 42 -59.66 44.19 -53.35
C VAL S 42 -58.73 45.24 -53.91
N GLY S 43 -58.80 45.47 -55.23
CA GLY S 43 -58.00 46.46 -55.97
C GLY S 43 -56.67 46.93 -55.38
N HIS S 44 -56.67 47.26 -54.07
CA HIS S 44 -55.50 47.79 -53.33
C HIS S 44 -54.33 46.81 -53.30
N THR S 45 -53.17 47.30 -52.87
CA THR S 45 -52.03 46.43 -52.54
C THR S 45 -51.62 46.70 -51.08
N ILE S 46 -51.59 45.63 -50.28
CA ILE S 46 -51.31 45.71 -48.82
C ILE S 46 -49.91 45.15 -48.49
N ALA S 47 -49.11 45.91 -47.73
CA ALA S 47 -47.78 45.43 -47.33
C ALA S 47 -47.91 44.67 -46.02
N VAL S 48 -47.79 43.35 -46.11
CA VAL S 48 -47.93 42.51 -44.94
C VAL S 48 -46.55 42.19 -44.36
N TYR S 49 -46.43 42.37 -43.04
CA TYR S 49 -45.22 42.04 -42.29
C TYR S 49 -45.06 40.52 -42.24
N ASN S 50 -43.85 40.04 -42.51
CA ASN S 50 -43.54 38.62 -42.37
C ASN S 50 -42.73 38.32 -41.10
N GLY S 51 -42.53 39.34 -40.28
CA GLY S 51 -41.67 39.25 -39.10
C GLY S 51 -40.35 39.98 -39.28
N LYS S 52 -39.92 40.09 -40.54
CA LYS S 52 -38.73 40.83 -40.90
C LYS S 52 -39.12 42.09 -41.70
N GLN S 53 -39.96 41.94 -42.72
CA GLN S 53 -40.52 43.11 -43.41
C GLN S 53 -41.95 42.96 -43.92
N HIS S 54 -42.49 44.08 -44.40
CA HIS S 54 -43.80 44.11 -45.05
C HIS S 54 -43.58 43.73 -46.49
N VAL S 55 -44.62 43.18 -47.12
CA VAL S 55 -44.51 42.77 -48.52
C VAL S 55 -45.63 43.28 -49.41
N PRO S 56 -45.24 43.96 -50.50
CA PRO S 56 -46.19 44.32 -51.54
C PRO S 56 -47.02 43.11 -52.04
N VAL S 57 -48.18 42.88 -51.44
CA VAL S 57 -49.10 41.88 -52.00
C VAL S 57 -50.33 42.52 -52.69
N TYR S 58 -50.42 42.34 -54.01
CA TYR S 58 -51.62 42.73 -54.77
C TYR S 58 -52.80 41.78 -54.47
N ILE S 59 -53.99 42.35 -54.31
CA ILE S 59 -55.16 41.56 -53.88
C ILE S 59 -56.31 41.49 -54.90
N THR S 60 -56.60 40.26 -55.33
CA THR S 60 -57.54 39.97 -56.42
C THR S 60 -58.76 39.22 -55.92
N GLU S 61 -59.74 39.07 -56.82
CA GLU S 61 -61.03 38.51 -56.46
C GLU S 61 -60.95 37.01 -56.14
N ASN S 62 -60.23 36.29 -56.99
CA ASN S 62 -60.05 34.85 -56.82
C ASN S 62 -59.48 34.49 -55.46
N MET S 63 -58.90 35.49 -54.76
CA MET S 63 -58.15 35.24 -53.51
C MET S 63 -58.74 35.82 -52.18
N VAL S 64 -60.03 36.11 -52.18
CA VAL S 64 -60.76 36.53 -50.97
C VAL S 64 -60.77 35.38 -49.96
N GLY S 65 -61.61 35.43 -48.92
CA GLY S 65 -61.67 34.36 -47.89
C GLY S 65 -60.37 33.96 -47.19
N HIS S 66 -59.22 34.08 -47.88
CA HIS S 66 -57.91 33.70 -47.32
C HIS S 66 -57.42 34.80 -46.37
N LYS S 67 -56.58 34.43 -45.39
CA LYS S 67 -55.89 35.42 -44.53
C LYS S 67 -54.74 36.11 -45.27
N LEU S 68 -54.27 37.24 -44.74
CA LEU S 68 -53.20 37.96 -45.39
C LEU S 68 -51.86 37.24 -45.27
N GLY S 69 -51.70 36.47 -44.18
CA GLY S 69 -50.45 35.79 -43.87
C GLY S 69 -50.06 34.75 -44.91
N GLU S 70 -51.08 34.12 -45.47
CA GLU S 70 -50.95 33.20 -46.59
C GLU S 70 -50.16 33.72 -47.79
N PHE S 71 -49.95 35.03 -47.88
CA PHE S 71 -49.35 35.60 -49.09
C PHE S 71 -47.98 36.17 -48.80
N ALA S 72 -47.64 36.16 -47.51
CA ALA S 72 -46.37 36.65 -46.98
C ALA S 72 -45.74 35.53 -46.20
N PRO S 73 -44.87 34.74 -46.86
CA PRO S 73 -44.29 33.53 -46.26
C PRO S 73 -43.21 33.88 -45.22
N THR S 74 -43.17 33.20 -44.08
CA THR S 74 -42.26 33.65 -43.02
C THR S 74 -40.80 33.12 -42.98
N ARG S 75 -40.48 32.06 -43.73
CA ARG S 75 -39.11 31.50 -43.66
C ARG S 75 -38.50 31.38 -45.03
N THR S 76 -37.18 31.14 -45.08
CA THR S 76 -36.42 31.26 -46.35
C THR S 76 -35.91 29.90 -47.02
N TYR S 77 -35.99 29.85 -48.37
CA TYR S 77 -35.76 28.68 -49.32
C TYR S 77 -36.41 27.31 -48.94
N ARG S 78 -37.62 27.22 -49.52
CA ARG S 78 -38.69 26.22 -49.27
C ARG S 78 -39.56 25.96 -50.55
N ARG T 1 72.97 55.87 -17.11
CA ARG T 1 73.46 54.66 -17.86
C ARG T 1 74.96 54.81 -18.08
N ASN T 2 75.73 54.51 -17.03
CA ASN T 2 77.15 54.86 -16.96
C ASN T 2 77.81 54.46 -15.62
N LEU T 3 77.72 53.19 -15.23
CA LEU T 3 78.18 52.82 -13.87
C LEU T 3 79.70 52.71 -13.74
N SER T 4 80.31 53.64 -13.01
CA SER T 4 81.76 53.80 -13.05
C SER T 4 82.57 52.66 -12.41
N ALA T 5 81.98 51.83 -11.53
CA ALA T 5 82.61 50.53 -11.19
C ALA T 5 82.42 49.39 -12.28
N LEU T 6 82.89 49.67 -13.49
CA LEU T 6 83.21 48.71 -14.55
C LEU T 6 84.73 48.91 -14.68
N LYS T 7 85.23 49.89 -13.93
CA LYS T 7 86.54 49.82 -13.31
C LYS T 7 86.86 48.43 -12.73
N ARG T 8 85.86 47.77 -12.15
CA ARG T 8 86.09 46.46 -11.55
C ARG T 8 86.45 45.51 -12.62
N HIS T 9 85.80 45.69 -13.76
CA HIS T 9 86.13 44.89 -14.90
C HIS T 9 87.56 45.13 -15.34
N ARG T 10 87.91 46.40 -15.56
CA ARG T 10 89.27 46.72 -15.96
C ARG T 10 90.31 46.04 -15.07
N GLN T 11 90.11 46.07 -13.75
CA GLN T 11 91.12 45.52 -12.89
C GLN T 11 91.07 44.00 -13.03
N SER T 12 89.86 43.46 -13.08
CA SER T 12 89.70 42.01 -13.09
C SER T 12 90.60 41.46 -14.19
N LEU T 13 90.55 42.10 -15.37
CA LEU T 13 91.36 41.73 -16.53
C LEU T 13 92.85 41.72 -16.24
N LYS T 14 93.32 42.78 -15.58
CA LYS T 14 94.73 42.88 -15.19
C LYS T 14 95.07 41.72 -14.26
N ARG T 15 94.19 41.49 -13.29
CA ARG T 15 94.46 40.43 -12.32
C ARG T 15 94.41 39.08 -13.03
N ARG T 16 93.41 38.88 -13.88
CA ARG T 16 93.30 37.64 -14.65
C ARG T 16 94.62 37.32 -15.27
N LEU T 17 95.18 38.32 -15.93
CA LEU T 17 96.45 38.21 -16.60
C LEU T 17 97.60 37.87 -15.63
N ARG T 18 97.64 38.52 -14.48
CA ARG T 18 98.79 38.30 -13.60
C ARG T 18 98.77 36.89 -13.08
N ASN T 19 97.56 36.34 -12.91
CA ASN T 19 97.35 35.02 -12.35
C ASN T 19 97.80 33.96 -13.31
N LYS T 20 97.04 33.88 -14.42
CA LYS T 20 97.34 33.11 -15.63
C LYS T 20 98.83 32.89 -15.73
N ALA T 21 99.54 34.00 -15.63
CA ALA T 21 100.97 34.09 -15.76
C ALA T 21 101.72 33.26 -14.70
N LYS T 22 101.38 33.47 -13.43
CA LYS T 22 102.11 32.82 -12.34
C LYS T 22 101.95 31.30 -12.47
N LYS T 23 100.70 30.90 -12.75
CA LYS T 23 100.26 29.52 -12.81
C LYS T 23 101.00 28.83 -13.91
N SER T 24 101.04 29.46 -15.09
CA SER T 24 101.79 28.92 -16.22
C SER T 24 103.22 28.52 -15.86
N ALA T 25 103.90 29.39 -15.13
CA ALA T 25 105.23 29.04 -14.66
C ALA T 25 105.17 27.77 -13.83
N ILE T 26 104.24 27.75 -12.89
CA ILE T 26 104.17 26.66 -11.95
C ILE T 26 104.07 25.33 -12.68
N LYS T 27 103.06 25.21 -13.56
CA LYS T 27 102.84 24.00 -14.39
C LYS T 27 104.13 23.64 -15.13
N THR T 28 104.56 24.51 -16.06
CA THR T 28 105.70 24.23 -16.95
C THR T 28 106.97 23.88 -16.16
N LEU T 29 107.11 24.43 -14.96
CA LEU T 29 108.26 24.06 -14.15
C LEU T 29 108.12 22.69 -13.49
N SER T 30 106.90 22.31 -13.12
CA SER T 30 106.67 21.03 -12.43
C SER T 30 106.86 19.92 -13.43
N LYS T 31 106.06 19.94 -14.50
CA LYS T 31 106.37 19.14 -15.68
C LYS T 31 107.88 18.90 -15.76
N LYS T 32 108.65 19.98 -15.91
CA LYS T 32 110.10 19.93 -16.09
C LYS T 32 110.78 19.04 -15.05
N ALA T 33 110.39 19.22 -13.79
CA ALA T 33 111.01 18.50 -12.68
C ALA T 33 110.71 17.00 -12.70
N ILE T 34 109.47 16.64 -13.00
CA ILE T 34 109.07 15.23 -12.91
C ILE T 34 109.55 14.49 -14.13
N GLN T 35 109.67 15.23 -15.22
CA GLN T 35 110.37 14.75 -16.42
C GLN T 35 111.84 14.43 -16.11
N LEU T 36 112.50 15.30 -15.37
CA LEU T 36 113.87 15.05 -15.00
C LEU T 36 114.05 13.90 -14.04
N ALA T 37 113.09 13.68 -13.15
CA ALA T 37 113.17 12.56 -12.21
C ALA T 37 112.89 11.25 -12.95
N GLN T 38 112.01 11.32 -13.95
CA GLN T 38 111.72 10.18 -14.78
C GLN T 38 112.97 9.70 -15.48
N GLU T 39 114.06 10.44 -15.32
CA GLU T 39 115.31 10.17 -16.02
C GLU T 39 116.44 10.04 -14.99
N GLY T 40 116.03 10.13 -13.72
CA GLY T 40 116.90 9.88 -12.57
C GLY T 40 117.98 10.91 -12.39
N LYS T 41 117.59 12.11 -11.96
CA LYS T 41 118.51 13.22 -11.86
C LYS T 41 118.53 13.76 -10.45
N ALA T 42 119.49 13.31 -9.65
CA ALA T 42 119.63 13.85 -8.31
C ALA T 42 119.61 15.39 -8.37
N GLU T 43 120.75 16.00 -8.69
CA GLU T 43 120.91 17.46 -8.66
C GLU T 43 119.75 18.16 -9.34
N GLU T 44 119.78 18.14 -10.67
CA GLU T 44 118.95 18.97 -11.53
C GLU T 44 117.45 18.85 -11.30
N ALA T 45 116.95 17.65 -11.01
CA ALA T 45 115.50 17.46 -10.88
C ALA T 45 114.97 18.00 -9.56
N LEU T 46 115.73 17.85 -8.49
CA LEU T 46 115.34 18.52 -7.26
C LEU T 46 115.55 20.03 -7.39
N LYS T 47 116.70 20.43 -7.95
CA LYS T 47 117.06 21.85 -8.10
C LYS T 47 115.86 22.60 -8.63
N ILE T 48 115.27 22.06 -9.69
CA ILE T 48 114.03 22.57 -10.23
C ILE T 48 112.78 22.41 -9.33
N MET T 49 112.59 21.23 -8.74
CA MET T 49 111.46 21.03 -7.85
C MET T 49 111.45 22.17 -6.86
N ARG T 50 112.65 22.42 -6.31
CA ARG T 50 112.87 23.34 -5.21
C ARG T 50 112.40 24.75 -5.61
N LYS T 51 112.59 25.08 -6.89
CA LYS T 51 112.14 26.33 -7.44
C LYS T 51 110.61 26.32 -7.54
N ALA T 52 110.07 25.26 -8.13
CA ALA T 52 108.63 25.13 -8.30
C ALA T 52 107.94 25.21 -6.95
N GLU T 53 108.43 24.47 -5.96
CA GLU T 53 107.87 24.54 -4.61
C GLU T 53 107.64 25.99 -4.24
N SER T 54 108.77 26.69 -4.17
CA SER T 54 108.85 28.13 -3.92
C SER T 54 107.84 28.95 -4.74
N LEU T 55 107.94 28.85 -6.07
CA LEU T 55 107.00 29.54 -6.95
C LEU T 55 105.51 29.34 -6.61
N ILE T 56 105.18 28.18 -6.06
CA ILE T 56 103.83 27.90 -5.64
C ILE T 56 103.53 28.64 -4.35
N ASP T 57 104.40 28.45 -3.37
CA ASP T 57 104.20 29.10 -2.10
C ASP T 57 103.95 30.59 -2.31
N LYS T 58 104.77 31.20 -3.17
CA LYS T 58 104.69 32.61 -3.50
C LYS T 58 103.31 32.93 -4.08
N ALA T 59 102.85 32.06 -4.96
CA ALA T 59 101.55 32.22 -5.57
C ALA T 59 100.46 32.28 -4.53
N ALA T 60 100.61 31.50 -3.46
CA ALA T 60 99.62 31.45 -2.40
C ALA T 60 99.70 32.65 -1.43
N LYS T 61 100.70 33.52 -1.64
CA LYS T 61 100.87 34.75 -0.82
C LYS T 61 99.68 35.67 -0.99
N GLY T 62 99.25 35.82 -2.23
CA GLY T 62 98.03 36.53 -2.52
C GLY T 62 96.98 35.67 -3.20
N SER T 63 96.15 36.34 -3.97
CA SER T 63 94.94 35.80 -4.54
C SER T 63 95.10 34.65 -5.55
N THR T 64 96.29 34.36 -6.07
CA THR T 64 96.38 33.48 -7.27
C THR T 64 95.90 32.08 -7.04
N LEU T 65 96.41 31.47 -6.00
CA LEU T 65 96.46 30.03 -5.94
C LEU T 65 96.29 29.76 -4.49
N HIS T 66 95.80 30.79 -3.83
CA HIS T 66 95.68 30.70 -2.40
C HIS T 66 95.33 29.31 -1.91
N LYS T 67 95.98 28.98 -0.79
CA LYS T 67 95.38 28.26 0.28
C LYS T 67 96.31 27.14 0.55
N ASN T 68 95.95 26.05 -0.11
CA ASN T 68 96.34 24.72 0.24
C ASN T 68 95.85 23.95 -0.97
N ALA T 69 95.40 24.72 -1.96
CA ALA T 69 95.61 24.32 -3.35
C ALA T 69 97.12 24.38 -3.59
N ALA T 70 97.73 25.36 -2.91
CA ALA T 70 99.17 25.43 -2.79
C ALA T 70 99.67 24.09 -2.31
N ALA T 71 99.23 23.76 -1.09
CA ALA T 71 99.69 22.59 -0.37
C ALA T 71 99.50 21.30 -1.17
N ARG T 72 98.36 21.22 -1.86
CA ARG T 72 98.05 20.10 -2.71
C ARG T 72 99.13 19.94 -3.76
N ARG T 73 99.34 21.01 -4.52
CA ARG T 73 100.37 21.00 -5.57
C ARG T 73 101.74 20.55 -5.07
N LYS T 74 102.19 21.11 -3.96
CA LYS T 74 103.46 20.73 -3.40
C LYS T 74 103.50 19.23 -3.13
N SER T 75 102.52 18.74 -2.38
CA SER T 75 102.41 17.30 -2.16
C SER T 75 102.47 16.49 -3.46
N ARG T 76 101.48 16.66 -4.32
CA ARG T 76 101.50 15.92 -5.55
C ARG T 76 102.90 15.92 -6.19
N LEU T 77 103.57 17.06 -6.16
CA LEU T 77 104.83 17.23 -6.86
C LEU T 77 105.93 16.48 -6.19
N MET T 78 106.05 16.64 -4.87
CA MET T 78 107.18 15.98 -4.20
C MET T 78 106.91 14.51 -3.89
N ARG T 79 105.67 14.07 -4.14
CA ARG T 79 105.48 12.65 -4.24
C ARG T 79 106.06 12.25 -5.59
N LYS T 80 105.34 12.60 -6.66
CA LYS T 80 105.77 12.31 -8.02
C LYS T 80 107.30 12.26 -8.20
N VAL T 81 107.98 13.31 -7.75
CA VAL T 81 109.43 13.42 -7.95
C VAL T 81 110.13 12.31 -7.21
N ARG T 82 109.87 12.23 -5.91
CA ARG T 82 110.48 11.22 -5.02
C ARG T 82 110.37 9.78 -5.54
N GLN T 83 109.13 9.38 -5.87
CA GLN T 83 108.84 8.04 -6.39
C GLN T 83 109.62 7.79 -7.65
N LEU T 84 109.45 8.67 -8.64
CA LEU T 84 110.20 8.56 -9.88
C LEU T 84 111.74 8.41 -9.74
N LEU T 85 112.31 8.98 -8.68
CA LEU T 85 113.74 8.88 -8.49
C LEU T 85 114.12 7.53 -7.94
N GLU T 86 113.34 7.01 -6.99
CA GLU T 86 113.62 5.66 -6.50
C GLU T 86 113.23 4.60 -7.54
N ALA T 87 112.27 4.91 -8.41
CA ALA T 87 111.93 4.03 -9.54
C ALA T 87 113.08 3.84 -10.53
N ALA T 88 114.04 4.76 -10.53
CA ALA T 88 115.39 4.47 -11.07
C ALA T 88 116.35 4.40 -9.87
N GLY T 89 117.66 4.42 -10.09
CA GLY T 89 118.59 4.48 -8.95
C GLY T 89 118.73 5.90 -8.43
N ALA T 90 119.93 6.23 -7.94
CA ALA T 90 120.37 7.60 -7.54
C ALA T 90 119.45 8.32 -6.55
N PRO T 91 120.05 8.81 -5.47
CA PRO T 91 119.15 9.32 -4.45
C PRO T 91 119.37 10.78 -4.03
N LEU T 92 120.62 11.19 -4.09
CA LEU T 92 121.12 12.09 -3.07
C LEU T 92 120.88 13.55 -3.39
N ILE T 93 121.83 14.12 -4.11
CA ILE T 93 122.28 15.47 -3.82
C ILE T 93 121.15 16.49 -3.63
N GLY T 94 121.23 17.21 -2.50
CA GLY T 94 120.55 18.49 -2.23
C GLY T 94 119.10 18.41 -1.79
N GLY T 95 118.34 19.42 -2.21
CA GLY T 95 116.90 19.26 -2.39
C GLY T 95 115.98 19.42 -1.20
N GLY T 96 114.69 19.52 -1.52
CA GLY T 96 113.65 19.78 -0.54
C GLY T 96 113.04 18.55 0.11
N LEU T 97 113.65 17.40 -0.10
CA LEU T 97 113.18 16.18 0.49
C LEU T 97 113.88 15.92 1.80
N SER T 98 113.12 15.47 2.81
CA SER T 98 113.69 14.86 4.00
C SER T 98 114.07 13.48 3.52
N ALA T 99 115.34 13.12 3.66
CA ALA T 99 115.74 11.76 3.37
C ALA T 99 115.55 10.92 4.64
N GLY U 1 -57.69 -0.42 -37.97
CA GLY U 1 -58.60 -0.27 -36.80
C GLY U 1 -58.38 1.07 -36.12
N LYS U 2 -57.66 1.05 -35.00
CA LYS U 2 -57.61 2.23 -34.13
C LYS U 2 -57.26 3.52 -34.90
N GLY U 3 -56.78 3.39 -36.12
CA GLY U 3 -56.29 4.55 -36.83
C GLY U 3 -57.37 5.25 -37.61
N ASP U 4 -58.51 4.56 -37.76
CA ASP U 4 -59.58 4.97 -38.70
C ASP U 4 -60.67 5.76 -38.02
N ARG U 5 -60.68 7.08 -38.26
CA ARG U 5 -61.66 7.97 -37.62
C ARG U 5 -63.09 7.41 -37.75
N ARG U 6 -63.38 6.80 -38.91
CA ARG U 6 -64.73 6.38 -39.29
C ARG U 6 -65.07 4.92 -38.94
N THR U 7 -64.45 4.42 -37.88
CA THR U 7 -64.83 3.16 -37.28
C THR U 7 -65.32 3.40 -35.84
N ARG U 8 -65.99 2.42 -35.24
CA ARG U 8 -66.27 2.46 -33.81
C ARG U 8 -64.93 2.59 -33.12
N ARG U 9 -64.06 1.61 -33.42
CA ARG U 9 -62.76 1.45 -32.79
C ARG U 9 -61.95 2.69 -32.90
N GLY U 10 -62.02 3.30 -34.09
CA GLY U 10 -61.36 4.57 -34.35
C GLY U 10 -61.80 5.58 -33.33
N LYS U 11 -63.12 5.74 -33.21
CA LYS U 11 -63.72 6.71 -32.29
C LYS U 11 -63.31 6.48 -30.85
N ILE U 12 -63.53 5.26 -30.35
CA ILE U 12 -63.09 4.95 -28.99
C ILE U 12 -61.68 5.46 -28.70
N TRP U 13 -60.72 4.89 -29.43
CA TRP U 13 -59.33 5.23 -29.33
C TRP U 13 -59.15 6.75 -29.30
N ARG U 14 -59.75 7.43 -30.27
CA ARG U 14 -59.64 8.86 -30.36
C ARG U 14 -60.32 9.68 -29.24
N GLY U 15 -61.01 9.00 -28.33
CA GLY U 15 -61.80 9.70 -27.31
C GLY U 15 -63.20 10.15 -27.78
N THR U 16 -63.27 10.73 -28.99
CA THR U 16 -64.52 11.22 -29.60
C THR U 16 -65.79 10.31 -29.76
N TYR U 17 -66.90 11.01 -30.01
CA TYR U 17 -68.13 10.42 -30.53
C TYR U 17 -68.55 11.06 -31.88
N GLY U 18 -69.53 10.44 -32.53
CA GLY U 18 -70.05 10.97 -33.78
C GLY U 18 -70.94 9.99 -34.49
N LYS U 19 -71.03 10.16 -35.81
CA LYS U 19 -71.82 9.27 -36.63
C LYS U 19 -71.40 7.81 -36.47
N TYR U 20 -70.09 7.56 -36.30
CA TYR U 20 -69.60 6.18 -36.31
C TYR U 20 -69.55 5.52 -34.95
N ARG U 21 -69.83 6.32 -33.93
CA ARG U 21 -70.10 5.84 -32.59
C ARG U 21 -70.87 6.95 -31.88
N PRO U 22 -72.19 6.74 -31.71
CA PRO U 22 -73.05 7.76 -31.18
C PRO U 22 -73.05 7.67 -29.65
N ARG U 23 -73.72 8.59 -28.97
CA ARG U 23 -73.87 8.48 -27.50
C ARG U 23 -75.24 7.93 -27.07
N LYS U 24 -75.67 6.86 -27.75
CA LYS U 24 -76.99 6.18 -27.57
C LYS U 24 -78.17 7.01 -28.09
N1 PSU V 1 -7.12 -3.41 -31.42
C2 PSU V 1 -7.04 -2.08 -31.88
N3 PSU V 1 -5.91 -1.58 -32.40
C4 PSU V 1 -4.83 -2.37 -32.46
C5 PSU V 1 -4.86 -3.82 -31.96
C6 PSU V 1 -6.07 -4.28 -31.42
O2 PSU V 1 -8.00 -1.25 -31.85
O4 PSU V 1 -3.79 -1.85 -32.92
C1' PSU V 1 -3.61 -4.63 -32.02
C2' PSU V 1 -2.65 -3.73 -31.30
O2' PSU V 1 -1.54 -3.54 -32.13
C3' PSU V 1 -2.27 -4.47 -30.03
C4' PSU V 1 -2.39 -6.00 -30.40
O3' PSU V 1 -1.07 -3.75 -29.54
O4' PSU V 1 -3.53 -5.88 -31.28
C5' PSU V 1 -2.61 -7.09 -29.28
O5' PSU V 1 -3.67 -8.11 -29.22
N1 PSU V 4 -5.20 13.46 -26.18
C2 PSU V 4 -5.41 14.80 -26.15
N3 PSU V 4 -4.48 15.68 -26.57
C4 PSU V 4 -3.30 15.27 -27.06
C5 PSU V 4 -3.05 13.83 -27.12
C6 PSU V 4 -4.05 12.98 -26.65
O2 PSU V 4 -6.49 15.22 -25.71
O4 PSU V 4 -2.44 16.09 -27.46
C1' PSU V 4 -1.75 13.37 -27.62
C2' PSU V 4 -0.92 13.17 -26.38
O2' PSU V 4 0.47 13.33 -26.71
C3' PSU V 4 -1.29 11.76 -25.94
C4' PSU V 4 -1.59 11.04 -27.23
O3' PSU V 4 -0.21 11.11 -25.35
O4' PSU V 4 -1.87 12.06 -28.17
C5' PSU V 4 -2.78 10.10 -27.18
O5' PSU V 4 -3.55 10.31 -26.02
P PSU V 4 -3.86 9.01 -25.09
OP1 PSU V 4 -2.60 8.70 -24.27
OP2 PSU V 4 -5.15 9.14 -24.30
MG MG X . 2.39 21.86 -18.54
MG MG Y . -22.57 20.91 -19.04
MG MG Z . -17.59 19.24 -15.79
MG MG AA . -20.16 18.57 -10.40
MG MG BA . -23.31 20.39 -6.89
MG MG CA . 10.37 14.79 -6.22
MG MG DA . 4.51 12.16 -4.77
MG MG EA . 11.27 3.91 -8.03
MG MG FA . 23.41 -6.85 -7.32
MG MG GA . 27.19 2.07 2.19
MG MG HA . 22.95 -1.67 10.15
MG MG IA . 21.83 7.46 4.15
MG MG JA . 19.14 11.72 1.57
C11 PAR KA . 10.90 13.40 -29.14
O11 PAR KA . 9.55 12.95 -28.96
C21 PAR KA . 11.37 14.13 -27.87
N21 PAR KA . 11.00 13.37 -26.68
C31 PAR KA . 10.81 15.51 -27.69
O31 PAR KA . 11.71 16.25 -26.80
C41 PAR KA . 10.63 16.25 -29.02
O41 PAR KA . 9.52 17.03 -28.81
C51 PAR KA . 10.20 15.34 -30.17
O51 PAR KA . 11.08 14.20 -30.30
C61 PAR KA . 10.12 16.18 -31.45
O61 PAR KA . 8.93 15.78 -32.15
C12 PAR KA . 7.41 9.51 -29.79
N12 PAR KA . 6.75 8.27 -30.22
C22 PAR KA . 6.87 10.76 -30.44
C32 PAR KA . 7.61 11.99 -29.81
N32 PAR KA . 7.21 13.28 -30.41
C42 PAR KA . 9.11 11.91 -29.85
C52 PAR KA . 9.62 10.52 -29.41
O52 PAR KA . 10.93 10.37 -29.88
C62 PAR KA . 8.85 9.43 -30.11
O62 PAR KA . 9.32 8.19 -29.62
C13 PAR KA . 11.95 9.93 -28.99
C23 PAR KA . 13.11 9.60 -29.84
O23 PAR KA . 12.88 8.26 -30.26
C33 PAR KA . 14.28 9.72 -28.88
O33 PAR KA . 14.30 8.69 -27.88
C43 PAR KA . 13.85 10.80 -27.99
O43 PAR KA . 12.45 11.01 -28.19
C53 PAR KA . 14.52 12.07 -28.38
O53 PAR KA . 13.97 12.93 -27.40
C14 PAR KA . 15.06 7.57 -28.20
C24 PAR KA . 14.20 6.42 -27.81
N24 PAR KA . 12.80 6.63 -28.21
C34 PAR KA . 14.38 6.35 -26.34
O34 PAR KA . 13.26 5.68 -25.70
C44 PAR KA . 15.67 5.65 -26.13
O44 PAR KA . 15.83 5.65 -24.73
C54 PAR KA . 16.74 6.48 -26.77
O54 PAR KA . 16.21 7.65 -27.35
C64 PAR KA . 17.44 7.35 -25.73
N64 PAR KA . 16.57 8.47 -25.29
MG MG LA . -0.63 7.09 -23.02
#